data_5ICR
#
_entry.id   5ICR
#
_cell.length_a   90.294
_cell.length_b   153.561
_cell.length_c   201.253
_cell.angle_alpha   90.00
_cell.angle_beta   90.00
_cell.angle_gamma   90.00
#
_symmetry.space_group_name_H-M   'P 21 21 21'
#
loop_
_entity.id
_entity.type
_entity.pdbx_description
1 polymer 'Acyl-CoA synthase'
2 non-polymer "5'-O-[(11-phenoxyundecanoyl)sulfamoyl]adenosine"
3 non-polymer 'SULFATE ION'
4 non-polymer 'CHLORIDE ION'
5 non-polymer GLYCEROL
6 water water
#
_entity_poly.entity_id   1
_entity_poly.type   'polypeptide(L)'
_entity_poly.pdbx_seq_one_letter_code
;MGSSHHHHHHSSGLVPRGSHMPFHNPFIKDGQIKFPDGSSIVAHVERWAKVRGDKLAYRFLDFSTERDGVPRDLTWAQFS
ARNRAVAARLQQVTQPGDRVAILCPQNLDYLVAFFGALYAGRIAVPLFDPSEPGHVGRLHAVLDNCHPSAILTTTEAAEG
VRKFFRTRPANQRPRVIAVDAVPDDVASTWVNPDEPDETTIAYLQYTSGSTRIPTGVQITHLNLATNVVQVIEALEGEEG
DRGLSWLPFFHDMGLITALLAPMIGHYFTFMTPAAFVRRPERWIRELARKEGDTGGTISVAPNFAFDHAAARGVPKPGSP
PLDLSNVKAVLNGSEPISAATVRRFNEAFGPFGFPPKAIKPSYGLAEATLFVSTTPSAEEPKIITVDRDQLNSGRIVEVD
ADSPKAVAQASAGKVGIAEWAVIVDAESATELPDGQVGEIWISGQNMGTGYWGKPEESVATFQNILKSRTNPSHAEGATD
DATWVRTGDYGAFYDGDLYITGRVKDLVIIDGRNHYPQDLEYSAQEASKAIRTGYVAAFSVPANQLPDEVFENAHSGIKR
DPDDTSEQLVIVAERAPGAHKLDIGPITDDIRAAIAVRHGVTVRDVLLTAAGAIPRTSSGKIGRRACRAAYLDGSLRAGK
VANDFPDATD
;
_entity_poly.pdbx_strand_id   A,B,C,D
#
# COMPACT_ATOMS: atom_id res chain seq x y z
N PHE A 27 -42.74 -38.12 10.29
CA PHE A 27 -41.75 -39.20 10.62
C PHE A 27 -42.07 -39.86 11.96
N ILE A 28 -41.63 -41.11 12.10
CA ILE A 28 -41.90 -41.90 13.31
C ILE A 28 -41.16 -41.44 14.57
N LYS A 29 -41.68 -41.88 15.71
CA LYS A 29 -41.11 -41.57 17.03
C LYS A 29 -40.77 -42.89 17.75
N ASP A 30 -39.66 -42.88 18.47
CA ASP A 30 -39.14 -44.03 19.23
C ASP A 30 -38.57 -43.47 20.54
N GLY A 31 -39.34 -42.57 21.17
CA GLY A 31 -38.92 -41.83 22.38
C GLY A 31 -38.52 -40.44 21.83
N GLN A 32 -37.76 -40.49 20.74
CA GLN A 32 -37.29 -39.31 20.03
C GLN A 32 -37.68 -39.42 18.56
N ILE A 33 -37.52 -38.31 17.85
CA ILE A 33 -37.82 -38.24 16.42
C ILE A 33 -36.65 -38.78 15.58
N LYS A 34 -36.93 -39.79 14.74
CA LYS A 34 -35.96 -40.38 13.82
C LYS A 34 -36.23 -39.90 12.39
N PHE A 35 -35.15 -39.72 11.62
CA PHE A 35 -35.28 -39.21 10.25
C PHE A 35 -35.00 -40.16 9.06
N PRO A 36 -33.72 -40.51 8.76
CA PRO A 36 -33.41 -41.34 7.56
C PRO A 36 -34.63 -42.05 6.96
N ASP A 37 -35.13 -41.68 5.78
CA ASP A 37 -34.64 -40.61 4.84
C ASP A 37 -34.32 -39.15 5.29
N GLY A 38 -33.04 -38.88 5.59
CA GLY A 38 -32.47 -37.57 5.98
C GLY A 38 -33.19 -36.48 6.77
N SER A 39 -32.40 -35.55 7.30
CA SER A 39 -32.88 -34.41 8.08
C SER A 39 -32.49 -33.10 7.40
N SER A 40 -32.05 -33.18 6.14
CA SER A 40 -31.60 -31.99 5.42
C SER A 40 -32.77 -31.26 4.82
N ILE A 41 -32.93 -29.99 5.17
CA ILE A 41 -34.02 -29.20 4.56
C ILE A 41 -33.75 -29.04 3.03
N VAL A 42 -32.48 -29.14 2.62
CA VAL A 42 -32.06 -29.01 1.22
C VAL A 42 -32.64 -30.13 0.37
N ALA A 43 -32.38 -31.37 0.75
CA ALA A 43 -32.89 -32.53 0.02
C ALA A 43 -34.42 -32.54 -0.05
N HIS A 44 -35.05 -32.16 1.07
N HIS A 44 -35.07 -32.20 1.07
CA HIS A 44 -36.50 -32.12 1.22
CA HIS A 44 -36.54 -32.17 1.13
C HIS A 44 -37.14 -31.04 0.35
C HIS A 44 -37.13 -31.06 0.28
N VAL A 45 -36.51 -29.87 0.27
CA VAL A 45 -37.01 -28.77 -0.56
C VAL A 45 -36.81 -29.14 -2.04
N GLU A 46 -35.64 -29.72 -2.35
CA GLU A 46 -35.38 -30.17 -3.71
C GLU A 46 -36.37 -31.21 -4.19
N ARG A 47 -36.79 -32.11 -3.30
CA ARG A 47 -37.79 -33.14 -3.67
C ARG A 47 -39.15 -32.50 -3.85
N TRP A 48 -39.57 -31.78 -2.82
N TRP A 48 -39.63 -31.80 -2.83
CA TRP A 48 -40.84 -31.04 -2.77
CA TRP A 48 -40.95 -31.18 -2.91
C TRP A 48 -40.98 -30.19 -4.05
C TRP A 48 -41.01 -30.19 -4.09
N ALA A 49 -39.85 -29.68 -4.52
CA ALA A 49 -39.78 -28.80 -5.69
C ALA A 49 -39.98 -29.52 -7.01
N LYS A 50 -39.35 -30.69 -7.20
CA LYS A 50 -39.54 -31.45 -8.47
C LYS A 50 -40.95 -32.00 -8.75
N VAL A 51 -41.80 -32.16 -7.73
CA VAL A 51 -43.17 -32.67 -7.94
C VAL A 51 -44.25 -31.58 -7.93
N ARG A 52 -43.89 -30.38 -7.54
CA ARG A 52 -44.82 -29.26 -7.48
C ARG A 52 -44.15 -28.04 -8.09
N GLY A 53 -43.35 -28.25 -9.11
CA GLY A 53 -42.62 -27.18 -9.77
C GLY A 53 -43.35 -25.88 -10.00
N ASP A 54 -44.48 -25.95 -10.70
CA ASP A 54 -45.27 -24.74 -10.98
C ASP A 54 -46.08 -24.20 -9.78
N LYS A 55 -46.27 -24.97 -8.71
CA LYS A 55 -47.02 -24.45 -7.54
C LYS A 55 -46.23 -23.34 -6.88
N LEU A 56 -46.94 -22.46 -6.23
CA LEU A 56 -46.35 -21.32 -5.58
C LEU A 56 -45.75 -21.75 -4.26
N ALA A 57 -44.60 -21.21 -3.91
CA ALA A 57 -43.91 -21.49 -2.64
C ALA A 57 -44.01 -20.28 -1.73
N TYR A 58 -43.70 -19.10 -2.27
CA TYR A 58 -43.73 -17.88 -1.49
C TYR A 58 -44.38 -16.73 -2.23
N ARG A 59 -45.09 -15.90 -1.47
CA ARG A 59 -45.66 -14.70 -1.97
C ARG A 59 -45.31 -13.58 -1.00
N PHE A 60 -44.61 -12.55 -1.50
CA PHE A 60 -44.29 -11.35 -0.73
C PHE A 60 -45.24 -10.22 -1.12
N LEU A 61 -45.95 -9.67 -0.13
CA LEU A 61 -46.84 -8.57 -0.37
C LEU A 61 -46.03 -7.32 -0.11
N ASP A 62 -45.68 -6.62 -1.19
CA ASP A 62 -44.85 -5.42 -1.13
C ASP A 62 -45.73 -4.18 -1.08
N PHE A 63 -45.68 -3.50 0.07
CA PHE A 63 -46.45 -2.29 0.30
C PHE A 63 -45.58 -1.03 0.26
N SER A 64 -44.39 -1.11 -0.33
CA SER A 64 -43.45 0.03 -0.34
C SER A 64 -43.89 1.20 -1.21
N THR A 65 -44.49 0.94 -2.38
CA THR A 65 -44.94 2.03 -3.29
C THR A 65 -46.48 2.10 -3.45
N GLU A 66 -47.17 0.97 -3.30
CA GLU A 66 -48.61 0.92 -3.44
C GLU A 66 -49.29 0.56 -2.12
N ARG A 67 -50.24 1.39 -1.72
CA ARG A 67 -50.99 1.20 -0.51
C ARG A 67 -51.69 -0.16 -0.41
N ASP A 68 -52.23 -0.66 -1.51
CA ASP A 68 -52.93 -1.97 -1.52
C ASP A 68 -52.01 -3.15 -1.78
N GLY A 69 -50.72 -2.89 -1.92
CA GLY A 69 -49.74 -3.93 -2.13
C GLY A 69 -49.57 -4.46 -3.52
N VAL A 70 -48.42 -5.04 -3.80
CA VAL A 70 -48.07 -5.64 -5.07
C VAL A 70 -47.50 -7.02 -4.72
N PRO A 71 -48.16 -8.11 -5.16
CA PRO A 71 -47.63 -9.42 -4.85
C PRO A 71 -46.41 -9.80 -5.67
N ARG A 72 -45.38 -10.34 -5.01
CA ARG A 72 -44.18 -10.82 -5.68
C ARG A 72 -44.15 -12.31 -5.36
N ASP A 73 -44.29 -13.12 -6.41
CA ASP A 73 -44.40 -14.55 -6.30
C ASP A 73 -43.16 -15.31 -6.66
N LEU A 74 -43.07 -16.50 -6.10
CA LEU A 74 -41.95 -17.38 -6.34
C LEU A 74 -42.46 -18.83 -6.32
N THR A 75 -42.34 -19.54 -7.43
CA THR A 75 -42.79 -20.92 -7.49
C THR A 75 -41.69 -21.78 -6.93
N TRP A 76 -42.01 -23.04 -6.67
CA TRP A 76 -41.02 -23.98 -6.16
C TRP A 76 -39.85 -24.17 -7.11
N ALA A 77 -40.14 -24.28 -8.41
CA ALA A 77 -39.08 -24.48 -9.40
C ALA A 77 -38.15 -23.25 -9.46
N GLN A 78 -38.72 -22.06 -9.32
CA GLN A 78 -37.93 -20.84 -9.36
C GLN A 78 -37.10 -20.75 -8.10
N PHE A 79 -37.70 -21.14 -6.99
CA PHE A 79 -37.04 -21.12 -5.70
C PHE A 79 -35.81 -22.04 -5.76
N SER A 80 -36.01 -23.27 -6.21
CA SER A 80 -34.91 -24.23 -6.34
C SER A 80 -33.79 -23.68 -7.23
N ALA A 81 -34.17 -23.16 -8.39
CA ALA A 81 -33.22 -22.64 -9.37
C ALA A 81 -32.34 -21.56 -8.76
N ARG A 82 -32.97 -20.63 -8.06
N ARG A 82 -32.99 -20.63 -8.04
CA ARG A 82 -32.22 -19.55 -7.41
CA ARG A 82 -32.29 -19.54 -7.37
C ARG A 82 -31.34 -20.06 -6.25
C ARG A 82 -31.38 -20.01 -6.23
N ASN A 83 -31.85 -20.97 -5.45
CA ASN A 83 -31.08 -21.52 -4.31
C ASN A 83 -29.83 -22.21 -4.81
N ARG A 84 -29.97 -23.00 -5.88
CA ARG A 84 -28.82 -23.69 -6.49
C ARG A 84 -27.82 -22.72 -7.14
N ALA A 85 -28.30 -21.65 -7.75
CA ALA A 85 -27.38 -20.68 -8.36
C ALA A 85 -26.57 -19.94 -7.28
N VAL A 86 -27.25 -19.44 -6.25
CA VAL A 86 -26.56 -18.72 -5.19
C VAL A 86 -25.58 -19.64 -4.48
N ALA A 87 -26.02 -20.90 -4.27
CA ALA A 87 -25.18 -21.89 -3.60
C ALA A 87 -23.91 -22.17 -4.40
N ALA A 88 -24.05 -22.38 -5.70
CA ALA A 88 -22.88 -22.63 -6.56
C ALA A 88 -21.89 -21.47 -6.45
N ARG A 89 -22.39 -20.23 -6.47
CA ARG A 89 -21.53 -19.05 -6.35
C ARG A 89 -20.80 -19.07 -5.00
N LEU A 90 -21.52 -19.40 -3.93
CA LEU A 90 -20.92 -19.47 -2.60
C LEU A 90 -19.81 -20.52 -2.52
N GLN A 91 -20.03 -21.67 -3.16
CA GLN A 91 -19.05 -22.74 -3.19
C GLN A 91 -17.75 -22.38 -3.94
N GLN A 92 -17.78 -21.32 -4.76
CA GLN A 92 -16.60 -20.89 -5.48
C GLN A 92 -15.77 -19.94 -4.64
N VAL A 93 -16.40 -19.20 -3.74
CA VAL A 93 -15.68 -18.20 -2.95
C VAL A 93 -15.66 -18.36 -1.42
N THR A 94 -16.17 -19.47 -0.89
CA THR A 94 -16.14 -19.71 0.55
C THR A 94 -15.78 -21.17 0.76
N GLN A 95 -15.28 -21.48 1.95
CA GLN A 95 -14.88 -22.85 2.33
C GLN A 95 -15.87 -23.44 3.33
N PRO A 96 -15.97 -24.78 3.39
CA PRO A 96 -16.82 -25.44 4.39
C PRO A 96 -16.48 -24.89 5.76
N GLY A 97 -17.50 -24.64 6.57
CA GLY A 97 -17.28 -24.07 7.90
C GLY A 97 -17.37 -22.54 7.98
N ASP A 98 -17.27 -21.84 6.84
CA ASP A 98 -17.39 -20.38 6.86
C ASP A 98 -18.82 -19.94 7.12
N ARG A 99 -18.93 -18.76 7.73
CA ARG A 99 -20.21 -18.16 7.96
C ARG A 99 -20.49 -17.25 6.76
N VAL A 100 -21.77 -17.11 6.45
CA VAL A 100 -22.26 -16.29 5.34
C VAL A 100 -23.42 -15.45 5.90
N ALA A 101 -23.18 -14.16 6.06
CA ALA A 101 -24.17 -13.28 6.65
C ALA A 101 -25.16 -12.75 5.63
N ILE A 102 -26.41 -12.66 6.05
CA ILE A 102 -27.46 -12.15 5.20
C ILE A 102 -27.86 -10.76 5.70
N LEU A 103 -27.42 -9.73 4.97
CA LEU A 103 -27.71 -8.31 5.25
C LEU A 103 -28.63 -7.86 4.16
N CYS A 104 -29.89 -8.15 4.34
CA CYS A 104 -30.85 -7.98 3.30
C CYS A 104 -32.21 -7.54 3.83
N PRO A 105 -32.98 -6.73 3.06
CA PRO A 105 -34.33 -6.40 3.55
C PRO A 105 -35.26 -7.63 3.52
N GLN A 106 -36.42 -7.48 4.14
CA GLN A 106 -37.41 -8.55 4.25
C GLN A 106 -38.10 -8.69 2.89
N ASN A 107 -37.72 -9.72 2.13
CA ASN A 107 -38.29 -9.96 0.79
C ASN A 107 -37.93 -11.36 0.29
N LEU A 108 -38.33 -11.71 -0.92
CA LEU A 108 -38.06 -13.03 -1.48
C LEU A 108 -36.57 -13.36 -1.49
N ASP A 109 -35.75 -12.37 -1.83
CA ASP A 109 -34.30 -12.53 -1.88
C ASP A 109 -33.67 -12.92 -0.52
N TYR A 110 -34.29 -12.49 0.57
CA TYR A 110 -33.78 -12.86 1.89
C TYR A 110 -33.86 -14.40 2.03
N LEU A 111 -35.00 -14.98 1.57
CA LEU A 111 -35.22 -16.42 1.65
C LEU A 111 -34.28 -17.15 0.70
N VAL A 112 -34.12 -16.62 -0.49
CA VAL A 112 -33.19 -17.19 -1.45
C VAL A 112 -31.76 -17.15 -0.87
N ALA A 113 -31.40 -16.05 -0.23
CA ALA A 113 -30.05 -15.92 0.34
C ALA A 113 -29.83 -16.94 1.44
N PHE A 114 -30.83 -17.11 2.31
CA PHE A 114 -30.76 -18.07 3.42
C PHE A 114 -30.69 -19.54 2.96
N PHE A 115 -31.65 -19.95 2.14
CA PHE A 115 -31.61 -21.30 1.59
C PHE A 115 -30.36 -21.51 0.72
N GLY A 116 -29.87 -20.46 0.06
CA GLY A 116 -28.67 -20.60 -0.76
C GLY A 116 -27.46 -21.02 0.09
N ALA A 117 -27.39 -20.44 1.30
CA ALA A 117 -26.34 -20.75 2.26
C ALA A 117 -26.43 -22.20 2.70
N LEU A 118 -27.64 -22.65 3.00
CA LEU A 118 -27.84 -24.03 3.39
C LEU A 118 -27.50 -24.95 2.22
N TYR A 119 -27.99 -24.63 1.02
CA TYR A 119 -27.68 -25.45 -0.16
C TYR A 119 -26.17 -25.53 -0.38
N ALA A 120 -25.47 -24.46 -0.08
CA ALA A 120 -24.01 -24.44 -0.31
C ALA A 120 -23.24 -25.19 0.73
N GLY A 121 -23.87 -25.53 1.83
CA GLY A 121 -23.15 -26.21 2.92
C GLY A 121 -22.32 -25.22 3.74
N ARG A 122 -22.84 -24.01 3.93
CA ARG A 122 -22.14 -22.97 4.70
C ARG A 122 -23.09 -22.52 5.80
N ILE A 123 -22.54 -21.93 6.85
CA ILE A 123 -23.31 -21.49 8.01
C ILE A 123 -23.92 -20.11 7.79
N ALA A 124 -25.22 -20.06 7.63
CA ALA A 124 -25.89 -18.80 7.42
C ALA A 124 -25.97 -18.03 8.71
N VAL A 125 -26.02 -16.70 8.59
CA VAL A 125 -26.20 -15.82 9.74
C VAL A 125 -27.26 -14.79 9.32
N PRO A 126 -28.52 -15.09 9.60
CA PRO A 126 -29.57 -14.18 9.18
C PRO A 126 -29.57 -12.92 9.97
N LEU A 127 -29.36 -11.79 9.30
CA LEU A 127 -29.31 -10.51 9.98
C LEU A 127 -30.28 -9.57 9.30
N PHE A 128 -29.88 -8.31 9.04
CA PHE A 128 -30.78 -7.31 8.47
C PHE A 128 -30.03 -6.27 7.58
N ASP A 129 -30.79 -5.46 6.89
CA ASP A 129 -30.21 -4.43 6.03
C ASP A 129 -29.71 -3.23 6.88
N PRO A 130 -28.38 -2.98 6.90
CA PRO A 130 -27.84 -1.89 7.72
C PRO A 130 -28.31 -0.49 7.33
N SER A 131 -28.94 -0.32 6.16
CA SER A 131 -29.44 1.00 5.79
C SER A 131 -30.85 1.23 6.38
N GLU A 132 -31.45 0.19 6.94
CA GLU A 132 -32.75 0.29 7.60
C GLU A 132 -32.48 0.46 9.09
N PRO A 133 -33.54 0.77 9.87
CA PRO A 133 -33.42 0.89 11.33
C PRO A 133 -32.77 -0.33 11.98
N GLY A 134 -31.83 -0.06 12.85
CA GLY A 134 -31.11 -1.14 13.55
C GLY A 134 -30.14 -0.56 14.55
N HIS A 135 -29.67 -1.44 15.43
CA HIS A 135 -28.71 -1.04 16.46
C HIS A 135 -27.35 -1.26 15.78
N VAL A 136 -26.75 -0.16 15.31
CA VAL A 136 -25.51 -0.22 14.57
C VAL A 136 -24.37 -0.84 15.40
N GLY A 137 -24.28 -0.49 16.67
CA GLY A 137 -23.24 -1.07 17.56
C GLY A 137 -23.38 -2.58 17.75
N ARG A 138 -24.60 -3.06 17.69
CA ARG A 138 -24.82 -4.49 17.86
C ARG A 138 -24.44 -5.21 16.56
N LEU A 139 -24.70 -4.57 15.41
CA LEU A 139 -24.30 -5.19 14.14
C LEU A 139 -22.77 -5.37 14.15
N HIS A 140 -22.05 -4.35 14.60
CA HIS A 140 -20.60 -4.46 14.73
C HIS A 140 -20.20 -5.60 15.69
N ALA A 141 -20.93 -5.73 16.79
CA ALA A 141 -20.64 -6.77 17.80
C ALA A 141 -20.93 -8.16 17.26
N VAL A 142 -22.01 -8.29 16.49
CA VAL A 142 -22.32 -9.58 15.90
C VAL A 142 -21.22 -9.99 14.93
N LEU A 143 -20.79 -9.05 14.09
CA LEU A 143 -19.77 -9.32 13.11
C LEU A 143 -18.43 -9.63 13.78
N ASP A 144 -18.17 -8.98 14.91
CA ASP A 144 -16.95 -9.24 15.72
C ASP A 144 -16.98 -10.64 16.33
N ASN A 145 -18.14 -11.30 16.36
CA ASN A 145 -18.22 -12.69 16.88
C ASN A 145 -18.23 -13.74 15.74
N CYS A 146 -18.99 -13.53 14.67
CA CYS A 146 -19.10 -14.56 13.63
C CYS A 146 -18.16 -14.47 12.43
N HIS A 147 -17.56 -13.29 12.20
CA HIS A 147 -16.55 -13.10 11.11
C HIS A 147 -16.89 -13.81 9.80
N PRO A 148 -17.99 -13.42 9.15
CA PRO A 148 -18.40 -14.08 7.92
C PRO A 148 -17.40 -13.93 6.78
N SER A 149 -17.37 -14.90 5.87
CA SER A 149 -16.49 -14.87 4.69
C SER A 149 -17.20 -14.28 3.49
N ALA A 150 -18.52 -14.16 3.58
CA ALA A 150 -19.28 -13.54 2.48
C ALA A 150 -20.52 -12.91 3.04
N ILE A 151 -21.04 -11.92 2.32
CA ILE A 151 -22.24 -11.22 2.70
C ILE A 151 -23.23 -11.39 1.57
N LEU A 152 -24.47 -11.78 1.89
CA LEU A 152 -25.52 -11.93 0.90
C LEU A 152 -26.51 -10.78 1.03
N THR A 153 -26.78 -10.11 -0.08
CA THR A 153 -27.69 -9.00 -0.07
C THR A 153 -28.36 -8.95 -1.45
N THR A 154 -28.95 -7.82 -1.80
CA THR A 154 -29.57 -7.63 -3.10
C THR A 154 -28.87 -6.45 -3.78
N THR A 155 -29.12 -6.35 -5.08
CA THR A 155 -28.59 -5.26 -5.88
C THR A 155 -28.99 -3.88 -5.32
N GLU A 156 -30.26 -3.74 -4.91
N GLU A 156 -30.26 -3.74 -4.91
CA GLU A 156 -30.76 -2.48 -4.36
CA GLU A 156 -30.79 -2.51 -4.34
C GLU A 156 -30.08 -2.13 -3.02
C GLU A 156 -30.15 -2.14 -3.00
N ALA A 157 -29.92 -3.13 -2.15
CA ALA A 157 -29.31 -2.89 -0.87
C ALA A 157 -27.76 -2.88 -0.86
N ALA A 158 -27.15 -3.33 -1.95
CA ALA A 158 -25.69 -3.48 -2.00
C ALA A 158 -24.81 -2.27 -1.62
N GLU A 159 -25.07 -1.12 -2.22
N GLU A 159 -25.05 -1.12 -2.23
CA GLU A 159 -24.26 0.07 -1.95
CA GLU A 159 -24.21 0.06 -1.95
C GLU A 159 -24.29 0.42 -0.46
C GLU A 159 -24.30 0.46 -0.48
N GLY A 160 -25.48 0.28 0.14
CA GLY A 160 -25.68 0.55 1.58
C GLY A 160 -24.86 -0.44 2.40
N VAL A 161 -24.83 -1.69 1.95
CA VAL A 161 -24.06 -2.71 2.63
C VAL A 161 -22.58 -2.36 2.56
N ARG A 162 -22.10 -2.03 1.37
CA ARG A 162 -20.70 -1.64 1.20
C ARG A 162 -20.33 -0.48 2.05
N LYS A 163 -21.18 0.54 2.07
CA LYS A 163 -20.91 1.73 2.87
C LYS A 163 -20.70 1.34 4.35
N PHE A 164 -21.54 0.45 4.85
CA PHE A 164 -21.40 -0.02 6.21
C PHE A 164 -20.06 -0.72 6.39
N PHE A 165 -19.64 -1.51 5.39
CA PHE A 165 -18.37 -2.21 5.58
C PHE A 165 -17.18 -1.29 5.52
N ARG A 166 -17.35 -0.10 4.95
CA ARG A 166 -16.26 0.88 4.96
C ARG A 166 -16.03 1.45 6.36
N THR A 167 -16.90 1.13 7.32
CA THR A 167 -16.68 1.56 8.74
C THR A 167 -16.04 0.43 9.56
N ARG A 168 -15.82 -0.73 8.94
CA ARG A 168 -15.19 -1.89 9.59
C ARG A 168 -13.70 -1.91 9.24
N PRO A 169 -12.88 -2.65 10.02
CA PRO A 169 -11.43 -2.72 9.73
C PRO A 169 -11.17 -3.24 8.30
N ALA A 170 -10.09 -2.78 7.69
CA ALA A 170 -9.69 -3.15 6.29
C ALA A 170 -9.65 -4.65 6.01
N ASN A 171 -9.24 -5.44 7.02
CA ASN A 171 -9.21 -6.90 6.86
C ASN A 171 -10.53 -7.57 7.17
N GLN A 172 -11.56 -6.79 7.50
CA GLN A 172 -12.85 -7.40 7.81
C GLN A 172 -13.95 -6.89 6.87
N ARG A 173 -13.68 -7.01 5.57
CA ARG A 173 -14.61 -6.60 4.55
C ARG A 173 -14.80 -7.72 3.57
N PRO A 174 -15.52 -8.77 3.98
CA PRO A 174 -15.72 -9.89 3.08
C PRO A 174 -16.54 -9.52 1.85
N ARG A 175 -16.39 -10.35 0.83
CA ARG A 175 -17.05 -10.18 -0.45
C ARG A 175 -18.58 -10.08 -0.30
N VAL A 176 -19.15 -9.15 -1.05
CA VAL A 176 -20.57 -8.86 -1.08
C VAL A 176 -21.17 -9.41 -2.37
N ILE A 177 -22.15 -10.30 -2.23
CA ILE A 177 -22.82 -10.93 -3.35
C ILE A 177 -24.28 -10.49 -3.39
N ALA A 178 -24.69 -9.96 -4.52
CA ALA A 178 -26.08 -9.53 -4.74
C ALA A 178 -26.79 -10.78 -5.25
N VAL A 179 -27.65 -11.39 -4.43
CA VAL A 179 -28.29 -12.65 -4.84
C VAL A 179 -29.18 -12.55 -6.07
N ASP A 180 -29.77 -11.40 -6.31
CA ASP A 180 -30.61 -11.24 -7.52
C ASP A 180 -29.84 -11.00 -8.82
N ALA A 181 -28.51 -10.92 -8.73
CA ALA A 181 -27.64 -10.73 -9.90
C ALA A 181 -26.84 -11.98 -10.27
N VAL A 182 -27.05 -13.10 -9.55
CA VAL A 182 -26.37 -14.36 -9.87
C VAL A 182 -27.25 -15.09 -10.92
N PRO A 183 -26.78 -15.19 -12.18
CA PRO A 183 -27.65 -15.85 -13.19
C PRO A 183 -27.99 -17.31 -12.87
N ASP A 184 -29.16 -17.76 -13.29
CA ASP A 184 -29.63 -19.13 -13.05
C ASP A 184 -28.64 -20.21 -13.52
N ASP A 185 -28.04 -20.02 -14.70
CA ASP A 185 -27.09 -21.03 -15.24
C ASP A 185 -25.89 -21.31 -14.33
N VAL A 186 -25.59 -20.42 -13.39
CA VAL A 186 -24.48 -20.65 -12.46
C VAL A 186 -24.75 -21.91 -11.62
N ALA A 187 -26.03 -22.31 -11.56
CA ALA A 187 -26.46 -23.51 -10.83
C ALA A 187 -25.88 -24.83 -11.34
N SER A 188 -25.48 -24.87 -12.61
CA SER A 188 -24.94 -26.12 -13.22
C SER A 188 -23.71 -26.68 -12.48
N THR A 189 -22.96 -25.80 -11.81
CA THR A 189 -21.76 -26.18 -11.04
C THR A 189 -22.05 -26.49 -9.56
N TRP A 190 -23.31 -26.41 -9.13
CA TRP A 190 -23.66 -26.68 -7.74
C TRP A 190 -23.41 -28.11 -7.34
N VAL A 191 -22.80 -28.30 -6.18
CA VAL A 191 -22.51 -29.63 -5.62
C VAL A 191 -23.29 -29.83 -4.30
N ASN A 192 -24.20 -30.81 -4.27
CA ASN A 192 -25.00 -31.08 -3.08
C ASN A 192 -24.01 -31.39 -1.97
N PRO A 193 -24.09 -30.64 -0.85
CA PRO A 193 -23.12 -30.90 0.21
C PRO A 193 -23.28 -32.25 0.85
N ASP A 194 -22.24 -32.65 1.57
CA ASP A 194 -22.23 -33.89 2.31
C ASP A 194 -23.45 -33.91 3.24
N GLU A 195 -24.06 -35.08 3.42
CA GLU A 195 -25.23 -35.20 4.27
C GLU A 195 -24.79 -34.82 5.71
N PRO A 196 -25.60 -34.02 6.43
CA PRO A 196 -25.19 -33.59 7.77
C PRO A 196 -25.31 -34.69 8.83
N ASP A 197 -24.48 -34.59 9.87
CA ASP A 197 -24.56 -35.54 10.98
C ASP A 197 -25.29 -34.77 12.08
N GLU A 198 -25.29 -35.26 13.32
CA GLU A 198 -26.00 -34.55 14.40
C GLU A 198 -25.32 -33.27 14.94
N THR A 199 -24.10 -32.99 14.53
CA THR A 199 -23.40 -31.81 15.01
C THR A 199 -23.31 -30.68 13.98
N THR A 200 -23.59 -30.99 12.72
CA THR A 200 -23.42 -30.04 11.64
C THR A 200 -24.31 -28.81 11.78
N ILE A 201 -23.68 -27.65 11.94
CA ILE A 201 -24.39 -26.40 12.12
C ILE A 201 -25.00 -25.87 10.81
N ALA A 202 -26.28 -25.52 10.84
CA ALA A 202 -26.98 -24.97 9.67
C ALA A 202 -26.89 -23.45 9.64
N TYR A 203 -27.19 -22.81 10.78
CA TYR A 203 -27.12 -21.37 10.89
C TYR A 203 -26.95 -20.92 12.35
N LEU A 204 -26.60 -19.64 12.53
CA LEU A 204 -26.45 -19.04 13.83
C LEU A 204 -27.60 -18.06 14.00
N GLN A 205 -28.32 -18.13 15.13
CA GLN A 205 -29.44 -17.22 15.41
C GLN A 205 -28.99 -16.23 16.47
N TYR A 206 -28.73 -14.98 16.10
CA TYR A 206 -28.35 -13.97 17.09
C TYR A 206 -29.57 -13.44 17.80
N THR A 207 -29.37 -13.26 19.11
CA THR A 207 -30.36 -12.78 20.05
C THR A 207 -29.67 -11.61 20.75
N SER A 208 -30.37 -10.52 21.05
CA SER A 208 -31.80 -10.32 20.84
C SER A 208 -32.08 -9.59 19.51
N ARG A 212 -25.91 -7.85 22.64
CA ARG A 212 -25.15 -7.01 23.56
C ARG A 212 -25.07 -7.56 25.01
N ILE A 213 -24.09 -8.44 25.32
CA ILE A 213 -23.09 -8.97 24.35
C ILE A 213 -23.82 -10.05 23.50
N PRO A 214 -23.70 -9.99 22.15
CA PRO A 214 -24.49 -10.90 21.33
C PRO A 214 -24.01 -12.36 21.33
N THR A 215 -24.97 -13.24 21.51
CA THR A 215 -24.76 -14.65 21.55
C THR A 215 -25.47 -15.24 20.34
N GLY A 216 -24.72 -16.01 19.54
CA GLY A 216 -25.28 -16.64 18.35
C GLY A 216 -25.55 -18.09 18.65
N VAL A 217 -26.82 -18.45 18.70
CA VAL A 217 -27.23 -19.81 18.96
C VAL A 217 -26.88 -20.67 17.77
N GLN A 218 -26.18 -21.80 18.01
CA GLN A 218 -25.83 -22.74 16.95
C GLN A 218 -27.02 -23.66 16.67
N ILE A 219 -27.71 -23.45 15.54
CA ILE A 219 -28.84 -24.28 15.17
C ILE A 219 -28.35 -25.25 14.09
N THR A 220 -28.36 -26.53 14.43
CA THR A 220 -27.93 -27.60 13.53
C THR A 220 -29.06 -27.99 12.57
N HIS A 221 -28.72 -28.71 11.51
CA HIS A 221 -29.75 -29.21 10.60
C HIS A 221 -30.71 -30.12 11.38
N LEU A 222 -30.18 -30.94 12.28
CA LEU A 222 -31.04 -31.81 13.10
C LEU A 222 -32.00 -30.95 13.95
N ASN A 223 -31.47 -29.89 14.57
CA ASN A 223 -32.29 -28.98 15.41
C ASN A 223 -33.45 -28.44 14.60
N LEU A 224 -33.14 -27.89 13.43
CA LEU A 224 -34.11 -27.31 12.53
C LEU A 224 -35.18 -28.32 12.09
N ALA A 225 -34.74 -29.46 11.57
CA ALA A 225 -35.70 -30.45 11.13
C ALA A 225 -36.55 -30.98 12.29
N THR A 226 -35.95 -31.10 13.48
CA THR A 226 -36.70 -31.60 14.65
C THR A 226 -37.82 -30.63 15.03
N ASN A 227 -37.50 -29.33 15.12
CA ASN A 227 -38.50 -28.33 15.51
C ASN A 227 -39.57 -28.19 14.43
N VAL A 228 -39.18 -28.33 13.17
CA VAL A 228 -40.16 -28.28 12.08
C VAL A 228 -41.19 -29.37 12.32
N VAL A 229 -40.74 -30.59 12.57
CA VAL A 229 -41.65 -31.72 12.84
C VAL A 229 -42.50 -31.45 14.10
N GLN A 230 -41.86 -30.88 15.13
CA GLN A 230 -42.57 -30.57 16.37
C GLN A 230 -43.71 -29.59 16.13
N VAL A 231 -43.45 -28.54 15.38
CA VAL A 231 -44.45 -27.53 15.06
C VAL A 231 -45.59 -28.12 14.22
N ILE A 232 -45.24 -28.85 13.18
CA ILE A 232 -46.25 -29.46 12.33
C ILE A 232 -47.17 -30.36 13.13
N GLU A 233 -46.62 -31.18 14.02
CA GLU A 233 -47.47 -32.03 14.85
C GLU A 233 -48.45 -31.16 15.68
N ALA A 234 -47.95 -30.12 16.34
CA ALA A 234 -48.79 -29.27 17.18
C ALA A 234 -49.85 -28.47 16.41
N LEU A 235 -49.53 -28.00 15.20
CA LEU A 235 -50.50 -27.22 14.42
C LEU A 235 -51.62 -28.04 13.77
N GLU A 236 -51.46 -29.37 13.65
CA GLU A 236 -52.43 -30.26 13.02
C GLU A 236 -52.96 -29.67 11.72
N GLY A 237 -52.03 -29.21 10.89
CA GLY A 237 -52.36 -28.61 9.62
C GLY A 237 -52.79 -29.68 8.64
N GLU A 238 -53.80 -29.36 7.84
CA GLU A 238 -54.32 -30.28 6.84
C GLU A 238 -54.26 -29.66 5.45
N GLU A 239 -54.66 -30.44 4.44
CA GLU A 239 -54.63 -30.00 3.05
C GLU A 239 -55.54 -28.78 2.83
N GLY A 240 -54.92 -27.66 2.42
CA GLY A 240 -55.65 -26.43 2.16
C GLY A 240 -55.39 -25.29 3.11
N ASP A 241 -54.87 -25.56 4.31
CA ASP A 241 -54.57 -24.47 5.25
C ASP A 241 -53.41 -23.66 4.72
N ARG A 242 -53.39 -22.37 5.00
CA ARG A 242 -52.30 -21.55 4.53
C ARG A 242 -51.73 -20.66 5.61
N GLY A 243 -50.41 -20.47 5.53
CA GLY A 243 -49.69 -19.67 6.47
C GLY A 243 -49.37 -18.26 6.00
N LEU A 244 -49.28 -17.35 6.96
CA LEU A 244 -48.97 -15.96 6.69
C LEU A 244 -48.35 -15.31 7.90
N SER A 245 -47.58 -14.24 7.64
CA SER A 245 -46.89 -13.55 8.69
C SER A 245 -46.34 -12.22 8.26
N TRP A 246 -46.15 -11.32 9.24
CA TRP A 246 -45.50 -10.05 9.02
C TRP A 246 -44.22 -10.02 9.82
N LEU A 247 -43.93 -11.10 10.52
CA LEU A 247 -42.79 -11.11 11.43
C LEU A 247 -41.43 -11.00 10.75
N PRO A 248 -40.48 -10.30 11.38
CA PRO A 248 -39.18 -10.10 10.73
C PRO A 248 -38.36 -11.36 10.66
N PHE A 249 -37.74 -11.60 9.50
CA PHE A 249 -36.89 -12.77 9.29
C PHE A 249 -35.63 -12.78 10.17
N PHE A 250 -35.21 -11.62 10.67
CA PHE A 250 -34.02 -11.54 11.54
C PHE A 250 -34.26 -12.03 12.99
N HIS A 251 -35.50 -12.43 13.29
CA HIS A 251 -35.89 -12.93 14.59
C HIS A 251 -36.35 -14.37 14.40
N ASP A 252 -36.08 -15.23 15.38
CA ASP A 252 -36.43 -16.65 15.29
C ASP A 252 -37.89 -16.96 14.90
N MET A 253 -38.83 -16.21 15.44
CA MET A 253 -40.25 -16.46 15.18
C MET A 253 -40.65 -16.14 13.75
N GLY A 254 -40.00 -15.15 13.14
CA GLY A 254 -40.30 -14.80 11.75
C GLY A 254 -39.61 -15.74 10.79
N LEU A 255 -38.37 -16.11 11.11
CA LEU A 255 -37.56 -17.00 10.26
C LEU A 255 -38.08 -18.42 10.15
N ILE A 256 -38.23 -19.04 11.30
CA ILE A 256 -38.69 -20.40 11.36
C ILE A 256 -40.07 -20.57 10.75
N THR A 257 -40.96 -19.61 11.00
CA THR A 257 -42.30 -19.66 10.44
C THR A 257 -42.22 -19.66 8.90
N ALA A 258 -41.36 -18.80 8.35
CA ALA A 258 -41.15 -18.70 6.91
C ALA A 258 -40.58 -19.98 6.32
N LEU A 259 -39.65 -20.62 7.02
CA LEU A 259 -39.05 -21.87 6.53
C LEU A 259 -40.01 -23.05 6.54
N LEU A 260 -40.89 -23.12 7.52
CA LEU A 260 -41.77 -24.29 7.61
C LEU A 260 -43.19 -24.13 7.07
N ALA A 261 -43.71 -22.91 6.97
CA ALA A 261 -45.11 -22.71 6.51
C ALA A 261 -45.43 -23.32 5.16
N PRO A 262 -44.53 -23.19 4.16
CA PRO A 262 -44.86 -23.81 2.87
C PRO A 262 -44.93 -25.35 2.92
N MET A 263 -44.31 -25.95 3.94
N MET A 263 -44.31 -25.95 3.94
CA MET A 263 -44.32 -27.41 4.09
CA MET A 263 -44.31 -27.40 4.09
C MET A 263 -45.69 -27.98 4.45
C MET A 263 -45.69 -27.99 4.47
N ILE A 264 -46.64 -27.15 4.90
CA ILE A 264 -47.99 -27.65 5.23
C ILE A 264 -48.85 -27.84 3.97
N GLY A 265 -48.27 -27.56 2.79
CA GLY A 265 -48.96 -27.77 1.52
C GLY A 265 -49.47 -26.58 0.72
N HIS A 266 -49.31 -25.36 1.23
CA HIS A 266 -49.81 -24.18 0.52
C HIS A 266 -48.72 -23.12 0.59
N TYR A 267 -48.66 -22.24 -0.39
CA TYR A 267 -47.67 -21.19 -0.36
C TYR A 267 -47.79 -20.35 0.93
N PHE A 268 -46.67 -19.77 1.33
CA PHE A 268 -46.60 -18.88 2.51
C PHE A 268 -46.62 -17.41 2.00
N THR A 269 -47.43 -16.58 2.67
CA THR A 269 -47.56 -15.17 2.33
C THR A 269 -46.95 -14.32 3.44
N PHE A 270 -46.15 -13.32 3.08
CA PHE A 270 -45.57 -12.45 4.10
C PHE A 270 -45.48 -11.01 3.68
N MET A 271 -45.32 -10.13 4.66
CA MET A 271 -45.20 -8.70 4.44
C MET A 271 -44.14 -8.23 5.46
N THR A 272 -43.80 -6.95 5.44
CA THR A 272 -42.83 -6.44 6.39
C THR A 272 -43.51 -6.04 7.70
N PRO A 273 -42.73 -5.96 8.80
CA PRO A 273 -43.28 -5.49 10.04
C PRO A 273 -43.79 -4.06 9.94
N ALA A 274 -43.04 -3.21 9.20
CA ALA A 274 -43.40 -1.79 9.02
C ALA A 274 -44.74 -1.72 8.33
N ALA A 275 -44.97 -2.64 7.38
CA ALA A 275 -46.23 -2.65 6.65
C ALA A 275 -47.38 -2.97 7.59
N PHE A 276 -47.16 -3.89 8.52
CA PHE A 276 -48.18 -4.26 9.49
C PHE A 276 -48.46 -3.15 10.49
N VAL A 277 -47.39 -2.58 11.04
CA VAL A 277 -47.51 -1.52 12.02
C VAL A 277 -48.26 -0.32 11.41
N ARG A 278 -47.94 0.03 10.17
CA ARG A 278 -48.67 1.13 9.51
C ARG A 278 -50.15 0.89 9.34
N ARG A 279 -50.52 -0.28 8.79
CA ARG A 279 -51.92 -0.62 8.56
C ARG A 279 -52.18 -2.03 8.98
N PRO A 280 -52.47 -2.25 10.28
CA PRO A 280 -52.67 -3.61 10.76
C PRO A 280 -53.84 -4.37 10.11
N GLU A 281 -54.76 -3.63 9.50
CA GLU A 281 -55.85 -4.27 8.77
C GLU A 281 -55.30 -5.26 7.72
N ARG A 282 -54.10 -4.98 7.20
CA ARG A 282 -53.48 -5.83 6.18
C ARG A 282 -53.32 -7.26 6.66
N TRP A 283 -52.92 -7.42 7.92
CA TRP A 283 -52.76 -8.72 8.51
C TRP A 283 -54.13 -9.36 8.66
N ILE A 284 -55.08 -8.58 9.18
CA ILE A 284 -56.45 -9.04 9.36
C ILE A 284 -57.07 -9.54 8.03
N ARG A 285 -56.91 -8.78 6.94
N ARG A 285 -56.89 -8.77 6.96
CA ARG A 285 -57.50 -9.23 5.67
CA ARG A 285 -57.41 -9.12 5.62
C ARG A 285 -56.79 -10.45 5.06
C ARG A 285 -56.79 -10.41 5.07
N GLU A 286 -55.52 -10.65 5.39
CA GLU A 286 -54.82 -11.87 4.93
C GLU A 286 -55.35 -13.07 5.68
N LEU A 287 -55.68 -12.86 6.95
CA LEU A 287 -56.22 -13.94 7.74
C LEU A 287 -57.62 -14.34 7.26
N ALA A 288 -58.37 -13.36 6.78
CA ALA A 288 -59.77 -13.58 6.37
C ALA A 288 -59.97 -14.50 5.19
N ARG A 289 -61.19 -15.01 5.11
CA ARG A 289 -61.59 -15.94 4.07
C ARG A 289 -61.55 -15.29 2.68
N LYS A 290 -61.06 -16.06 1.73
CA LYS A 290 -61.00 -15.66 0.32
C LYS A 290 -61.74 -16.72 -0.52
N GLU A 291 -62.13 -16.36 -1.73
CA GLU A 291 -62.80 -17.32 -2.64
C GLU A 291 -61.73 -18.30 -3.09
N GLY A 292 -62.00 -19.59 -2.93
CA GLY A 292 -61.03 -20.64 -3.28
C GLY A 292 -60.44 -21.35 -2.06
N ASP A 293 -60.51 -20.72 -0.88
CA ASP A 293 -60.01 -21.33 0.37
C ASP A 293 -60.75 -22.64 0.67
N THR A 294 -59.96 -23.72 0.77
CA THR A 294 -60.48 -25.05 1.10
C THR A 294 -60.20 -25.35 2.58
N GLY A 295 -59.27 -24.59 3.17
CA GLY A 295 -58.91 -24.73 4.58
C GLY A 295 -58.91 -23.39 5.30
N GLY A 296 -58.24 -23.35 6.45
CA GLY A 296 -58.17 -22.14 7.24
C GLY A 296 -56.83 -21.42 7.15
N THR A 297 -56.66 -20.36 7.90
CA THR A 297 -55.41 -19.62 7.93
C THR A 297 -54.73 -19.82 9.27
N ILE A 298 -53.40 -19.74 9.22
CA ILE A 298 -52.57 -19.88 10.38
C ILE A 298 -51.53 -18.74 10.41
N SER A 299 -51.41 -18.01 11.53
CA SER A 299 -50.40 -16.95 11.63
C SER A 299 -49.86 -16.98 13.04
N VAL A 300 -48.99 -16.01 13.34
CA VAL A 300 -48.35 -15.97 14.64
C VAL A 300 -47.88 -14.56 14.90
N ALA A 301 -48.00 -14.13 16.16
CA ALA A 301 -47.60 -12.81 16.51
C ALA A 301 -47.39 -12.66 18.00
N PRO A 302 -46.58 -11.65 18.40
CA PRO A 302 -46.42 -11.30 19.79
C PRO A 302 -47.69 -10.69 20.30
N ASN A 303 -47.89 -10.74 21.61
CA ASN A 303 -49.08 -10.20 22.25
C ASN A 303 -49.44 -8.73 21.89
N PHE A 304 -48.46 -7.82 21.86
CA PHE A 304 -48.76 -6.40 21.54
C PHE A 304 -49.43 -6.22 20.17
N ALA A 305 -49.15 -7.13 19.26
CA ALA A 305 -49.69 -7.05 17.93
C ALA A 305 -51.18 -7.29 17.91
N PHE A 306 -51.68 -8.13 18.83
CA PHE A 306 -53.13 -8.39 18.89
C PHE A 306 -53.87 -7.10 19.29
N ASP A 307 -53.29 -6.32 20.22
CA ASP A 307 -53.89 -5.07 20.65
C ASP A 307 -53.84 -4.01 19.57
N HIS A 308 -52.75 -3.97 18.81
CA HIS A 308 -52.60 -3.01 17.76
C HIS A 308 -53.63 -3.30 16.69
N ALA A 309 -53.81 -4.58 16.38
CA ALA A 309 -54.80 -4.98 15.37
C ALA A 309 -56.23 -4.65 15.84
N ALA A 310 -56.52 -4.91 17.10
CA ALA A 310 -57.86 -4.65 17.67
C ALA A 310 -58.24 -3.16 17.70
N ALA A 311 -57.28 -2.31 18.01
CA ALA A 311 -57.52 -0.86 18.11
C ALA A 311 -57.47 -0.12 16.78
N ARG A 312 -56.66 -0.60 15.84
CA ARG A 312 -56.43 0.10 14.57
C ARG A 312 -56.64 -0.74 13.31
N GLY A 313 -56.98 -2.01 13.46
CA GLY A 313 -57.14 -2.92 12.31
C GLY A 313 -58.56 -3.35 11.96
N VAL A 314 -59.55 -2.68 12.53
CA VAL A 314 -60.92 -3.03 12.21
C VAL A 314 -61.30 -2.28 10.94
N PRO A 315 -61.93 -2.95 9.95
CA PRO A 315 -62.38 -2.25 8.74
C PRO A 315 -63.28 -1.06 9.04
N LYS A 316 -63.13 0.01 8.28
CA LYS A 316 -64.00 1.16 8.47
C LYS A 316 -65.37 0.82 7.85
N PRO A 317 -66.47 1.32 8.44
CA PRO A 317 -67.77 1.03 7.83
C PRO A 317 -67.79 1.32 6.33
N GLY A 318 -68.40 0.40 5.56
CA GLY A 318 -68.48 0.54 4.09
C GLY A 318 -67.35 -0.12 3.31
N SER A 319 -66.52 -0.91 4.01
CA SER A 319 -65.41 -1.63 3.39
C SER A 319 -65.96 -2.96 2.95
N PRO A 320 -65.22 -3.70 2.09
CA PRO A 320 -65.71 -5.03 1.69
C PRO A 320 -65.96 -5.92 2.93
N PRO A 321 -66.91 -6.87 2.83
CA PRO A 321 -67.17 -7.70 3.99
C PRO A 321 -65.91 -8.40 4.51
N LEU A 322 -65.86 -8.59 5.82
CA LEU A 322 -64.75 -9.25 6.45
C LEU A 322 -65.28 -10.49 7.16
N ASP A 323 -64.85 -11.65 6.70
CA ASP A 323 -65.24 -12.94 7.27
C ASP A 323 -64.01 -13.67 7.85
N LEU A 324 -63.89 -13.68 9.18
CA LEU A 324 -62.78 -14.33 9.86
C LEU A 324 -63.16 -15.69 10.44
N SER A 325 -64.30 -16.27 10.03
CA SER A 325 -64.73 -17.58 10.56
C SER A 325 -63.86 -18.75 10.05
N ASN A 326 -62.97 -18.44 9.11
CA ASN A 326 -62.07 -19.44 8.53
C ASN A 326 -60.73 -19.57 9.23
N VAL A 327 -60.43 -18.72 10.23
CA VAL A 327 -59.13 -18.76 10.89
C VAL A 327 -58.99 -20.06 11.73
N LYS A 328 -57.88 -20.78 11.53
CA LYS A 328 -57.64 -22.02 12.24
C LYS A 328 -56.81 -21.77 13.51
N ALA A 329 -55.76 -20.96 13.40
CA ALA A 329 -54.91 -20.69 14.56
C ALA A 329 -54.09 -19.44 14.39
N VAL A 330 -54.03 -18.62 15.41
CA VAL A 330 -53.19 -17.44 15.39
C VAL A 330 -52.42 -17.60 16.68
N LEU A 331 -51.15 -18.02 16.58
CA LEU A 331 -50.37 -18.18 17.77
C LEU A 331 -49.95 -16.83 18.35
N ASN A 332 -50.03 -16.76 19.68
CA ASN A 332 -49.66 -15.60 20.46
C ASN A 332 -48.49 -16.03 21.34
N GLY A 333 -47.29 -15.58 20.96
CA GLY A 333 -46.09 -15.94 21.69
C GLY A 333 -44.97 -14.95 21.48
N SER A 334 -43.92 -15.16 22.28
CA SER A 334 -42.65 -14.40 22.33
C SER A 334 -42.61 -13.43 23.52
N GLU A 335 -43.76 -13.16 24.12
CA GLU A 335 -43.83 -12.29 25.28
C GLU A 335 -45.07 -12.65 26.09
N PRO A 336 -45.21 -12.12 27.31
CA PRO A 336 -46.37 -12.46 28.14
C PRO A 336 -47.72 -12.16 27.49
N ILE A 337 -48.62 -13.15 27.55
CA ILE A 337 -49.96 -13.00 27.01
C ILE A 337 -50.82 -12.34 28.08
N SER A 338 -51.51 -11.27 27.67
CA SER A 338 -52.40 -10.58 28.54
C SER A 338 -53.83 -11.03 28.27
N ALA A 339 -54.53 -11.43 29.33
CA ALA A 339 -55.94 -11.82 29.25
C ALA A 339 -56.77 -10.65 28.72
N ALA A 340 -56.42 -9.40 29.07
CA ALA A 340 -57.15 -8.24 28.57
C ALA A 340 -56.97 -8.06 27.04
N THR A 341 -55.74 -8.32 26.56
CA THR A 341 -55.45 -8.26 25.13
C THR A 341 -56.29 -9.28 24.39
N VAL A 342 -56.39 -10.49 24.94
CA VAL A 342 -57.22 -11.55 24.35
C VAL A 342 -58.68 -11.12 24.26
N ARG A 343 -59.20 -10.50 25.33
N ARG A 343 -59.22 -10.49 25.32
CA ARG A 343 -60.58 -10.02 25.39
CA ARG A 343 -60.62 -10.01 25.30
C ARG A 343 -60.85 -8.91 24.34
C ARG A 343 -60.80 -8.96 24.23
N ARG A 344 -59.93 -7.95 24.25
CA ARG A 344 -60.02 -6.86 23.27
C ARG A 344 -59.98 -7.38 21.83
N PHE A 345 -59.16 -8.41 21.56
CA PHE A 345 -59.06 -8.93 20.21
C PHE A 345 -60.40 -9.54 19.82
N ASN A 346 -60.91 -10.41 20.68
CA ASN A 346 -62.25 -11.03 20.45
C ASN A 346 -63.39 -10.01 20.37
N GLU A 347 -63.34 -8.95 21.17
CA GLU A 347 -64.39 -7.90 21.12
C GLU A 347 -64.37 -7.18 19.75
N ALA A 348 -63.17 -6.96 19.22
CA ALA A 348 -63.05 -6.31 17.92
C ALA A 348 -63.36 -7.23 16.74
N PHE A 349 -62.95 -8.50 16.82
CA PHE A 349 -63.12 -9.38 15.66
C PHE A 349 -64.13 -10.51 15.75
N GLY A 350 -64.70 -10.71 16.93
CA GLY A 350 -65.76 -11.71 17.09
C GLY A 350 -66.96 -11.39 16.18
N PRO A 351 -67.36 -10.09 16.10
CA PRO A 351 -68.51 -9.71 15.24
C PRO A 351 -68.29 -9.98 13.76
N PHE A 352 -67.03 -10.26 13.37
CA PHE A 352 -66.71 -10.60 12.00
C PHE A 352 -66.52 -12.11 11.84
N GLY A 353 -66.89 -12.89 12.87
CA GLY A 353 -66.77 -14.35 12.83
C GLY A 353 -65.48 -14.97 13.40
N PHE A 354 -64.56 -14.17 13.90
CA PHE A 354 -63.32 -14.72 14.44
C PHE A 354 -63.63 -15.67 15.60
N PRO A 355 -63.27 -16.98 15.46
CA PRO A 355 -63.54 -17.94 16.54
C PRO A 355 -62.56 -17.78 17.70
N PRO A 356 -63.07 -17.64 18.95
CA PRO A 356 -62.12 -17.43 20.06
C PRO A 356 -61.10 -18.56 20.28
N LYS A 357 -61.39 -19.78 19.83
CA LYS A 357 -60.42 -20.87 20.05
C LYS A 357 -59.22 -20.76 19.10
N ALA A 358 -59.28 -19.84 18.13
CA ALA A 358 -58.16 -19.68 17.21
C ALA A 358 -56.93 -19.02 17.89
N ILE A 359 -57.10 -18.30 19.00
CA ILE A 359 -55.94 -17.71 19.68
C ILE A 359 -55.22 -18.80 20.50
N LYS A 360 -53.96 -19.04 20.17
CA LYS A 360 -53.17 -20.08 20.78
C LYS A 360 -51.91 -19.55 21.52
N PRO A 361 -52.03 -19.26 22.83
CA PRO A 361 -50.86 -18.83 23.56
C PRO A 361 -49.79 -19.92 23.38
N SER A 362 -48.56 -19.50 23.18
CA SER A 362 -47.47 -20.39 22.87
C SER A 362 -46.17 -19.89 23.44
N TYR A 363 -45.25 -20.81 23.72
CA TYR A 363 -43.96 -20.45 24.29
C TYR A 363 -42.79 -21.08 23.53
N GLY A 364 -41.70 -20.32 23.51
CA GLY A 364 -40.48 -20.78 22.90
C GLY A 364 -39.33 -19.80 23.09
N LEU A 365 -38.19 -20.14 22.50
CA LEU A 365 -36.99 -19.30 22.58
C LEU A 365 -35.96 -19.76 21.56
N ALA A 366 -35.02 -18.89 21.27
CA ALA A 366 -34.01 -19.16 20.27
C ALA A 366 -33.17 -20.40 20.56
N GLU A 367 -32.87 -20.60 21.85
CA GLU A 367 -32.05 -21.74 22.27
C GLU A 367 -32.69 -23.10 21.98
N ALA A 368 -33.99 -23.07 21.68
CA ALA A 368 -34.79 -24.26 21.37
C ALA A 368 -35.20 -24.29 19.89
N THR A 369 -34.44 -23.56 19.05
CA THR A 369 -34.75 -23.34 17.62
C THR A 369 -35.93 -22.37 17.62
N LEU A 370 -37.08 -22.81 18.14
CA LEU A 370 -38.22 -21.90 18.27
C LEU A 370 -39.30 -22.42 19.22
N PHE A 371 -39.94 -23.51 18.81
CA PHE A 371 -41.10 -24.00 19.53
C PHE A 371 -40.91 -24.97 20.72
N VAL A 372 -41.50 -24.60 21.88
CA VAL A 372 -41.48 -25.42 23.10
C VAL A 372 -42.89 -25.91 23.43
N SER A 373 -43.88 -25.01 23.54
CA SER A 373 -45.23 -25.41 23.83
C SER A 373 -46.31 -24.52 23.19
N THR A 374 -47.50 -25.07 23.06
CA THR A 374 -48.65 -24.34 22.56
C THR A 374 -49.95 -25.01 23.00
N THR A 375 -51.00 -24.22 22.99
CA THR A 375 -52.35 -24.64 23.30
C THR A 375 -52.81 -25.67 22.27
N PRO A 376 -53.36 -26.82 22.71
CA PRO A 376 -53.80 -27.80 21.71
C PRO A 376 -54.77 -27.24 20.67
N SER A 377 -54.67 -27.78 19.47
CA SER A 377 -55.48 -27.34 18.34
C SER A 377 -57.00 -27.29 18.59
N ALA A 378 -57.52 -28.33 19.24
CA ALA A 378 -58.97 -28.43 19.50
C ALA A 378 -59.47 -27.61 20.69
N GLU A 379 -58.55 -27.11 21.51
CA GLU A 379 -58.89 -26.35 22.73
C GLU A 379 -58.84 -24.84 22.61
N GLU A 380 -59.59 -24.18 23.48
CA GLU A 380 -59.61 -22.73 23.52
C GLU A 380 -58.50 -22.29 24.46
N PRO A 381 -58.07 -21.01 24.37
CA PRO A 381 -57.01 -20.64 25.29
C PRO A 381 -57.49 -20.85 26.71
N LYS A 382 -56.59 -21.34 27.54
CA LYS A 382 -56.85 -21.61 28.93
C LYS A 382 -56.33 -20.38 29.67
N ILE A 383 -57.24 -19.68 30.34
CA ILE A 383 -56.90 -18.50 31.10
C ILE A 383 -57.50 -18.64 32.48
N ILE A 384 -56.65 -18.62 33.51
CA ILE A 384 -57.08 -18.73 34.90
C ILE A 384 -56.81 -17.48 35.71
N THR A 385 -57.57 -17.31 36.79
CA THR A 385 -57.41 -16.19 37.72
C THR A 385 -56.88 -16.80 39.00
N VAL A 386 -55.69 -16.34 39.40
CA VAL A 386 -55.04 -16.89 40.59
C VAL A 386 -54.80 -15.84 41.66
N ASP A 387 -54.61 -16.30 42.90
CA ASP A 387 -54.33 -15.44 44.05
C ASP A 387 -52.97 -14.74 43.94
N ARG A 388 -53.01 -13.41 43.98
CA ARG A 388 -51.79 -12.57 43.85
C ARG A 388 -50.65 -12.89 44.84
N ASP A 389 -51.01 -13.00 46.11
CA ASP A 389 -50.04 -13.27 47.17
C ASP A 389 -49.41 -14.63 47.03
N GLN A 390 -50.23 -15.63 46.75
CA GLN A 390 -49.71 -16.96 46.56
C GLN A 390 -48.74 -16.93 45.37
N LEU A 391 -49.17 -16.32 44.26
CA LEU A 391 -48.34 -16.22 43.05
C LEU A 391 -46.99 -15.56 43.37
N ASN A 392 -47.04 -14.43 44.03
CA ASN A 392 -45.82 -13.71 44.42
C ASN A 392 -44.91 -14.55 45.36
N SER A 393 -45.49 -15.43 46.18
CA SER A 393 -44.67 -16.27 47.03
C SER A 393 -44.38 -17.66 46.38
N GLY A 394 -44.59 -17.78 45.06
CA GLY A 394 -44.29 -19.00 44.33
C GLY A 394 -45.28 -20.16 44.21
N ARG A 395 -46.58 -19.91 44.37
CA ARG A 395 -47.57 -20.97 44.26
C ARG A 395 -48.77 -20.54 43.42
N ILE A 396 -49.29 -21.45 42.60
CA ILE A 396 -50.45 -21.19 41.77
C ILE A 396 -51.68 -21.68 42.49
N VAL A 397 -52.55 -20.77 42.90
CA VAL A 397 -53.81 -21.13 43.58
C VAL A 397 -54.94 -20.35 42.94
N GLU A 398 -55.90 -21.04 42.33
CA GLU A 398 -57.01 -20.35 41.67
C GLU A 398 -57.94 -19.65 42.64
N VAL A 399 -58.52 -18.55 42.17
CA VAL A 399 -59.50 -17.79 42.95
C VAL A 399 -60.56 -17.32 41.99
N ASP A 400 -61.62 -16.77 42.55
CA ASP A 400 -62.73 -16.27 41.76
C ASP A 400 -62.26 -15.03 40.99
N ALA A 401 -62.74 -14.87 39.76
CA ALA A 401 -62.34 -13.74 38.89
C ALA A 401 -62.67 -12.35 39.44
N ASP A 402 -63.72 -12.26 40.25
CA ASP A 402 -64.15 -10.98 40.87
C ASP A 402 -63.40 -10.66 42.17
N SER A 403 -62.52 -11.57 42.62
CA SER A 403 -61.76 -11.32 43.85
C SER A 403 -60.78 -10.18 43.64
N PRO A 404 -60.59 -9.33 44.68
CA PRO A 404 -59.61 -8.25 44.54
C PRO A 404 -58.17 -8.74 44.42
N LYS A 405 -57.90 -9.98 44.84
CA LYS A 405 -56.55 -10.57 44.73
C LYS A 405 -56.31 -11.37 43.44
N ALA A 406 -57.27 -11.33 42.52
CA ALA A 406 -57.17 -12.09 41.28
C ALA A 406 -56.18 -11.52 40.26
N VAL A 407 -55.30 -12.39 39.77
CA VAL A 407 -54.34 -12.05 38.72
C VAL A 407 -54.65 -13.07 37.62
N ALA A 408 -54.89 -12.58 36.42
CA ALA A 408 -55.18 -13.43 35.26
C ALA A 408 -53.88 -13.96 34.66
N GLN A 409 -53.80 -15.29 34.48
CA GLN A 409 -52.65 -15.95 33.88
C GLN A 409 -53.08 -16.80 32.72
N ALA A 410 -52.46 -16.56 31.56
CA ALA A 410 -52.76 -17.35 30.36
C ALA A 410 -51.78 -18.50 30.33
N SER A 411 -52.27 -19.68 29.99
CA SER A 411 -51.47 -20.86 29.85
C SER A 411 -50.73 -20.90 28.53
N ALA A 412 -49.55 -21.52 28.48
CA ALA A 412 -48.83 -21.68 27.23
C ALA A 412 -49.01 -23.11 26.69
N GLY A 413 -50.02 -23.80 27.20
CA GLY A 413 -50.35 -25.14 26.69
C GLY A 413 -49.48 -26.34 27.05
N LYS A 414 -49.32 -27.23 26.08
CA LYS A 414 -48.58 -28.48 26.24
C LYS A 414 -47.23 -28.46 25.54
N VAL A 415 -46.25 -29.07 26.19
CA VAL A 415 -44.92 -29.14 25.64
C VAL A 415 -44.99 -30.00 24.38
N GLY A 416 -44.23 -29.63 23.36
CA GLY A 416 -44.24 -30.39 22.11
C GLY A 416 -43.70 -31.81 22.22
N ILE A 417 -43.94 -32.60 21.18
CA ILE A 417 -43.46 -33.96 21.14
C ILE A 417 -41.93 -34.02 21.12
N ALA A 418 -41.37 -35.05 21.79
CA ALA A 418 -39.92 -35.26 21.84
C ALA A 418 -39.11 -34.09 22.41
N GLU A 419 -39.72 -33.34 23.31
CA GLU A 419 -39.05 -32.31 24.07
C GLU A 419 -39.68 -32.34 25.47
N TRP A 420 -39.01 -31.73 26.45
CA TRP A 420 -39.48 -31.78 27.80
C TRP A 420 -39.23 -30.47 28.44
N ALA A 421 -40.10 -30.11 29.39
CA ALA A 421 -39.91 -28.92 30.18
C ALA A 421 -40.15 -29.34 31.62
N VAL A 422 -39.33 -28.84 32.52
CA VAL A 422 -39.46 -29.08 33.95
C VAL A 422 -39.32 -27.76 34.69
N ILE A 423 -39.91 -27.70 35.87
CA ILE A 423 -39.85 -26.52 36.73
C ILE A 423 -38.90 -26.90 37.85
N VAL A 424 -37.86 -26.10 38.06
CA VAL A 424 -36.86 -26.40 39.09
C VAL A 424 -36.46 -25.28 40.05
N ASP A 425 -35.84 -25.72 41.16
CA ASP A 425 -35.18 -24.81 42.09
C ASP A 425 -33.83 -24.80 41.40
N ALA A 426 -33.48 -23.71 40.74
CA ALA A 426 -32.25 -23.69 39.95
C ALA A 426 -30.95 -24.05 40.65
N GLU A 427 -30.71 -23.48 41.83
N GLU A 427 -30.70 -23.48 41.82
CA GLU A 427 -29.45 -23.73 42.54
CA GLU A 427 -29.45 -23.74 42.52
C GLU A 427 -29.21 -25.22 42.88
C GLU A 427 -29.21 -25.21 42.91
N SER A 428 -30.26 -25.96 43.22
CA SER A 428 -30.14 -27.41 43.58
C SER A 428 -30.48 -28.34 42.39
N ALA A 429 -30.79 -27.75 41.22
CA ALA A 429 -31.18 -28.50 40.01
C ALA A 429 -32.19 -29.58 40.33
N THR A 430 -33.19 -29.21 41.11
CA THR A 430 -34.22 -30.14 41.60
C THR A 430 -35.60 -29.79 41.10
N GLU A 431 -36.31 -30.77 40.54
CA GLU A 431 -37.64 -30.54 40.03
C GLU A 431 -38.61 -30.23 41.17
N LEU A 432 -39.61 -29.41 40.90
CA LEU A 432 -40.59 -29.00 41.88
C LEU A 432 -41.94 -29.65 41.58
N PRO A 433 -42.77 -29.87 42.63
CA PRO A 433 -44.10 -30.41 42.36
C PRO A 433 -44.94 -29.39 41.61
N ASP A 434 -45.98 -29.86 40.94
CA ASP A 434 -46.88 -28.98 40.22
C ASP A 434 -47.50 -27.92 41.15
N GLY A 435 -47.74 -26.74 40.58
CA GLY A 435 -48.33 -25.64 41.32
C GLY A 435 -47.29 -24.72 41.93
N GLN A 436 -46.02 -25.13 41.90
CA GLN A 436 -44.94 -24.32 42.44
C GLN A 436 -44.14 -23.71 41.29
N VAL A 437 -43.76 -22.45 41.49
CA VAL A 437 -43.03 -21.66 40.53
C VAL A 437 -41.53 -21.85 40.70
N GLY A 438 -40.81 -22.05 39.58
CA GLY A 438 -39.35 -22.18 39.59
C GLY A 438 -38.86 -21.88 38.19
N GLU A 439 -37.56 -22.02 37.93
N GLU A 439 -37.57 -22.04 37.94
CA GLU A 439 -37.06 -21.74 36.60
CA GLU A 439 -37.02 -21.80 36.62
C GLU A 439 -37.49 -22.87 35.66
C GLU A 439 -37.46 -22.90 35.65
N ILE A 440 -37.72 -22.54 34.40
CA ILE A 440 -38.12 -23.51 33.39
C ILE A 440 -36.84 -23.95 32.72
N TRP A 441 -36.59 -25.25 32.69
CA TRP A 441 -35.41 -25.85 32.03
C TRP A 441 -36.02 -26.77 30.99
N ILE A 442 -35.40 -26.89 29.83
CA ILE A 442 -35.96 -27.69 28.76
C ILE A 442 -34.93 -28.58 28.11
N SER A 443 -35.40 -29.61 27.42
CA SER A 443 -34.51 -30.57 26.78
C SER A 443 -35.16 -31.14 25.55
N GLY A 444 -34.33 -31.49 24.58
CA GLY A 444 -34.81 -32.07 23.32
C GLY A 444 -33.81 -31.97 22.18
N GLN A 445 -34.04 -32.71 21.12
CA GLN A 445 -33.17 -32.68 19.94
C GLN A 445 -33.25 -31.35 19.21
N ASN A 446 -34.24 -30.54 19.56
CA ASN A 446 -34.34 -29.21 18.99
C ASN A 446 -33.50 -28.17 19.73
N MET A 447 -32.84 -28.54 20.83
CA MET A 447 -32.01 -27.54 21.53
C MET A 447 -30.69 -27.25 20.80
N GLY A 448 -30.34 -25.97 20.65
CA GLY A 448 -29.09 -25.57 19.99
C GLY A 448 -27.90 -26.18 20.68
N THR A 449 -26.79 -26.29 19.97
CA THR A 449 -25.62 -26.94 20.53
C THR A 449 -24.64 -26.04 21.27
N GLY A 450 -24.94 -24.75 21.37
CA GLY A 450 -24.09 -23.80 22.08
C GLY A 450 -24.19 -22.45 21.45
N TYR A 451 -23.34 -21.53 21.92
CA TYR A 451 -23.24 -20.19 21.39
C TYR A 451 -21.91 -20.12 20.67
N TRP A 452 -21.90 -19.54 19.47
CA TRP A 452 -20.68 -19.44 18.63
C TRP A 452 -19.50 -18.77 19.36
N GLY A 453 -18.39 -19.50 19.45
CA GLY A 453 -17.13 -19.01 20.05
C GLY A 453 -17.13 -18.85 21.56
N LYS A 454 -18.16 -19.37 22.24
CA LYS A 454 -18.29 -19.14 23.69
C LYS A 454 -18.52 -20.38 24.51
N PRO A 455 -17.45 -21.13 24.79
CA PRO A 455 -17.54 -22.36 25.59
C PRO A 455 -18.16 -22.18 26.98
N GLU A 456 -17.70 -21.20 27.76
CA GLU A 456 -18.23 -21.05 29.14
C GLU A 456 -19.72 -20.73 29.16
N GLU A 457 -20.15 -19.79 28.33
CA GLU A 457 -21.56 -19.43 28.21
C GLU A 457 -22.37 -20.63 27.67
N SER A 458 -21.76 -21.41 26.77
CA SER A 458 -22.49 -22.57 26.21
C SER A 458 -22.78 -23.62 27.29
N VAL A 459 -21.77 -23.94 28.10
CA VAL A 459 -21.92 -24.90 29.18
C VAL A 459 -23.01 -24.46 30.15
N ALA A 460 -22.94 -23.20 30.62
CA ALA A 460 -23.89 -22.66 31.59
C ALA A 460 -25.32 -22.69 31.15
N THR A 461 -25.55 -22.31 29.90
CA THR A 461 -26.91 -22.27 29.35
C THR A 461 -27.45 -23.61 28.85
N PHE A 462 -26.64 -24.37 28.13
CA PHE A 462 -27.09 -25.62 27.49
C PHE A 462 -26.77 -26.97 28.08
N GLN A 463 -25.73 -27.06 28.92
N GLN A 463 -25.76 -27.04 28.94
CA GLN A 463 -25.30 -28.34 29.47
CA GLN A 463 -25.32 -28.31 29.49
C GLN A 463 -25.69 -28.61 30.93
C GLN A 463 -25.67 -28.57 30.95
N ASN A 464 -26.83 -28.12 31.39
CA ASN A 464 -27.26 -28.36 32.77
C ASN A 464 -27.77 -29.79 32.98
N ILE A 465 -27.57 -30.28 34.20
CA ILE A 465 -28.00 -31.62 34.61
C ILE A 465 -29.17 -31.50 35.55
N LEU A 466 -30.21 -32.30 35.32
CA LEU A 466 -31.38 -32.32 36.18
C LEU A 466 -31.03 -33.38 37.20
N LYS A 467 -30.67 -32.93 38.39
CA LYS A 467 -30.23 -33.79 39.47
C LYS A 467 -31.31 -34.60 40.20
N SER A 468 -32.49 -34.03 40.38
CA SER A 468 -33.58 -34.68 41.10
C SER A 468 -34.90 -34.46 40.42
N ARG A 469 -35.66 -35.53 40.30
CA ARG A 469 -36.99 -35.50 39.69
C ARG A 469 -38.09 -35.84 40.71
N THR A 470 -39.29 -35.33 40.45
CA THR A 470 -40.46 -35.66 41.26
C THR A 470 -41.10 -36.92 40.66
N ASN A 471 -42.20 -37.38 41.27
CA ASN A 471 -42.88 -38.58 40.83
C ASN A 471 -44.40 -38.26 40.80
N PRO A 472 -45.01 -38.12 39.60
N PRO A 472 -45.04 -38.31 39.59
CA PRO A 472 -44.40 -38.22 38.28
CA PRO A 472 -44.72 -38.65 38.15
C PRO A 472 -43.50 -37.04 37.98
C PRO A 472 -43.51 -38.06 37.34
N SER A 473 -42.66 -37.19 36.95
N SER A 473 -43.30 -36.74 37.43
CA SER A 473 -41.75 -36.13 36.52
CA SER A 473 -42.19 -36.04 36.72
C SER A 473 -42.11 -35.67 35.14
C SER A 473 -42.51 -35.55 35.29
N HIS A 474 -42.04 -34.36 34.96
CA HIS A 474 -42.24 -33.78 33.65
C HIS A 474 -41.06 -34.12 32.71
N ALA A 475 -39.99 -34.75 33.25
CA ALA A 475 -38.85 -35.21 32.44
C ALA A 475 -39.01 -36.68 32.04
N GLU A 476 -40.15 -37.29 32.35
CA GLU A 476 -40.36 -38.69 32.02
C GLU A 476 -40.13 -38.94 30.53
N GLY A 477 -39.23 -39.89 30.21
CA GLY A 477 -38.88 -40.20 28.82
C GLY A 477 -37.49 -39.68 28.44
N ALA A 478 -36.98 -38.69 29.17
CA ALA A 478 -35.63 -38.16 28.93
C ALA A 478 -34.66 -38.97 29.75
N THR A 479 -33.48 -39.19 29.21
CA THR A 479 -32.48 -39.98 29.90
C THR A 479 -31.97 -39.21 31.09
N ASP A 480 -31.41 -39.93 32.06
CA ASP A 480 -30.84 -39.29 33.24
C ASP A 480 -29.66 -38.38 32.91
N ASP A 481 -28.96 -38.64 31.80
CA ASP A 481 -27.80 -37.82 31.41
C ASP A 481 -28.13 -36.79 30.29
N ALA A 482 -29.42 -36.54 30.05
CA ALA A 482 -29.82 -35.57 29.04
C ALA A 482 -29.38 -34.18 29.51
N THR A 483 -29.10 -33.31 28.55
CA THR A 483 -28.71 -31.94 28.86
C THR A 483 -29.95 -31.01 28.86
N TRP A 484 -29.89 -30.00 29.71
CA TRP A 484 -30.99 -29.07 29.89
C TRP A 484 -30.55 -27.64 29.68
N VAL A 485 -31.39 -26.91 28.97
CA VAL A 485 -31.18 -25.51 28.70
C VAL A 485 -31.90 -24.69 29.73
N ARG A 486 -31.23 -23.75 30.40
N ARG A 486 -31.22 -23.73 30.33
CA ARG A 486 -31.94 -22.90 31.37
CA ARG A 486 -31.86 -22.83 31.28
C ARG A 486 -32.41 -21.68 30.59
C ARG A 486 -32.43 -21.74 30.42
N THR A 487 -33.73 -21.53 30.55
CA THR A 487 -34.40 -20.53 29.78
C THR A 487 -34.32 -19.09 30.27
N GLY A 488 -34.05 -18.94 31.55
CA GLY A 488 -34.03 -17.66 32.21
C GLY A 488 -35.45 -17.20 32.58
N ASP A 489 -36.45 -18.07 32.37
CA ASP A 489 -37.84 -17.79 32.69
C ASP A 489 -38.34 -18.55 33.93
N TYR A 490 -39.26 -17.93 34.66
CA TYR A 490 -39.97 -18.55 35.76
C TYR A 490 -41.29 -19.07 35.22
N GLY A 491 -41.76 -20.17 35.77
CA GLY A 491 -43.03 -20.75 35.37
C GLY A 491 -43.49 -21.85 36.30
N ALA A 492 -44.57 -22.51 35.93
CA ALA A 492 -45.10 -23.58 36.70
C ALA A 492 -46.04 -24.41 35.88
N PHE A 493 -46.21 -25.67 36.27
CA PHE A 493 -47.22 -26.50 35.67
C PHE A 493 -48.42 -26.45 36.61
N TYR A 494 -49.61 -26.47 36.05
CA TYR A 494 -50.82 -26.44 36.84
C TYR A 494 -51.95 -27.04 36.04
N ASP A 495 -52.53 -28.11 36.58
CA ASP A 495 -53.66 -28.82 35.98
C ASP A 495 -53.35 -29.20 34.51
N GLY A 496 -52.13 -29.69 34.27
CA GLY A 496 -51.74 -30.15 32.93
C GLY A 496 -51.25 -29.13 31.90
N ASP A 497 -51.14 -27.87 32.28
CA ASP A 497 -50.68 -26.83 31.37
C ASP A 497 -49.48 -26.14 31.96
N LEU A 498 -48.62 -25.64 31.07
CA LEU A 498 -47.44 -24.89 31.47
C LEU A 498 -47.80 -23.39 31.50
N TYR A 499 -47.40 -22.68 32.54
CA TYR A 499 -47.63 -21.23 32.67
C TYR A 499 -46.27 -20.56 32.76
N ILE A 500 -46.08 -19.50 31.98
CA ILE A 500 -44.86 -18.72 31.99
C ILE A 500 -45.25 -17.47 32.81
N THR A 501 -44.52 -17.20 33.88
CA THR A 501 -44.85 -16.06 34.73
C THR A 501 -44.01 -14.82 34.45
N GLY A 502 -42.81 -14.99 33.91
CA GLY A 502 -41.95 -13.85 33.56
C GLY A 502 -40.49 -14.21 33.58
N ARG A 503 -39.64 -13.25 33.23
CA ARG A 503 -38.20 -13.49 33.22
C ARG A 503 -37.65 -13.34 34.64
N VAL A 504 -36.75 -14.22 35.01
CA VAL A 504 -36.10 -14.20 36.32
C VAL A 504 -35.52 -12.82 36.60
N LYS A 505 -34.79 -12.29 35.62
CA LYS A 505 -34.14 -11.01 35.77
C LYS A 505 -35.09 -9.80 35.82
N ASP A 506 -36.37 -9.95 35.48
CA ASP A 506 -37.33 -8.82 35.55
C ASP A 506 -38.13 -8.77 36.86
N LEU A 507 -37.95 -9.76 37.73
CA LEU A 507 -38.73 -9.80 38.97
C LEU A 507 -38.44 -8.57 39.83
N VAL A 508 -39.49 -7.99 40.42
CA VAL A 508 -39.34 -6.84 41.30
C VAL A 508 -39.40 -7.34 42.75
N ILE A 509 -38.28 -7.17 43.44
CA ILE A 509 -38.14 -7.57 44.82
C ILE A 509 -37.92 -6.32 45.67
N ILE A 510 -38.91 -5.94 46.45
CA ILE A 510 -38.86 -4.74 47.28
C ILE A 510 -39.32 -5.02 48.69
N ASP A 511 -38.50 -4.69 49.69
CA ASP A 511 -38.85 -4.87 51.12
C ASP A 511 -39.26 -6.29 51.47
N GLY A 512 -38.50 -7.24 50.96
CA GLY A 512 -38.74 -8.66 51.20
C GLY A 512 -39.94 -9.29 50.50
N ARG A 513 -40.55 -8.58 49.55
CA ARG A 513 -41.71 -9.13 48.83
C ARG A 513 -41.48 -9.08 47.31
N ASN A 514 -42.07 -10.03 46.59
CA ASN A 514 -41.94 -10.11 45.14
C ASN A 514 -43.15 -9.53 44.43
N HIS A 515 -42.94 -8.97 43.25
CA HIS A 515 -44.03 -8.43 42.44
C HIS A 515 -43.69 -8.71 41.00
N TYR A 516 -44.66 -9.17 40.21
CA TYR A 516 -44.42 -9.36 38.76
C TYR A 516 -44.62 -8.01 38.09
N PRO A 517 -43.62 -7.54 37.30
CA PRO A 517 -43.76 -6.23 36.67
C PRO A 517 -44.96 -6.06 35.75
N GLN A 518 -45.37 -7.11 35.05
CA GLN A 518 -46.52 -6.97 34.16
C GLN A 518 -47.85 -6.79 34.93
N ASP A 519 -47.90 -7.30 36.16
CA ASP A 519 -49.08 -7.15 37.04
C ASP A 519 -49.09 -5.66 37.55
N LEU A 520 -47.93 -5.15 37.94
CA LEU A 520 -47.81 -3.72 38.37
C LEU A 520 -48.12 -2.76 37.22
N GLU A 521 -47.72 -3.14 35.99
CA GLU A 521 -47.93 -2.34 34.77
C GLU A 521 -49.41 -2.27 34.41
N TYR A 522 -50.09 -3.41 34.48
CA TYR A 522 -51.51 -3.46 34.20
C TYR A 522 -52.26 -2.52 35.18
N SER A 523 -51.86 -2.54 36.45
CA SER A 523 -52.50 -1.66 37.45
C SER A 523 -52.24 -0.18 37.14
N ALA A 524 -51.01 0.14 36.73
CA ALA A 524 -50.66 1.51 36.36
C ALA A 524 -51.53 2.01 35.20
N GLN A 525 -51.64 1.22 34.12
CA GLN A 525 -52.40 1.68 32.95
C GLN A 525 -53.91 1.70 33.20
N GLU A 526 -54.41 0.77 34.02
CA GLU A 526 -55.85 0.75 34.38
C GLU A 526 -56.21 1.94 35.28
N ALA A 527 -55.22 2.53 35.95
CA ALA A 527 -55.42 3.69 36.83
C ALA A 527 -55.62 5.02 36.06
N SER A 528 -55.16 5.11 34.81
CA SER A 528 -55.27 6.36 34.05
C SER A 528 -55.38 6.21 32.53
N LYS A 529 -56.45 6.75 31.94
CA LYS A 529 -56.61 6.76 30.47
C LYS A 529 -55.49 7.50 29.73
N ALA A 530 -54.71 8.30 30.44
CA ALA A 530 -53.58 9.05 29.85
C ALA A 530 -52.34 8.18 29.44
N ILE A 531 -52.32 6.91 29.83
CA ILE A 531 -51.22 6.01 29.53
C ILE A 531 -51.51 5.15 28.27
N ARG A 532 -50.52 4.98 27.38
CA ARG A 532 -50.74 4.12 26.20
C ARG A 532 -50.75 2.71 26.68
N THR A 533 -51.77 1.98 26.28
CA THR A 533 -51.95 0.58 26.64
C THR A 533 -50.76 -0.28 26.20
N GLY A 534 -50.17 -0.99 27.16
CA GLY A 534 -49.05 -1.86 26.88
C GLY A 534 -47.70 -1.18 26.88
N TYR A 535 -47.65 0.15 26.97
CA TYR A 535 -46.39 0.88 26.96
C TYR A 535 -46.05 1.43 28.35
N VAL A 536 -45.83 0.48 29.27
CA VAL A 536 -45.48 0.75 30.65
C VAL A 536 -44.43 -0.28 31.05
N ALA A 537 -43.43 0.14 31.83
CA ALA A 537 -42.39 -0.76 32.29
C ALA A 537 -42.21 -0.54 33.79
N ALA A 538 -42.20 -1.64 34.56
CA ALA A 538 -41.97 -1.55 36.01
C ALA A 538 -40.71 -2.29 36.35
N PHE A 539 -39.91 -1.69 37.22
CA PHE A 539 -38.68 -2.27 37.68
C PHE A 539 -38.22 -1.54 38.93
N SER A 540 -37.24 -2.11 39.63
CA SER A 540 -36.71 -1.46 40.82
C SER A 540 -35.32 -0.95 40.54
N VAL A 541 -34.93 0.08 41.29
CA VAL A 541 -33.57 0.64 41.26
C VAL A 541 -33.16 0.87 42.72
N PRO A 542 -31.86 0.89 43.00
CA PRO A 542 -31.47 1.17 44.38
C PRO A 542 -31.89 2.60 44.78
N ALA A 543 -32.27 2.78 46.04
CA ALA A 543 -32.71 4.10 46.55
C ALA A 543 -31.80 5.23 46.15
N ASN A 544 -30.50 5.02 46.21
CA ASN A 544 -29.58 6.12 45.82
C ASN A 544 -29.61 6.57 44.34
N GLN A 545 -30.19 5.77 43.44
CA GLN A 545 -30.28 6.15 42.02
C GLN A 545 -31.53 6.95 41.70
N LEU A 546 -32.42 7.11 42.67
CA LEU A 546 -33.62 7.90 42.48
C LEU A 546 -33.25 9.40 42.36
N PRO A 547 -34.13 10.21 41.71
CA PRO A 547 -33.88 11.66 41.59
C PRO A 547 -34.11 12.38 42.91
N ASP A 548 -33.49 13.54 43.07
CA ASP A 548 -33.58 14.31 44.30
C ASP A 548 -34.99 14.63 44.85
N GLU A 549 -36.00 14.73 43.98
CA GLU A 549 -37.35 15.02 44.48
C GLU A 549 -37.85 13.92 45.42
N ASP A 561 -31.24 10.21 52.34
CA ASP A 561 -30.23 9.29 52.85
C ASP A 561 -29.37 8.76 51.68
N PRO A 562 -28.12 9.26 51.52
CA PRO A 562 -27.27 8.82 50.40
C PRO A 562 -26.66 7.40 50.54
N ASP A 563 -26.84 6.78 51.71
CA ASP A 563 -26.30 5.44 51.98
C ASP A 563 -27.36 4.33 51.75
N ASP A 564 -28.65 4.71 51.72
CA ASP A 564 -29.76 3.77 51.49
C ASP A 564 -29.64 3.14 50.10
N THR A 565 -29.47 1.82 50.07
CA THR A 565 -29.34 1.10 48.80
C THR A 565 -30.52 0.14 48.52
N SER A 566 -31.54 0.12 49.37
CA SER A 566 -32.67 -0.78 49.16
C SER A 566 -33.38 -0.53 47.80
N GLU A 567 -33.83 -1.61 47.18
CA GLU A 567 -34.52 -1.53 45.89
C GLU A 567 -35.88 -0.85 46.05
N GLN A 568 -36.18 0.06 45.14
CA GLN A 568 -37.41 0.85 45.20
C GLN A 568 -38.10 0.82 43.85
N LEU A 569 -39.44 0.86 43.85
CA LEU A 569 -40.23 0.79 42.62
C LEU A 569 -40.22 2.04 41.74
N VAL A 570 -40.05 1.80 40.43
CA VAL A 570 -40.08 2.85 39.41
C VAL A 570 -41.06 2.40 38.31
N ILE A 571 -41.94 3.30 37.90
CA ILE A 571 -42.83 3.02 36.81
C ILE A 571 -42.53 3.99 35.69
N VAL A 572 -42.23 3.47 34.51
CA VAL A 572 -42.03 4.31 33.31
C VAL A 572 -43.28 4.10 32.46
N ALA A 573 -43.95 5.16 32.05
CA ALA A 573 -45.16 4.99 31.22
C ALA A 573 -45.25 6.00 30.08
N GLU A 574 -45.58 5.55 28.88
CA GLU A 574 -45.73 6.45 27.76
C GLU A 574 -47.11 7.09 27.83
N ARG A 575 -47.20 8.34 27.39
CA ARG A 575 -48.45 9.08 27.38
C ARG A 575 -49.20 8.76 26.09
N ALA A 576 -50.52 8.58 26.22
CA ALA A 576 -51.37 8.30 25.07
C ALA A 576 -51.35 9.54 24.17
N PRO A 577 -51.19 9.34 22.83
CA PRO A 577 -51.18 10.51 21.93
C PRO A 577 -52.57 11.09 21.66
N LYS A 581 -52.13 17.81 26.16
CA LYS A 581 -51.23 17.19 27.13
C LYS A 581 -51.65 17.51 28.57
N LEU A 582 -51.98 16.45 29.32
CA LEU A 582 -52.44 16.57 30.71
C LEU A 582 -51.25 16.61 31.68
N ASP A 583 -51.33 17.45 32.71
CA ASP A 583 -50.21 17.56 33.66
C ASP A 583 -49.89 16.24 34.41
N ILE A 584 -48.63 16.14 34.82
CA ILE A 584 -48.07 14.96 35.48
C ILE A 584 -48.60 14.63 36.89
N GLY A 585 -48.93 15.66 37.66
CA GLY A 585 -49.40 15.48 39.05
C GLY A 585 -50.53 14.48 39.22
N PRO A 586 -51.73 14.80 38.67
CA PRO A 586 -52.90 13.91 38.77
C PRO A 586 -52.66 12.49 38.27
N ILE A 587 -51.95 12.34 37.16
CA ILE A 587 -51.65 11.02 36.59
C ILE A 587 -50.76 10.21 37.54
N THR A 588 -49.72 10.84 38.07
CA THR A 588 -48.78 10.19 38.98
C THR A 588 -49.51 9.71 40.23
N ASP A 589 -50.31 10.58 40.82
CA ASP A 589 -51.08 10.25 42.02
C ASP A 589 -52.07 9.11 41.76
N ASP A 590 -52.66 9.05 40.56
CA ASP A 590 -53.59 7.94 40.25
C ASP A 590 -52.82 6.60 40.15
N ILE A 591 -51.64 6.64 39.54
CA ILE A 591 -50.81 5.47 39.40
C ILE A 591 -50.35 5.03 40.79
N ARG A 592 -49.74 5.95 41.54
CA ARG A 592 -49.26 5.66 42.90
C ARG A 592 -50.35 5.10 43.77
N ALA A 593 -51.53 5.72 43.76
CA ALA A 593 -52.64 5.26 44.62
C ALA A 593 -53.15 3.88 44.21
N ALA A 594 -53.28 3.61 42.92
CA ALA A 594 -53.79 2.30 42.50
C ALA A 594 -52.81 1.16 42.88
N ILE A 595 -51.50 1.40 42.70
CA ILE A 595 -50.51 0.39 43.01
C ILE A 595 -50.42 0.15 44.54
N ALA A 596 -50.47 1.23 45.31
CA ALA A 596 -50.41 1.14 46.76
C ALA A 596 -51.54 0.30 47.32
N VAL A 597 -52.77 0.55 46.86
CA VAL A 597 -53.93 -0.18 47.39
C VAL A 597 -53.95 -1.65 47.04
N ARG A 598 -53.70 -2.03 45.79
CA ARG A 598 -53.78 -3.47 45.50
C ARG A 598 -52.49 -4.27 45.66
N HIS A 599 -51.33 -3.63 45.54
CA HIS A 599 -50.04 -4.32 45.66
C HIS A 599 -49.29 -4.04 46.96
N GLY A 600 -49.76 -3.10 47.77
CA GLY A 600 -49.09 -2.77 49.04
C GLY A 600 -47.64 -2.32 48.90
N VAL A 601 -47.31 -1.67 47.77
CA VAL A 601 -45.98 -1.15 47.53
C VAL A 601 -46.13 0.30 47.03
N THR A 602 -45.21 1.17 47.42
CA THR A 602 -45.25 2.58 47.04
C THR A 602 -44.28 2.86 45.88
N VAL A 603 -44.80 3.41 44.79
CA VAL A 603 -43.95 3.79 43.66
C VAL A 603 -43.17 5.02 44.11
N ARG A 604 -41.85 4.98 44.00
CA ARG A 604 -41.03 6.10 44.41
C ARG A 604 -40.86 7.10 43.32
N ASP A 605 -40.93 6.64 42.09
CA ASP A 605 -40.81 7.55 40.95
C ASP A 605 -41.65 7.04 39.77
N VAL A 606 -42.46 7.93 39.22
CA VAL A 606 -43.26 7.66 38.03
C VAL A 606 -42.68 8.57 36.97
N LEU A 607 -42.11 7.99 35.91
CA LEU A 607 -41.55 8.79 34.82
C LEU A 607 -42.46 8.61 33.60
N LEU A 608 -43.05 9.71 33.14
CA LEU A 608 -43.93 9.70 31.98
C LEU A 608 -43.13 10.19 30.81
N THR A 609 -43.24 9.47 29.68
CA THR A 609 -42.47 9.81 28.49
C THR A 609 -43.37 9.98 27.29
N ALA A 610 -42.78 10.38 26.17
CA ALA A 610 -43.53 10.52 24.94
C ALA A 610 -43.65 9.10 24.37
N ALA A 611 -44.63 8.92 23.50
CA ALA A 611 -44.82 7.64 22.80
C ALA A 611 -43.51 7.26 22.06
N GLY A 612 -43.13 5.99 22.10
CA GLY A 612 -41.94 5.52 21.44
C GLY A 612 -40.69 5.66 22.29
N ALA A 613 -40.82 6.14 23.52
CA ALA A 613 -39.65 6.35 24.40
C ALA A 613 -39.13 5.12 25.11
N ILE A 614 -40.00 4.17 25.45
CA ILE A 614 -39.53 2.99 26.16
C ILE A 614 -38.75 2.04 25.22
N PRO A 615 -37.55 1.57 25.65
CA PRO A 615 -36.80 0.68 24.80
C PRO A 615 -37.55 -0.61 24.54
N ARG A 616 -37.49 -1.04 23.30
CA ARG A 616 -38.08 -2.26 22.82
C ARG A 616 -37.01 -3.03 22.06
N THR A 617 -37.12 -4.36 22.06
CA THR A 617 -36.16 -5.21 21.33
C THR A 617 -36.46 -5.04 19.86
N SER A 618 -35.63 -5.62 19.01
CA SER A 618 -35.82 -5.49 17.58
C SER A 618 -37.10 -6.18 17.04
N SER A 619 -37.76 -7.06 17.82
CA SER A 619 -39.00 -7.71 17.38
C SER A 619 -40.20 -7.00 17.99
N GLY A 620 -39.94 -5.96 18.79
CA GLY A 620 -41.02 -5.14 19.38
C GLY A 620 -41.42 -5.38 20.83
N LYS A 621 -40.69 -6.24 21.54
CA LYS A 621 -41.02 -6.51 22.94
C LYS A 621 -40.54 -5.38 23.85
N ILE A 622 -41.36 -4.97 24.79
CA ILE A 622 -40.93 -3.99 25.79
C ILE A 622 -39.74 -4.63 26.49
N GLY A 623 -38.61 -3.91 26.57
CA GLY A 623 -37.40 -4.44 27.22
C GLY A 623 -37.27 -3.78 28.59
N ARG A 624 -37.62 -4.50 29.65
CA ARG A 624 -37.58 -3.95 31.01
C ARG A 624 -36.19 -3.65 31.55
N ARG A 625 -35.24 -4.58 31.35
CA ARG A 625 -33.87 -4.37 31.76
C ARG A 625 -33.31 -3.20 30.92
N ALA A 626 -33.64 -3.15 29.64
CA ALA A 626 -33.15 -2.04 28.82
C ALA A 626 -33.76 -0.70 29.27
N CYS A 627 -35.02 -0.73 29.70
CA CYS A 627 -35.66 0.49 30.18
C CYS A 627 -34.98 0.96 31.48
N ARG A 628 -34.66 0.01 32.34
CA ARG A 628 -33.95 0.33 33.57
C ARG A 628 -32.56 0.94 33.28
N ALA A 629 -31.83 0.36 32.33
CA ALA A 629 -30.51 0.84 31.95
C ALA A 629 -30.62 2.24 31.38
N ALA A 630 -31.68 2.50 30.63
CA ALA A 630 -31.87 3.85 30.06
C ALA A 630 -32.25 4.83 31.16
N TYR A 631 -33.02 4.37 32.14
CA TYR A 631 -33.38 5.20 33.30
C TYR A 631 -32.12 5.62 34.05
N LEU A 632 -31.20 4.66 34.26
CA LEU A 632 -29.95 4.90 35.01
C LEU A 632 -28.81 5.59 34.23
N ASP A 633 -28.76 5.46 32.90
CA ASP A 633 -27.63 6.07 32.15
C ASP A 633 -27.86 7.50 31.59
N GLY A 634 -29.01 8.08 31.92
CA GLY A 634 -29.36 9.41 31.49
C GLY A 634 -30.19 9.54 30.21
N SER A 635 -30.26 8.51 29.36
CA SER A 635 -30.97 8.63 28.07
C SER A 635 -32.50 8.68 28.11
N LEU A 636 -33.11 7.94 29.01
CA LEU A 636 -34.57 7.88 29.10
C LEU A 636 -35.19 9.22 29.54
N ARG A 637 -34.63 9.85 30.58
CA ARG A 637 -35.15 11.12 31.09
C ARG A 637 -34.91 12.27 30.11
N ALA A 638 -33.82 12.21 29.36
CA ALA A 638 -33.50 13.24 28.35
C ALA A 638 -34.31 13.03 27.07
N GLY A 639 -35.11 11.96 27.03
CA GLY A 639 -35.97 11.64 25.88
C GLY A 639 -35.22 11.26 24.62
N LYS A 640 -34.07 10.61 24.76
CA LYS A 640 -33.20 10.26 23.63
C LYS A 640 -32.81 8.79 23.53
N VAL A 641 -33.83 7.95 23.53
CA VAL A 641 -33.69 6.51 23.43
C VAL A 641 -33.85 6.10 21.94
N ALA A 642 -32.99 5.21 21.47
CA ALA A 642 -33.06 4.74 20.10
C ALA A 642 -33.87 3.46 20.01
N ASN A 643 -34.93 3.46 19.20
CA ASN A 643 -35.73 2.27 18.95
C ASN A 643 -35.73 1.95 17.46
N ASP A 644 -35.60 0.68 17.11
CA ASP A 644 -35.60 0.32 15.70
C ASP A 644 -36.90 -0.36 15.23
N PHE A 645 -37.73 -0.89 16.15
CA PHE A 645 -38.96 -1.53 15.73
C PHE A 645 -39.98 -0.42 15.34
N PRO A 646 -40.69 -0.57 14.20
CA PRO A 646 -41.64 0.49 13.79
C PRO A 646 -42.71 0.76 14.85
N ASP A 647 -42.94 2.04 15.15
CA ASP A 647 -43.96 2.44 16.13
C ASP A 647 -45.18 3.05 15.40
N ALA A 648 -46.38 2.74 15.91
CA ALA A 648 -47.66 3.21 15.36
C ALA A 648 -47.69 4.72 15.02
N THR A 649 -47.23 5.57 15.94
CA THR A 649 -47.18 7.03 15.71
C THR A 649 -46.10 7.35 14.66
N ASP A 650 -44.85 6.95 14.97
CA ASP A 650 -43.66 7.13 14.09
C ASP A 650 -42.59 6.04 14.32
N ILE B 28 -9.45 -20.16 -33.69
CA ILE B 28 -10.46 -20.30 -32.59
C ILE B 28 -9.76 -21.12 -31.46
N LYS B 29 -10.35 -22.24 -31.00
CA LYS B 29 -9.77 -23.12 -29.94
C LYS B 29 -10.18 -22.78 -28.49
N ASP B 30 -10.23 -23.83 -27.65
CA ASP B 30 -10.58 -23.77 -26.23
C ASP B 30 -9.34 -24.13 -25.38
N GLY B 31 -9.33 -23.70 -24.11
CA GLY B 31 -8.19 -23.91 -23.22
C GLY B 31 -7.32 -22.68 -23.45
N GLN B 32 -6.36 -22.80 -24.35
CA GLN B 32 -5.50 -21.68 -24.77
C GLN B 32 -5.80 -21.35 -26.22
N ILE B 33 -4.95 -20.51 -26.82
CA ILE B 33 -5.13 -20.13 -28.21
C ILE B 33 -4.19 -20.96 -29.09
N LYS B 34 -4.76 -21.60 -30.11
CA LYS B 34 -4.02 -22.42 -31.06
C LYS B 34 -4.57 -22.19 -32.46
N PHE B 35 -3.65 -22.10 -33.43
CA PHE B 35 -4.00 -21.90 -34.84
C PHE B 35 -3.59 -23.17 -35.59
N PRO B 36 -4.30 -23.52 -36.69
CA PRO B 36 -3.93 -24.71 -37.50
C PRO B 36 -2.44 -24.75 -37.86
N ASP B 37 -1.93 -25.94 -38.23
CA ASP B 37 -0.50 -26.12 -38.56
C ASP B 37 0.07 -25.25 -39.70
N GLY B 38 -0.66 -25.12 -40.82
CA GLY B 38 -0.19 -24.31 -41.96
C GLY B 38 -0.37 -22.79 -41.88
N SER B 39 -1.11 -22.32 -40.85
CA SER B 39 -1.45 -20.89 -40.63
C SER B 39 -0.38 -19.80 -40.87
N SER B 40 -0.86 -18.65 -41.33
CA SER B 40 -0.03 -17.49 -41.63
C SER B 40 -0.93 -16.22 -41.59
N ILE B 41 -0.39 -15.06 -41.20
CA ILE B 41 -1.19 -13.81 -41.19
C ILE B 41 -1.42 -13.30 -42.63
N VAL B 42 -0.43 -13.54 -43.48
CA VAL B 42 -0.47 -13.13 -44.88
C VAL B 42 -1.53 -13.94 -45.63
N ALA B 43 -1.51 -15.26 -45.47
CA ALA B 43 -2.51 -16.12 -46.13
C ALA B 43 -3.91 -15.84 -45.57
N HIS B 44 -3.98 -15.37 -44.32
CA HIS B 44 -5.26 -15.05 -43.67
C HIS B 44 -5.87 -13.78 -44.27
N VAL B 45 -5.05 -12.77 -44.50
CA VAL B 45 -5.50 -11.53 -45.11
C VAL B 45 -5.88 -11.77 -46.55
N GLU B 46 -5.06 -12.53 -47.27
CA GLU B 46 -5.35 -12.82 -48.68
C GLU B 46 -6.66 -13.54 -48.84
N ARG B 47 -6.96 -14.42 -47.90
CA ARG B 47 -8.21 -15.18 -47.91
C ARG B 47 -9.40 -14.21 -47.82
N TRP B 48 -9.32 -13.28 -46.88
N TRP B 48 -9.33 -13.30 -46.85
CA TRP B 48 -10.41 -12.31 -46.67
CA TRP B 48 -10.37 -12.27 -46.65
C TRP B 48 -10.56 -11.35 -47.87
C TRP B 48 -10.56 -11.39 -47.89
N ALA B 49 -9.45 -11.11 -48.57
CA ALA B 49 -9.45 -10.26 -49.76
C ALA B 49 -10.11 -10.91 -50.97
N LYS B 50 -9.98 -12.22 -51.09
CA LYS B 50 -10.60 -12.98 -52.19
C LYS B 50 -12.13 -13.11 -51.95
N VAL B 51 -12.52 -13.18 -50.68
CA VAL B 51 -13.93 -13.27 -50.27
C VAL B 51 -14.62 -11.91 -50.36
N ARG B 52 -14.02 -10.89 -49.75
CA ARG B 52 -14.62 -9.56 -49.72
C ARG B 52 -14.34 -8.67 -50.94
N GLY B 53 -13.53 -9.17 -51.87
CA GLY B 53 -13.21 -8.45 -53.11
C GLY B 53 -13.22 -6.93 -53.15
N ASP B 54 -14.34 -6.36 -53.61
CA ASP B 54 -14.48 -4.91 -53.77
C ASP B 54 -15.02 -4.18 -52.55
N LYS B 55 -15.29 -4.91 -51.46
CA LYS B 55 -15.76 -4.27 -50.23
C LYS B 55 -14.60 -3.49 -49.60
N LEU B 56 -14.94 -2.39 -48.97
CA LEU B 56 -13.99 -1.49 -48.35
C LEU B 56 -13.22 -2.13 -47.19
N ALA B 57 -11.89 -1.90 -47.14
CA ALA B 57 -11.01 -2.40 -46.06
C ALA B 57 -10.57 -1.27 -45.12
N TYR B 58 -10.12 -0.15 -45.71
CA TYR B 58 -9.67 1.02 -44.97
C TYR B 58 -10.13 2.34 -45.57
N ARG B 59 -10.37 3.30 -44.69
CA ARG B 59 -10.74 4.64 -45.07
C ARG B 59 -9.97 5.62 -44.25
N PHE B 60 -9.30 6.53 -44.94
CA PHE B 60 -8.55 7.60 -44.32
C PHE B 60 -9.32 8.89 -44.55
N LEU B 61 -9.65 9.60 -43.48
CA LEU B 61 -10.33 10.87 -43.58
C LEU B 61 -9.24 11.93 -43.60
N ASP B 62 -9.04 12.55 -44.75
CA ASP B 62 -8.01 13.56 -44.93
C ASP B 62 -8.64 14.95 -44.76
N PHE B 63 -8.14 15.74 -43.80
CA PHE B 63 -8.64 17.10 -43.53
C PHE B 63 -7.67 18.19 -43.98
N SER B 64 -6.66 17.82 -44.78
CA SER B 64 -5.65 18.78 -45.27
C SER B 64 -6.18 19.72 -46.35
N THR B 65 -6.95 19.18 -47.31
CA THR B 65 -7.54 20.03 -48.36
C THR B 65 -8.77 20.68 -47.72
N GLU B 66 -9.95 20.09 -47.91
CA GLU B 66 -11.14 20.66 -47.32
C GLU B 66 -11.16 20.44 -45.80
N ARG B 67 -11.75 21.40 -45.11
CA ARG B 67 -11.90 21.39 -43.65
C ARG B 67 -12.90 20.31 -43.19
N ASP B 68 -13.87 19.97 -44.05
CA ASP B 68 -14.88 18.96 -43.72
C ASP B 68 -14.36 17.54 -43.82
N GLY B 69 -13.30 17.34 -44.61
CA GLY B 69 -12.71 16.00 -44.78
C GLY B 69 -13.06 15.36 -46.10
N VAL B 70 -12.09 14.67 -46.69
CA VAL B 70 -12.25 13.95 -47.95
C VAL B 70 -11.92 12.48 -47.68
N PRO B 71 -12.85 11.57 -47.95
CA PRO B 71 -12.52 10.16 -47.72
C PRO B 71 -11.63 9.57 -48.79
N ARG B 72 -10.60 8.83 -48.38
CA ARG B 72 -9.70 8.14 -49.29
C ARG B 72 -9.86 6.68 -48.91
N ASP B 73 -10.33 5.89 -49.86
CA ASP B 73 -10.64 4.50 -49.64
C ASP B 73 -9.74 3.50 -50.32
N LEU B 74 -9.62 2.34 -49.69
CA LEU B 74 -8.84 1.25 -50.20
C LEU B 74 -9.69 0.01 -49.99
N THR B 75 -10.04 -0.65 -51.10
CA THR B 75 -10.82 -1.89 -51.06
C THR B 75 -9.88 -3.04 -50.74
N TRP B 76 -10.46 -4.19 -50.39
CA TRP B 76 -9.68 -5.40 -50.09
C TRP B 76 -8.86 -5.87 -51.27
N ALA B 77 -9.44 -5.78 -52.47
CA ALA B 77 -8.70 -6.20 -53.69
C ALA B 77 -7.52 -5.25 -54.00
N GLN B 78 -7.71 -3.94 -53.79
CA GLN B 78 -6.63 -2.94 -54.01
C GLN B 78 -5.54 -3.07 -52.94
N PHE B 79 -5.98 -3.32 -51.71
CA PHE B 79 -5.10 -3.50 -50.55
C PHE B 79 -4.22 -4.71 -50.79
N SER B 80 -4.84 -5.81 -51.19
CA SER B 80 -4.09 -7.03 -51.51
C SER B 80 -3.08 -6.80 -52.65
N ALA B 81 -3.54 -6.17 -53.73
CA ALA B 81 -2.67 -5.93 -54.89
C ALA B 81 -1.45 -5.07 -54.50
N ARG B 82 -1.68 -3.97 -53.80
CA ARG B 82 -0.58 -3.11 -53.40
C ARG B 82 0.38 -3.85 -52.46
N ASN B 83 -0.16 -4.56 -51.47
CA ASN B 83 0.67 -5.33 -50.54
C ASN B 83 1.62 -6.27 -51.28
N ARG B 84 1.06 -7.01 -52.25
CA ARG B 84 1.85 -7.97 -53.03
C ARG B 84 2.88 -7.31 -53.95
N ALA B 85 2.55 -6.14 -54.50
CA ALA B 85 3.50 -5.42 -55.35
C ALA B 85 4.64 -4.85 -54.52
N VAL B 86 4.31 -4.23 -53.39
CA VAL B 86 5.34 -3.69 -52.50
C VAL B 86 6.23 -4.82 -51.97
N ALA B 87 5.62 -5.94 -51.59
CA ALA B 87 6.38 -7.07 -51.07
C ALA B 87 7.33 -7.63 -52.14
N ALA B 88 6.86 -7.72 -53.38
CA ALA B 88 7.72 -8.22 -54.44
C ALA B 88 8.93 -7.31 -54.63
N ARG B 89 8.74 -5.98 -54.63
CA ARG B 89 9.87 -5.06 -54.79
C ARG B 89 10.85 -5.22 -53.60
N LEU B 90 10.33 -5.40 -52.38
CA LEU B 90 11.16 -5.60 -51.22
C LEU B 90 12.04 -6.84 -51.34
N GLN B 91 11.45 -7.90 -51.88
CA GLN B 91 12.18 -9.15 -52.08
C GLN B 91 13.35 -9.01 -53.06
N GLN B 92 13.30 -8.01 -53.95
CA GLN B 92 14.41 -7.78 -54.90
C GLN B 92 15.60 -7.07 -54.23
N VAL B 93 15.38 -6.37 -53.13
CA VAL B 93 16.47 -5.59 -52.48
C VAL B 93 16.75 -5.87 -51.01
N THR B 94 16.19 -6.93 -50.44
CA THR B 94 16.43 -7.30 -49.04
C THR B 94 16.41 -8.81 -48.94
N GLN B 95 17.04 -9.32 -47.87
CA GLN B 95 17.12 -10.76 -47.59
C GLN B 95 16.30 -11.09 -46.34
N PRO B 96 15.98 -12.39 -46.15
CA PRO B 96 15.23 -12.76 -44.94
C PRO B 96 15.99 -12.33 -43.67
N GLY B 97 15.26 -11.83 -42.69
CA GLY B 97 15.85 -11.37 -41.44
C GLY B 97 16.15 -9.87 -41.45
N ASP B 98 16.11 -9.23 -42.62
CA ASP B 98 16.39 -7.80 -42.72
C ASP B 98 15.20 -7.02 -42.17
N ARG B 99 15.50 -5.86 -41.59
CA ARG B 99 14.49 -4.95 -41.09
C ARG B 99 14.17 -3.94 -42.22
N VAL B 100 12.89 -3.55 -42.30
CA VAL B 100 12.40 -2.58 -43.26
C VAL B 100 11.64 -1.52 -42.47
N ALA B 101 12.20 -0.32 -42.38
CA ALA B 101 11.59 0.78 -41.62
C ALA B 101 10.54 1.57 -42.41
N ILE B 102 9.39 1.83 -41.80
CA ILE B 102 8.35 2.62 -42.42
C ILE B 102 8.49 4.07 -41.95
N LEU B 103 8.99 4.95 -42.82
CA LEU B 103 9.16 6.39 -42.54
C LEU B 103 8.14 7.13 -43.41
N CYS B 104 6.93 7.16 -42.89
CA CYS B 104 5.81 7.64 -43.65
C CYS B 104 4.80 8.35 -42.79
N PRO B 105 4.06 9.33 -43.38
CA PRO B 105 3.01 9.97 -42.62
C PRO B 105 1.84 9.01 -42.41
N GLN B 106 0.89 9.44 -41.59
CA GLN B 106 -0.29 8.66 -41.28
C GLN B 106 -1.23 8.74 -42.48
N ASN B 107 -1.28 7.68 -43.27
CA ASN B 107 -2.17 7.61 -44.42
C ASN B 107 -2.34 6.15 -44.87
N LEU B 108 -3.02 5.91 -45.98
CA LEU B 108 -3.21 4.54 -46.48
C LEU B 108 -1.88 3.86 -46.85
N ASP B 109 -0.92 4.65 -47.33
CA ASP B 109 0.36 4.13 -47.76
C ASP B 109 1.14 3.49 -46.60
N TYR B 110 0.97 4.05 -45.40
CA TYR B 110 1.65 3.53 -44.22
C TYR B 110 1.27 2.09 -44.00
N LEU B 111 -0.02 1.81 -44.12
CA LEU B 111 -0.56 0.48 -43.91
C LEU B 111 -0.11 -0.43 -45.02
N VAL B 112 -0.14 0.08 -46.25
CA VAL B 112 0.36 -0.70 -47.39
C VAL B 112 1.85 -1.06 -47.16
N ALA B 113 2.62 -0.13 -46.60
CA ALA B 113 4.03 -0.40 -46.34
C ALA B 113 4.21 -1.48 -45.27
N PHE B 114 3.42 -1.36 -44.18
CA PHE B 114 3.48 -2.31 -43.08
C PHE B 114 3.12 -3.70 -43.57
N PHE B 115 1.96 -3.84 -44.20
CA PHE B 115 1.56 -5.15 -44.71
C PHE B 115 2.51 -5.63 -45.81
N GLY B 116 3.07 -4.69 -46.56
CA GLY B 116 4.02 -5.03 -47.61
C GLY B 116 5.22 -5.74 -47.06
N ALA B 117 5.74 -5.21 -45.95
CA ALA B 117 6.87 -5.80 -45.28
C ALA B 117 6.52 -7.20 -44.75
N LEU B 118 5.32 -7.38 -44.19
CA LEU B 118 4.94 -8.72 -43.71
C LEU B 118 4.80 -9.68 -44.89
N TYR B 119 4.13 -9.25 -45.96
CA TYR B 119 3.94 -10.07 -47.17
C TYR B 119 5.31 -10.46 -47.78
N ALA B 120 6.34 -9.62 -47.62
CA ALA B 120 7.66 -9.93 -48.15
C ALA B 120 8.44 -10.89 -47.28
N GLY B 121 7.98 -11.13 -46.05
CA GLY B 121 8.68 -12.00 -45.12
C GLY B 121 9.87 -11.29 -44.50
N ARG B 122 9.74 -9.99 -44.27
CA ARG B 122 10.81 -9.19 -43.66
C ARG B 122 10.28 -8.55 -42.35
N ILE B 123 11.19 -8.08 -41.52
CA ILE B 123 10.82 -7.48 -40.25
C ILE B 123 10.48 -6.00 -40.37
N ALA B 124 9.22 -5.66 -40.22
CA ALA B 124 8.84 -4.26 -40.32
C ALA B 124 9.26 -3.48 -39.10
N VAL B 125 9.49 -2.19 -39.26
CA VAL B 125 9.81 -1.31 -38.13
C VAL B 125 9.00 -0.01 -38.36
N PRO B 126 7.76 0.04 -37.83
CA PRO B 126 6.94 1.21 -38.02
C PRO B 126 7.48 2.43 -37.28
N LEU B 127 7.83 3.48 -38.02
CA LEU B 127 8.33 4.72 -37.42
C LEU B 127 7.49 5.89 -37.95
N PHE B 128 8.12 6.99 -38.33
CA PHE B 128 7.37 8.16 -38.76
C PHE B 128 8.16 8.95 -39.79
N ASP B 129 7.54 10.03 -40.28
CA ASP B 129 8.11 10.91 -41.31
C ASP B 129 9.12 11.83 -40.66
N PRO B 130 10.40 11.75 -41.07
CA PRO B 130 11.38 12.64 -40.44
C PRO B 130 11.26 14.13 -40.81
N SER B 131 10.30 14.52 -41.64
CA SER B 131 10.10 15.94 -41.95
C SER B 131 9.79 16.74 -40.68
N GLU B 132 9.22 16.05 -39.67
CA GLU B 132 8.98 16.65 -38.34
C GLU B 132 10.36 16.81 -37.69
N PRO B 133 10.87 18.06 -37.56
CA PRO B 133 12.22 18.22 -36.98
C PRO B 133 12.31 18.06 -35.45
N GLY B 134 11.24 17.58 -34.81
CA GLY B 134 11.23 17.38 -33.36
C GLY B 134 12.04 16.16 -32.92
N HIS B 135 12.97 16.39 -31.99
CA HIS B 135 13.87 15.38 -31.39
C HIS B 135 14.21 14.20 -32.33
N VAL B 136 14.91 14.52 -33.42
CA VAL B 136 15.34 13.51 -34.40
C VAL B 136 16.46 12.62 -33.84
N GLY B 137 16.96 12.97 -32.64
CA GLY B 137 18.00 12.17 -31.97
C GLY B 137 17.51 10.77 -31.61
N ARG B 138 16.19 10.63 -31.47
CA ARG B 138 15.57 9.34 -31.17
C ARG B 138 15.51 8.54 -32.47
N LEU B 139 15.19 9.19 -33.58
CA LEU B 139 15.18 8.49 -34.85
C LEU B 139 16.59 7.92 -35.16
N HIS B 140 17.63 8.73 -34.96
CA HIS B 140 19.02 8.28 -35.17
C HIS B 140 19.31 7.12 -34.23
N ALA B 141 18.86 7.21 -32.98
CA ALA B 141 19.10 6.16 -32.02
C ALA B 141 18.39 4.87 -32.40
N VAL B 142 17.14 4.96 -32.87
CA VAL B 142 16.38 3.77 -33.32
C VAL B 142 17.11 3.11 -34.48
N LEU B 143 17.53 3.91 -35.47
CA LEU B 143 18.23 3.35 -36.64
C LEU B 143 19.58 2.75 -36.24
N ASP B 144 20.23 3.34 -35.22
CA ASP B 144 21.51 2.82 -34.70
C ASP B 144 21.32 1.47 -33.97
N ASN B 145 20.06 1.06 -33.78
CA ASN B 145 19.77 -0.22 -33.15
C ASN B 145 19.27 -1.26 -34.14
N CYS B 146 18.31 -0.89 -35.01
CA CYS B 146 17.72 -1.86 -35.96
C CYS B 146 18.35 -1.95 -37.36
N HIS B 147 19.19 -0.98 -37.76
CA HIS B 147 19.90 -1.01 -39.07
C HIS B 147 19.10 -1.61 -40.26
N PRO B 148 18.03 -0.94 -40.68
CA PRO B 148 17.22 -1.46 -41.77
C PRO B 148 17.96 -1.53 -43.12
N SER B 149 17.60 -2.54 -43.92
CA SER B 149 18.14 -2.73 -45.25
C SER B 149 17.30 -1.97 -46.31
N ALA B 150 16.13 -1.47 -45.93
CA ALA B 150 15.31 -0.70 -46.86
C ALA B 150 14.40 0.22 -46.06
N ILE B 151 13.93 1.28 -46.72
CA ILE B 151 13.04 2.26 -46.11
C ILE B 151 11.80 2.37 -47.00
N LEU B 152 10.60 2.34 -46.39
CA LEU B 152 9.34 2.50 -47.12
C LEU B 152 8.73 3.86 -46.80
N THR B 153 8.40 4.62 -47.85
CA THR B 153 7.81 5.94 -47.66
C THR B 153 6.91 6.25 -48.86
N THR B 154 6.46 7.50 -48.99
CA THR B 154 5.64 7.91 -50.13
C THR B 154 6.48 8.81 -51.04
N THR B 155 6.00 8.97 -52.28
CA THR B 155 6.65 9.83 -53.25
C THR B 155 6.75 11.26 -52.69
N GLU B 156 5.66 11.74 -52.08
CA GLU B 156 5.67 13.09 -51.52
C GLU B 156 6.69 13.25 -50.40
N ALA B 157 6.84 12.25 -49.54
CA ALA B 157 7.80 12.35 -48.43
C ALA B 157 9.23 11.90 -48.80
N ALA B 158 9.39 11.31 -49.98
CA ALA B 158 10.71 10.77 -50.39
C ALA B 158 11.91 11.73 -50.31
N GLU B 159 11.73 12.98 -50.77
CA GLU B 159 12.82 13.94 -50.74
C GLU B 159 13.22 14.24 -49.31
N GLY B 160 12.25 14.43 -48.43
CA GLY B 160 12.56 14.68 -47.01
C GLY B 160 13.33 13.53 -46.34
N VAL B 161 13.01 12.32 -46.74
CA VAL B 161 13.63 11.11 -46.23
C VAL B 161 15.08 11.00 -46.72
N ARG B 162 15.32 11.27 -48.00
CA ARG B 162 16.69 11.24 -48.56
C ARG B 162 17.54 12.28 -47.87
N LYS B 163 16.96 13.48 -47.67
CA LYS B 163 17.65 14.56 -46.97
C LYS B 163 18.04 14.07 -45.58
N PHE B 164 17.09 13.50 -44.83
CA PHE B 164 17.41 12.98 -43.53
C PHE B 164 18.55 11.94 -43.62
N PHE B 165 18.53 11.07 -44.63
CA PHE B 165 19.58 10.05 -44.75
C PHE B 165 20.95 10.62 -45.13
N ARG B 166 20.97 11.80 -45.74
CA ARG B 166 22.26 12.45 -46.02
C ARG B 166 22.97 12.90 -44.71
N THR B 167 22.25 12.88 -43.59
CA THR B 167 22.83 13.20 -42.28
C THR B 167 23.32 11.91 -41.59
N ARG B 168 23.15 10.75 -42.22
CA ARG B 168 23.62 9.47 -41.66
C ARG B 168 24.90 9.12 -42.41
N PRO B 169 25.73 8.25 -41.83
CA PRO B 169 26.95 7.88 -42.55
C PRO B 169 26.65 7.18 -43.88
N ALA B 170 27.51 7.42 -44.87
CA ALA B 170 27.40 6.86 -46.23
C ALA B 170 27.10 5.36 -46.29
N ASN B 171 27.62 4.57 -45.36
CA ASN B 171 27.32 3.12 -45.37
C ASN B 171 26.02 2.75 -44.64
N GLN B 172 25.29 3.77 -44.15
CA GLN B 172 24.00 3.57 -43.47
C GLN B 172 22.88 4.35 -44.19
N ARG B 173 22.89 4.29 -45.53
CA ARG B 173 21.88 4.93 -46.38
C ARG B 173 21.13 3.87 -47.15
N PRO B 174 20.26 3.15 -46.46
CA PRO B 174 19.53 2.08 -47.13
C PRO B 174 18.59 2.57 -48.23
N ARG B 175 18.37 1.67 -49.19
CA ARG B 175 17.49 1.85 -50.35
C ARG B 175 16.11 2.34 -49.94
N VAL B 176 15.70 3.47 -50.52
CA VAL B 176 14.40 4.11 -50.28
C VAL B 176 13.42 3.77 -51.39
N ILE B 177 12.23 3.32 -51.00
CA ILE B 177 11.18 2.92 -51.93
C ILE B 177 9.91 3.69 -51.62
N ALA B 178 9.39 4.34 -52.64
CA ALA B 178 8.13 5.05 -52.52
C ALA B 178 7.07 4.03 -52.86
N VAL B 179 6.26 3.63 -51.87
CA VAL B 179 5.25 2.59 -52.09
C VAL B 179 4.13 2.96 -53.07
N ASP B 180 3.86 4.25 -53.25
CA ASP B 180 2.81 4.64 -54.19
C ASP B 180 3.36 4.68 -55.63
N ALA B 181 4.65 4.49 -55.79
CA ALA B 181 5.23 4.49 -57.13
C ALA B 181 5.57 3.09 -57.61
N VAL B 182 5.17 2.04 -56.89
CA VAL B 182 5.43 0.68 -57.33
C VAL B 182 4.21 0.20 -58.10
N PRO B 183 4.36 0.01 -59.43
CA PRO B 183 3.16 -0.44 -60.19
C PRO B 183 2.57 -1.76 -59.64
N ASP B 184 1.25 -1.90 -59.69
CA ASP B 184 0.56 -3.12 -59.24
C ASP B 184 1.11 -4.39 -59.89
N ASP B 185 1.38 -4.31 -61.18
CA ASP B 185 1.87 -5.47 -61.92
C ASP B 185 3.22 -6.07 -61.43
N VAL B 186 3.96 -5.36 -60.58
CA VAL B 186 5.21 -5.91 -60.02
C VAL B 186 4.87 -7.15 -59.17
N ALA B 187 3.63 -7.22 -58.70
CA ALA B 187 3.15 -8.35 -57.89
C ALA B 187 3.25 -9.72 -58.54
N SER B 188 3.29 -9.77 -59.87
CA SER B 188 3.39 -11.06 -60.57
C SER B 188 4.64 -11.81 -60.10
N THR B 189 5.70 -11.06 -59.78
CA THR B 189 6.97 -11.64 -59.34
C THR B 189 7.06 -11.85 -57.82
N TRP B 190 5.93 -11.71 -57.10
CA TRP B 190 5.91 -11.90 -55.63
C TRP B 190 6.03 -13.37 -55.31
N VAL B 191 6.82 -13.69 -54.30
CA VAL B 191 7.00 -15.05 -53.83
C VAL B 191 6.42 -15.08 -52.43
N ASN B 192 5.48 -15.98 -52.17
CA ASN B 192 4.86 -16.08 -50.84
C ASN B 192 5.96 -16.47 -49.86
N PRO B 193 6.11 -15.69 -48.76
CA PRO B 193 7.19 -16.01 -47.83
C PRO B 193 6.90 -17.29 -47.12
N ASP B 194 7.95 -17.89 -46.61
CA ASP B 194 7.84 -19.14 -45.90
C ASP B 194 6.98 -18.98 -44.65
N GLU B 195 6.31 -20.06 -44.26
CA GLU B 195 5.42 -20.05 -43.11
C GLU B 195 6.16 -19.77 -41.79
N PRO B 196 5.54 -18.97 -40.90
CA PRO B 196 6.20 -18.65 -39.64
C PRO B 196 6.10 -19.74 -38.58
N ASP B 197 7.15 -19.89 -37.78
CA ASP B 197 7.12 -20.81 -36.63
C ASP B 197 6.78 -19.92 -35.41
N GLU B 198 6.93 -20.43 -34.19
CA GLU B 198 6.63 -19.64 -33.00
C GLU B 198 7.64 -18.54 -32.69
N THR B 199 8.83 -18.57 -33.31
CA THR B 199 9.89 -17.55 -33.07
C THR B 199 9.99 -16.43 -34.13
N THR B 200 9.39 -16.63 -35.31
CA THR B 200 9.51 -15.67 -36.41
C THR B 200 8.97 -14.32 -36.03
N ILE B 201 9.85 -13.32 -36.11
CA ILE B 201 9.50 -11.96 -35.78
C ILE B 201 8.77 -11.31 -36.98
N ALA B 202 7.66 -10.63 -36.68
CA ALA B 202 6.88 -9.96 -37.70
C ALA B 202 7.36 -8.53 -37.79
N TYR B 203 7.48 -7.85 -36.63
CA TYR B 203 7.93 -6.49 -36.59
C TYR B 203 8.54 -6.11 -35.24
N LEU B 204 9.15 -4.94 -35.20
CA LEU B 204 9.74 -4.43 -34.00
C LEU B 204 8.93 -3.21 -33.62
N GLN B 205 8.58 -3.11 -32.36
CA GLN B 205 7.83 -1.98 -31.85
C GLN B 205 8.74 -1.18 -30.93
N TYR B 206 9.14 0.00 -31.39
CA TYR B 206 9.94 0.89 -30.56
C TYR B 206 8.97 1.62 -29.66
N THR B 207 9.36 1.75 -28.40
CA THR B 207 8.50 2.32 -27.37
C THR B 207 9.30 3.14 -26.38
N SER B 208 8.75 4.32 -26.02
CA SER B 208 9.38 5.23 -25.05
C SER B 208 9.25 4.68 -23.64
N ARG B 212 16.67 7.33 -21.61
CA ARG B 212 15.76 6.79 -22.63
C ARG B 212 16.47 6.14 -23.84
N ILE B 213 17.07 4.98 -23.62
CA ILE B 213 17.73 4.20 -24.68
C ILE B 213 16.60 3.52 -25.50
N PRO B 214 16.68 3.54 -26.84
CA PRO B 214 15.57 2.96 -27.60
C PRO B 214 15.55 1.45 -27.61
N THR B 215 14.42 0.89 -27.19
CA THR B 215 14.26 -0.55 -27.16
C THR B 215 13.15 -0.95 -28.10
N GLY B 216 13.45 -1.96 -28.91
CA GLY B 216 12.52 -2.46 -29.89
C GLY B 216 12.00 -3.82 -29.50
N VAL B 217 10.73 -3.87 -29.11
CA VAL B 217 10.16 -5.13 -28.75
C VAL B 217 10.01 -6.04 -29.99
N GLN B 218 10.47 -7.27 -29.88
CA GLN B 218 10.32 -8.25 -30.93
C GLN B 218 8.91 -8.85 -30.86
N ILE B 219 8.05 -8.48 -31.80
CA ILE B 219 6.68 -8.97 -31.87
C ILE B 219 6.59 -10.01 -33.00
N THR B 220 6.32 -11.25 -32.62
CA THR B 220 6.26 -12.33 -33.57
C THR B 220 4.90 -12.41 -34.24
N HIS B 221 4.83 -13.19 -35.32
CA HIS B 221 3.58 -13.43 -36.02
C HIS B 221 2.60 -14.07 -35.04
N LEU B 222 3.11 -14.95 -34.18
CA LEU B 222 2.24 -15.60 -33.19
C LEU B 222 1.76 -14.57 -32.12
N ASN B 223 2.64 -13.67 -31.71
CA ASN B 223 2.27 -12.62 -30.75
C ASN B 223 1.12 -11.81 -31.30
N LEU B 224 1.30 -11.34 -32.52
CA LEU B 224 0.29 -10.52 -33.18
C LEU B 224 -1.04 -11.21 -33.31
N ALA B 225 -1.03 -12.42 -33.85
CA ALA B 225 -2.25 -13.21 -34.02
C ALA B 225 -2.93 -13.52 -32.70
N THR B 226 -2.12 -13.74 -31.67
CA THR B 226 -2.68 -14.06 -30.39
C THR B 226 -3.41 -12.87 -29.81
N ASN B 227 -2.75 -11.71 -29.83
CA ASN B 227 -3.33 -10.49 -29.22
C ASN B 227 -4.56 -10.06 -29.98
N VAL B 228 -4.57 -10.27 -31.30
CA VAL B 228 -5.73 -9.91 -32.11
C VAL B 228 -6.91 -10.74 -31.63
N VAL B 229 -6.69 -12.03 -31.42
CA VAL B 229 -7.78 -12.89 -30.93
C VAL B 229 -8.22 -12.44 -29.54
N GLN B 230 -7.25 -12.09 -28.69
CA GLN B 230 -7.55 -11.66 -27.32
C GLN B 230 -8.40 -10.39 -27.31
N VAL B 231 -8.08 -9.45 -28.19
CA VAL B 231 -8.85 -8.19 -28.26
C VAL B 231 -10.27 -8.44 -28.76
N ILE B 232 -10.40 -9.20 -29.84
CA ILE B 232 -11.72 -9.51 -30.42
C ILE B 232 -12.62 -10.21 -29.41
N GLU B 233 -12.04 -11.08 -28.60
CA GLU B 233 -12.80 -11.76 -27.56
C GLU B 233 -13.32 -10.73 -26.56
N ALA B 234 -12.47 -9.79 -26.17
CA ALA B 234 -12.80 -8.75 -25.18
C ALA B 234 -13.77 -7.68 -25.66
N LEU B 235 -13.76 -7.36 -26.95
CA LEU B 235 -14.67 -6.36 -27.51
C LEU B 235 -16.03 -6.91 -27.84
N GLU B 236 -16.16 -8.23 -27.92
CA GLU B 236 -17.45 -8.83 -28.25
C GLU B 236 -18.13 -8.05 -29.39
N GLY B 237 -17.38 -7.79 -30.45
CA GLY B 237 -17.92 -7.08 -31.60
C GLY B 237 -18.91 -7.97 -32.33
N GLU B 238 -19.63 -7.39 -33.28
CA GLU B 238 -20.62 -8.17 -34.03
C GLU B 238 -20.97 -7.52 -35.37
N GLU B 239 -22.01 -8.07 -36.01
CA GLU B 239 -22.49 -7.62 -37.32
C GLU B 239 -22.88 -6.13 -37.35
N GLY B 240 -22.05 -5.32 -38.01
CA GLY B 240 -22.31 -3.88 -38.18
C GLY B 240 -21.51 -2.88 -37.36
N ASP B 241 -20.69 -3.36 -36.42
CA ASP B 241 -19.85 -2.49 -35.61
C ASP B 241 -18.66 -2.01 -36.43
N ARG B 242 -18.36 -0.73 -36.36
CA ARG B 242 -17.22 -0.17 -37.10
C ARG B 242 -16.21 0.47 -36.16
N GLY B 243 -14.95 0.13 -36.38
CA GLY B 243 -13.83 0.64 -35.61
C GLY B 243 -13.30 1.93 -36.21
N LEU B 244 -12.79 2.81 -35.36
CA LEU B 244 -12.25 4.07 -35.84
C LEU B 244 -11.23 4.58 -34.87
N SER B 245 -10.34 5.43 -35.35
CA SER B 245 -9.25 5.94 -34.55
C SER B 245 -8.51 7.13 -35.17
N TRP B 246 -7.89 7.94 -34.31
CA TRP B 246 -7.01 9.02 -34.72
C TRP B 246 -5.60 8.72 -34.23
N LEU B 247 -5.39 7.59 -33.55
CA LEU B 247 -4.10 7.29 -32.95
C LEU B 247 -2.95 7.06 -33.93
N PRO B 248 -1.74 7.53 -33.58
CA PRO B 248 -0.61 7.38 -34.50
C PRO B 248 -0.18 5.94 -34.70
N PHE B 249 0.03 5.57 -35.97
CA PHE B 249 0.45 4.21 -36.30
C PHE B 249 1.85 3.86 -35.76
N PHE B 250 2.66 4.85 -35.40
CA PHE B 250 4.00 4.57 -34.83
C PHE B 250 3.92 4.13 -33.37
N HIS B 251 2.72 4.17 -32.81
CA HIS B 251 2.52 3.75 -31.42
C HIS B 251 1.76 2.44 -31.43
N ASP B 252 2.06 1.54 -30.48
CA ASP B 252 1.38 0.25 -30.39
C ASP B 252 -0.13 0.32 -30.38
N MET B 253 -0.69 1.28 -29.63
CA MET B 253 -2.17 1.40 -29.50
C MET B 253 -2.81 1.81 -30.80
N GLY B 254 -2.11 2.62 -31.59
CA GLY B 254 -2.62 3.04 -32.88
C GLY B 254 -2.43 2.00 -33.97
N LEU B 255 -1.31 1.28 -33.95
CA LEU B 255 -0.99 0.24 -34.98
C LEU B 255 -1.89 -0.97 -34.91
N ILE B 256 -1.89 -1.60 -33.75
CA ILE B 256 -2.65 -2.81 -33.49
C ILE B 256 -4.14 -2.59 -33.73
N THR B 257 -4.61 -1.43 -33.31
CA THR B 257 -6.00 -1.08 -33.51
C THR B 257 -6.27 -1.09 -35.01
N ALA B 258 -5.36 -0.51 -35.79
CA ALA B 258 -5.56 -0.48 -37.26
C ALA B 258 -5.46 -1.86 -37.90
N LEU B 259 -4.64 -2.75 -37.34
CA LEU B 259 -4.43 -4.08 -37.92
C LEU B 259 -5.57 -5.03 -37.69
N LEU B 260 -6.19 -4.95 -36.53
CA LEU B 260 -7.24 -5.89 -36.18
C LEU B 260 -8.62 -5.38 -36.51
N ALA B 261 -8.84 -4.08 -36.35
CA ALA B 261 -10.15 -3.43 -36.59
C ALA B 261 -10.91 -3.83 -37.86
N PRO B 262 -10.20 -4.05 -38.99
CA PRO B 262 -10.90 -4.49 -40.19
C PRO B 262 -11.48 -5.91 -40.05
N MET B 263 -10.96 -6.69 -39.09
CA MET B 263 -11.40 -8.08 -38.90
C MET B 263 -12.60 -8.33 -37.95
N ILE B 264 -13.31 -7.24 -37.62
CA ILE B 264 -14.55 -7.32 -36.83
C ILE B 264 -15.67 -7.66 -37.85
N GLY B 265 -15.43 -7.29 -39.10
CA GLY B 265 -16.38 -7.50 -40.20
C GLY B 265 -16.81 -6.18 -40.83
N HIS B 266 -15.99 -5.14 -40.67
CA HIS B 266 -16.34 -3.84 -41.22
C HIS B 266 -15.05 -2.99 -41.39
N TYR B 267 -15.08 -2.06 -42.32
CA TYR B 267 -13.91 -1.21 -42.61
C TYR B 267 -13.47 -0.36 -41.42
N PHE B 268 -12.17 -0.08 -41.36
CA PHE B 268 -11.54 0.75 -40.34
C PHE B 268 -11.34 2.14 -40.90
N THR B 269 -11.74 3.12 -40.11
CA THR B 269 -11.65 4.50 -40.48
C THR B 269 -10.68 5.19 -39.56
N PHE B 270 -9.81 6.01 -40.15
CA PHE B 270 -8.86 6.76 -39.36
C PHE B 270 -8.58 8.16 -39.90
N MET B 271 -8.05 8.97 -39.00
CA MET B 271 -7.59 10.33 -39.31
C MET B 271 -6.21 10.47 -38.64
N THR B 272 -5.59 11.61 -38.81
CA THR B 272 -4.30 11.85 -38.19
C THR B 272 -4.47 12.39 -36.79
N PRO B 273 -3.44 12.25 -35.96
CA PRO B 273 -3.49 12.83 -34.62
C PRO B 273 -3.60 14.35 -34.66
N ALA B 274 -2.87 14.99 -35.57
CA ALA B 274 -2.91 16.46 -35.67
C ALA B 274 -4.32 16.93 -36.02
N ALA B 275 -5.04 16.15 -36.84
CA ALA B 275 -6.42 16.52 -37.24
C ALA B 275 -7.34 16.47 -36.04
N PHE B 276 -7.13 15.47 -35.18
CA PHE B 276 -7.90 15.33 -33.97
C PHE B 276 -7.60 16.47 -33.01
N VAL B 277 -6.33 16.69 -32.71
CA VAL B 277 -5.97 17.76 -31.79
C VAL B 277 -6.50 19.11 -32.27
N ARG B 278 -6.33 19.41 -33.55
CA ARG B 278 -6.87 20.67 -34.11
C ARG B 278 -8.38 20.86 -33.93
N ARG B 279 -9.15 19.83 -34.25
CA ARG B 279 -10.63 19.86 -34.13
C ARG B 279 -11.12 18.52 -33.59
N PRO B 280 -11.08 18.36 -32.26
CA PRO B 280 -11.50 17.08 -31.69
C PRO B 280 -12.94 16.67 -32.01
N GLU B 281 -13.77 17.61 -32.41
CA GLU B 281 -15.15 17.29 -32.79
C GLU B 281 -15.18 16.25 -33.92
N ARG B 282 -14.15 16.28 -34.79
CA ARG B 282 -14.03 15.33 -35.89
C ARG B 282 -14.07 13.87 -35.41
N TRP B 283 -13.53 13.60 -34.22
CA TRP B 283 -13.55 12.26 -33.66
C TRP B 283 -14.93 11.91 -33.15
N ILE B 284 -15.55 12.90 -32.51
CA ILE B 284 -16.92 12.81 -31.98
C ILE B 284 -17.92 12.51 -33.10
N ARG B 285 -17.79 13.21 -34.22
CA ARG B 285 -18.65 13.00 -35.39
C ARG B 285 -18.54 11.60 -35.96
N GLU B 286 -17.32 11.09 -36.05
CA GLU B 286 -17.11 9.71 -36.52
C GLU B 286 -17.71 8.67 -35.58
N LEU B 287 -17.67 8.95 -34.27
CA LEU B 287 -18.28 8.04 -33.29
C LEU B 287 -19.80 8.07 -33.40
N ALA B 288 -20.36 9.25 -33.72
CA ALA B 288 -21.83 9.42 -33.82
C ALA B 288 -22.50 8.60 -34.91
N ARG B 289 -23.80 8.35 -34.68
CA ARG B 289 -24.67 7.56 -35.57
C ARG B 289 -24.77 8.16 -36.99
N LYS B 290 -24.72 7.27 -37.98
CA LYS B 290 -24.81 7.59 -39.42
C LYS B 290 -26.07 6.96 -40.00
N GLU B 291 -26.62 7.55 -41.06
CA GLU B 291 -27.77 6.96 -41.76
C GLU B 291 -27.24 5.79 -42.60
N GLY B 292 -27.33 4.59 -42.02
CA GLY B 292 -26.84 3.36 -42.64
C GLY B 292 -26.44 2.33 -41.59
N ASP B 293 -25.88 2.81 -40.48
CA ASP B 293 -25.45 1.95 -39.36
C ASP B 293 -26.49 0.96 -38.84
N THR B 294 -26.04 -0.26 -38.58
CA THR B 294 -26.87 -1.31 -37.99
C THR B 294 -26.33 -1.58 -36.58
N GLY B 295 -25.02 -1.36 -36.38
CA GLY B 295 -24.36 -1.56 -35.08
C GLY B 295 -23.72 -0.33 -34.46
N GLY B 296 -22.76 -0.54 -33.57
CA GLY B 296 -22.10 0.54 -32.87
C GLY B 296 -20.70 0.86 -33.30
N THR B 297 -20.22 2.00 -32.80
CA THR B 297 -18.89 2.47 -33.07
C THR B 297 -17.96 2.07 -31.92
N ILE B 298 -16.72 1.75 -32.26
CA ILE B 298 -15.69 1.33 -31.30
C ILE B 298 -14.42 2.13 -31.58
N SER B 299 -13.85 2.70 -30.54
CA SER B 299 -12.64 3.46 -30.70
C SER B 299 -11.84 3.31 -29.41
N VAL B 300 -10.72 4.01 -29.34
CA VAL B 300 -9.79 3.94 -28.22
C VAL B 300 -8.96 5.22 -28.19
N ALA B 301 -8.59 5.65 -26.98
CA ALA B 301 -7.83 6.87 -26.78
C ALA B 301 -7.21 6.95 -25.41
N PRO B 302 -6.16 7.77 -25.27
CA PRO B 302 -5.57 7.95 -23.96
C PRO B 302 -6.40 8.96 -23.19
N ASN B 303 -6.27 8.92 -21.87
CA ASN B 303 -7.06 9.77 -21.00
C ASN B 303 -7.13 11.23 -21.39
N PHE B 304 -5.99 11.84 -21.72
CA PHE B 304 -5.95 13.28 -22.02
C PHE B 304 -6.84 13.68 -23.18
N ALA B 305 -7.04 12.75 -24.10
CA ALA B 305 -7.87 12.99 -25.27
C ALA B 305 -9.34 13.11 -24.93
N PHE B 306 -9.78 12.44 -23.86
CA PHE B 306 -11.19 12.52 -23.44
C PHE B 306 -11.50 13.94 -22.96
N ASP B 307 -10.55 14.52 -22.22
CA ASP B 307 -10.68 15.91 -21.73
C ASP B 307 -10.61 16.89 -22.88
N HIS B 308 -9.71 16.67 -23.83
CA HIS B 308 -9.59 17.59 -24.95
C HIS B 308 -10.87 17.62 -25.76
N ALA B 309 -11.48 16.45 -25.98
CA ALA B 309 -12.77 16.36 -26.70
C ALA B 309 -13.87 17.02 -25.89
N ALA B 310 -13.86 16.77 -24.59
CA ALA B 310 -14.87 17.35 -23.71
C ALA B 310 -14.83 18.88 -23.69
N ALA B 311 -13.64 19.44 -23.74
CA ALA B 311 -13.43 20.88 -23.67
C ALA B 311 -13.57 21.62 -24.99
N ARG B 312 -13.14 21.00 -26.09
CA ARG B 312 -13.16 21.66 -27.41
C ARG B 312 -13.93 20.88 -28.48
N GLY B 313 -14.52 19.72 -28.14
CA GLY B 313 -15.22 18.91 -29.15
C GLY B 313 -16.71 18.90 -29.12
N VAL B 314 -17.31 19.73 -28.26
CA VAL B 314 -18.78 19.77 -28.18
C VAL B 314 -19.28 20.62 -29.36
N PRO B 315 -20.31 20.12 -30.08
CA PRO B 315 -20.87 20.89 -31.20
C PRO B 315 -21.34 22.30 -30.81
N LYS B 316 -20.86 23.33 -31.52
CA LYS B 316 -21.30 24.71 -31.26
C LYS B 316 -22.69 24.92 -31.86
N PRO B 317 -23.44 25.93 -31.36
CA PRO B 317 -24.81 26.26 -31.86
C PRO B 317 -24.89 26.42 -33.39
N GLY B 318 -25.93 25.83 -33.98
CA GLY B 318 -26.14 25.87 -35.44
C GLY B 318 -25.57 24.66 -36.21
N SER B 319 -24.93 23.74 -35.48
CA SER B 319 -24.34 22.53 -36.08
C SER B 319 -25.39 21.45 -36.32
N PRO B 320 -25.09 20.50 -37.25
CA PRO B 320 -26.02 19.40 -37.47
C PRO B 320 -26.24 18.60 -36.18
N PRO B 321 -27.43 18.01 -35.99
CA PRO B 321 -27.68 17.23 -34.77
C PRO B 321 -26.65 16.11 -34.52
N LEU B 322 -26.28 15.94 -33.25
CA LEU B 322 -25.31 14.93 -32.83
C LEU B 322 -25.96 13.86 -31.95
N ASP B 323 -25.92 12.61 -32.39
CA ASP B 323 -26.47 11.49 -31.61
C ASP B 323 -25.37 10.45 -31.34
N LEU B 324 -25.01 10.28 -30.06
CA LEU B 324 -23.98 9.35 -29.61
C LEU B 324 -24.50 8.10 -28.88
N SER B 325 -25.79 7.80 -29.01
CA SER B 325 -26.37 6.63 -28.32
C SER B 325 -26.00 5.30 -29.00
N ASN B 326 -25.40 5.39 -30.18
CA ASN B 326 -24.93 4.23 -30.93
C ASN B 326 -23.52 3.73 -30.50
N VAL B 327 -22.81 4.51 -29.70
CA VAL B 327 -21.44 4.13 -29.28
C VAL B 327 -21.44 2.85 -28.43
N LYS B 328 -20.69 1.86 -28.88
CA LYS B 328 -20.58 0.56 -28.18
C LYS B 328 -19.45 0.58 -27.16
N ALA B 329 -18.27 1.04 -27.57
CA ALA B 329 -17.12 1.10 -26.67
C ALA B 329 -16.07 2.11 -27.07
N VAL B 330 -15.54 2.80 -26.08
CA VAL B 330 -14.47 3.72 -26.33
C VAL B 330 -13.45 3.37 -25.28
N LEU B 331 -12.45 2.57 -25.67
CA LEU B 331 -11.44 2.21 -24.68
C LEU B 331 -10.61 3.42 -24.26
N ASN B 332 -10.25 3.44 -22.98
CA ASN B 332 -9.47 4.49 -22.38
C ASN B 332 -8.25 3.84 -21.79
N GLY B 333 -7.11 4.04 -22.44
CA GLY B 333 -5.88 3.48 -21.96
C GLY B 333 -4.61 4.11 -22.46
N SER B 334 -3.51 3.61 -21.87
CA SER B 334 -2.12 3.99 -22.13
C SER B 334 -1.60 4.90 -21.03
N GLU B 335 -2.49 5.41 -20.18
CA GLU B 335 -2.07 6.30 -19.12
C GLU B 335 -3.10 6.32 -17.98
N PRO B 336 -2.71 6.84 -16.82
CA PRO B 336 -3.68 6.83 -15.72
C PRO B 336 -5.01 7.47 -16.12
N ILE B 337 -6.07 6.84 -15.66
CA ILE B 337 -7.42 7.29 -15.94
C ILE B 337 -7.87 8.13 -14.76
N SER B 338 -8.33 9.33 -15.07
CA SER B 338 -8.80 10.25 -14.06
C SER B 338 -10.29 10.13 -13.95
N ALA B 339 -10.80 9.99 -12.72
CA ALA B 339 -12.25 9.94 -12.47
C ALA B 339 -12.88 11.24 -12.91
N ALA B 340 -12.17 12.34 -12.71
CA ALA B 340 -12.67 13.67 -13.11
C ALA B 340 -12.76 13.80 -14.63
N THR B 341 -11.84 13.16 -15.36
CA THR B 341 -11.88 13.17 -16.83
C THR B 341 -13.13 12.44 -17.30
N VAL B 342 -13.40 11.28 -16.71
CA VAL B 342 -14.59 10.48 -17.07
C VAL B 342 -15.85 11.30 -16.80
N ARG B 343 -15.89 11.94 -15.63
CA ARG B 343 -17.00 12.77 -15.24
C ARG B 343 -17.21 13.87 -16.28
N ARG B 344 -16.15 14.61 -16.62
CA ARG B 344 -16.26 15.70 -17.62
C ARG B 344 -16.69 15.28 -19.01
N PHE B 345 -16.26 14.11 -19.45
CA PHE B 345 -16.63 13.62 -20.79
C PHE B 345 -18.11 13.28 -20.81
N ASN B 346 -18.57 12.62 -19.75
CA ASN B 346 -19.97 12.28 -19.61
C ASN B 346 -20.86 13.52 -19.49
N GLU B 347 -20.39 14.52 -18.75
CA GLU B 347 -21.14 15.78 -18.60
C GLU B 347 -21.27 16.49 -19.95
N ALA B 348 -20.20 16.45 -20.75
CA ALA B 348 -20.22 17.11 -22.07
C ALA B 348 -21.02 16.34 -23.14
N PHE B 349 -20.95 15.01 -23.13
CA PHE B 349 -21.60 14.20 -24.17
C PHE B 349 -22.81 13.36 -23.80
N GLY B 350 -23.14 13.30 -22.51
CA GLY B 350 -24.35 12.60 -22.05
C GLY B 350 -25.61 13.24 -22.64
N PRO B 351 -25.65 14.59 -22.72
CA PRO B 351 -26.85 15.24 -23.31
C PRO B 351 -27.07 14.92 -24.81
N PHE B 352 -26.03 14.46 -25.51
CA PHE B 352 -26.16 14.05 -26.91
C PHE B 352 -26.45 12.55 -27.01
N GLY B 353 -26.69 11.90 -25.88
CA GLY B 353 -26.99 10.48 -25.83
C GLY B 353 -25.80 9.54 -25.61
N PHE B 354 -24.65 10.04 -25.14
CA PHE B 354 -23.49 9.17 -24.93
C PHE B 354 -23.68 8.25 -23.70
N PRO B 355 -23.67 6.91 -23.90
CA PRO B 355 -23.87 6.01 -22.75
C PRO B 355 -22.61 5.90 -21.90
N PRO B 356 -22.68 6.24 -20.59
CA PRO B 356 -21.50 6.16 -19.71
C PRO B 356 -20.83 4.76 -19.73
N LYS B 357 -21.65 3.75 -19.97
CA LYS B 357 -21.22 2.36 -20.09
C LYS B 357 -20.14 2.15 -21.20
N ALA B 358 -20.14 3.04 -22.19
CA ALA B 358 -19.22 2.93 -23.31
C ALA B 358 -17.75 3.19 -22.98
N ILE B 359 -17.45 3.87 -21.89
CA ILE B 359 -16.08 4.12 -21.54
C ILE B 359 -15.54 2.86 -20.88
N LYS B 360 -14.46 2.35 -21.46
CA LYS B 360 -13.84 1.11 -21.05
C LYS B 360 -12.38 1.28 -20.67
N PRO B 361 -12.10 1.62 -19.40
CA PRO B 361 -10.73 1.72 -18.92
C PRO B 361 -10.00 0.41 -19.27
N SER B 362 -8.82 0.51 -19.89
CA SER B 362 -8.08 -0.66 -20.36
C SER B 362 -6.58 -0.52 -20.08
N TYR B 363 -5.88 -1.65 -20.00
CA TYR B 363 -4.43 -1.69 -19.72
C TYR B 363 -3.69 -2.58 -20.70
N GLY B 364 -2.46 -2.17 -20.99
CA GLY B 364 -1.58 -2.84 -21.88
C GLY B 364 -0.26 -2.14 -22.01
N LEU B 365 0.64 -2.72 -22.81
CA LEU B 365 1.98 -2.21 -23.04
C LEU B 365 2.61 -2.94 -24.22
N ALA B 366 3.62 -2.31 -24.81
CA ALA B 366 4.29 -2.84 -26.02
C ALA B 366 4.80 -4.26 -25.86
N GLU B 367 5.37 -4.52 -24.69
CA GLU B 367 5.91 -5.84 -24.40
C GLU B 367 4.87 -6.97 -24.44
N ALA B 368 3.57 -6.62 -24.43
CA ALA B 368 2.49 -7.61 -24.52
C ALA B 368 1.76 -7.48 -25.83
N THR B 369 2.47 -6.95 -26.84
CA THR B 369 1.92 -6.63 -28.16
C THR B 369 1.06 -5.42 -27.95
N LEU B 370 -0.03 -5.56 -27.18
CA LEU B 370 -0.84 -4.39 -26.84
C LEU B 370 -1.74 -4.60 -25.61
N PHE B 371 -2.71 -5.48 -25.77
CA PHE B 371 -3.77 -5.68 -24.81
C PHE B 371 -3.55 -6.70 -23.68
N VAL B 372 -3.72 -6.23 -22.45
CA VAL B 372 -3.60 -7.06 -21.26
C VAL B 372 -4.97 -7.18 -20.59
N SER B 373 -5.64 -6.06 -20.33
CA SER B 373 -6.95 -6.12 -19.66
C SER B 373 -7.87 -5.00 -20.03
N THR B 374 -9.16 -5.24 -19.85
CA THR B 374 -10.17 -4.22 -20.09
C THR B 374 -11.46 -4.50 -19.31
N THR B 375 -12.25 -3.44 -19.16
CA THR B 375 -13.54 -3.49 -18.49
C THR B 375 -14.50 -4.36 -19.32
N PRO B 376 -15.23 -5.28 -18.70
CA PRO B 376 -16.14 -6.13 -19.50
C PRO B 376 -17.18 -5.34 -20.30
N SER B 377 -17.53 -5.83 -21.48
CA SER B 377 -18.51 -5.16 -22.37
C SER B 377 -19.78 -4.76 -21.66
N ALA B 378 -20.33 -5.68 -20.86
CA ALA B 378 -21.59 -5.44 -20.14
C ALA B 378 -21.55 -4.42 -18.98
N GLU B 379 -20.38 -4.20 -18.37
CA GLU B 379 -20.29 -3.29 -17.23
C GLU B 379 -19.90 -1.85 -17.58
N GLU B 380 -20.17 -0.96 -16.63
CA GLU B 380 -19.78 0.42 -16.74
C GLU B 380 -18.39 0.50 -16.10
N PRO B 381 -17.67 1.61 -16.30
CA PRO B 381 -16.36 1.67 -15.66
C PRO B 381 -16.47 1.61 -14.11
N LYS B 382 -15.56 0.86 -13.50
CA LYS B 382 -15.50 0.71 -12.06
C LYS B 382 -14.47 1.71 -11.54
N ILE B 383 -14.94 2.64 -10.74
CA ILE B 383 -14.12 3.66 -10.13
C ILE B 383 -14.40 3.64 -8.63
N ILE B 384 -13.36 3.42 -7.84
CA ILE B 384 -13.51 3.41 -6.40
C ILE B 384 -12.68 4.53 -5.79
N THR B 385 -12.95 4.81 -4.52
CA THR B 385 -12.20 5.78 -3.78
C THR B 385 -11.53 5.04 -2.63
N VAL B 386 -10.21 5.22 -2.50
CA VAL B 386 -9.38 4.54 -1.52
C VAL B 386 -8.61 5.51 -0.60
N ASP B 387 -8.27 5.03 0.59
CA ASP B 387 -7.53 5.79 1.60
C ASP B 387 -6.13 6.11 1.08
N ARG B 388 -5.79 7.40 1.11
CA ARG B 388 -4.53 7.92 0.62
C ARG B 388 -3.31 7.39 1.31
N ASP B 389 -3.37 7.35 2.64
CA ASP B 389 -2.26 6.86 3.49
C ASP B 389 -2.03 5.37 3.28
N GLN B 390 -3.10 4.57 3.31
CA GLN B 390 -2.99 3.11 3.08
C GLN B 390 -2.40 2.85 1.69
N LEU B 391 -2.92 3.55 0.68
CA LEU B 391 -2.44 3.40 -0.71
C LEU B 391 -0.96 3.72 -0.80
N ASN B 392 -0.57 4.87 -0.25
CA ASN B 392 0.82 5.30 -0.25
C ASN B 392 1.73 4.28 0.46
N SER B 393 1.19 3.56 1.46
CA SER B 393 1.96 2.53 2.16
C SER B 393 1.75 1.10 1.56
N GLY B 394 1.10 0.99 0.40
CA GLY B 394 0.91 -0.31 -0.25
C GLY B 394 -0.32 -1.18 -0.05
N ARG B 395 -1.44 -0.57 0.32
CA ARG B 395 -2.70 -1.31 0.53
C ARG B 395 -3.90 -0.60 -0.08
N ILE B 396 -4.81 -1.37 -0.70
CA ILE B 396 -6.07 -0.81 -1.27
C ILE B 396 -7.18 -0.93 -0.22
N VAL B 397 -7.64 0.20 0.31
CA VAL B 397 -8.70 0.18 1.34
C VAL B 397 -9.69 1.26 0.94
N GLU B 398 -10.93 0.87 0.69
CA GLU B 398 -11.92 1.82 0.27
C GLU B 398 -12.44 2.73 1.37
N VAL B 399 -12.81 3.94 0.96
CA VAL B 399 -13.40 4.95 1.82
C VAL B 399 -14.52 5.59 1.05
N ASP B 400 -15.39 6.31 1.75
CA ASP B 400 -16.46 7.03 1.12
C ASP B 400 -15.86 8.16 0.26
N ALA B 401 -16.60 8.57 -0.77
CA ALA B 401 -16.16 9.64 -1.68
C ALA B 401 -15.90 10.98 -1.02
N ASP B 402 -16.53 11.24 0.10
CA ASP B 402 -16.39 12.53 0.81
C ASP B 402 -15.27 12.52 1.83
N SER B 403 -14.50 11.43 1.89
CA SER B 403 -13.39 11.35 2.85
C SER B 403 -12.24 12.25 2.43
N PRO B 404 -11.68 13.03 3.37
CA PRO B 404 -10.52 13.89 3.03
C PRO B 404 -9.32 13.09 2.55
N LYS B 405 -9.35 11.78 2.76
CA LYS B 405 -8.27 10.90 2.32
C LYS B 405 -8.63 10.10 1.07
N ALA B 406 -9.74 10.43 0.43
CA ALA B 406 -10.16 9.70 -0.78
C ALA B 406 -9.28 9.96 -2.01
N VAL B 407 -8.80 8.89 -2.63
CA VAL B 407 -8.04 8.97 -3.85
C VAL B 407 -8.84 8.13 -4.83
N ALA B 408 -9.26 8.74 -5.93
CA ALA B 408 -10.06 8.05 -6.93
C ALA B 408 -9.17 7.17 -7.75
N GLN B 409 -9.55 5.89 -7.89
CA GLN B 409 -8.81 4.90 -8.65
C GLN B 409 -9.75 4.20 -9.61
N ALA B 410 -9.38 4.19 -10.89
CA ALA B 410 -10.17 3.54 -11.90
C ALA B 410 -9.61 2.15 -12.12
N SER B 411 -10.50 1.20 -12.28
CA SER B 411 -10.15 -0.17 -12.56
C SER B 411 -9.78 -0.34 -14.04
N ALA B 412 -8.87 -1.25 -14.34
CA ALA B 412 -8.49 -1.58 -15.71
C ALA B 412 -9.16 -2.92 -16.10
N GLY B 413 -10.11 -3.36 -15.29
CA GLY B 413 -10.89 -4.56 -15.59
C GLY B 413 -10.32 -5.95 -15.39
N LYS B 414 -10.65 -6.85 -16.33
CA LYS B 414 -10.25 -8.26 -16.29
C LYS B 414 -9.19 -8.59 -17.35
N VAL B 415 -8.24 -9.42 -16.95
CA VAL B 415 -7.19 -9.88 -17.83
C VAL B 415 -7.84 -10.68 -18.99
N GLY B 416 -7.34 -10.47 -20.21
CA GLY B 416 -7.87 -11.16 -21.39
C GLY B 416 -7.60 -12.65 -21.38
N ILE B 417 -8.27 -13.36 -22.29
CA ILE B 417 -8.10 -14.81 -22.37
C ILE B 417 -6.65 -15.21 -22.73
N ALA B 418 -6.22 -16.34 -22.22
CA ALA B 418 -4.89 -16.86 -22.47
C ALA B 418 -3.74 -15.93 -22.07
N GLU B 419 -3.96 -15.07 -21.10
CA GLU B 419 -2.89 -14.27 -20.51
C GLU B 419 -3.13 -14.17 -19.00
N TRP B 420 -2.10 -13.79 -18.26
CA TRP B 420 -2.18 -13.72 -16.80
C TRP B 420 -1.44 -12.52 -16.28
N ALA B 421 -1.91 -12.04 -15.14
CA ALA B 421 -1.28 -10.93 -14.46
C ALA B 421 -1.21 -11.30 -12.98
N VAL B 422 -0.10 -10.99 -12.34
CA VAL B 422 0.09 -11.24 -10.91
C VAL B 422 0.77 -10.03 -10.33
N ILE B 423 0.57 -9.85 -9.02
CA ILE B 423 1.13 -8.75 -8.25
C ILE B 423 2.22 -9.38 -7.41
N VAL B 424 3.43 -8.82 -7.42
CA VAL B 424 4.50 -9.42 -6.67
C VAL B 424 5.44 -8.47 -5.96
N ASP B 425 6.13 -9.03 -4.98
CA ASP B 425 7.23 -8.36 -4.29
C ASP B 425 8.36 -8.67 -5.27
N ALA B 426 8.92 -7.65 -5.91
CA ALA B 426 9.94 -7.84 -6.95
C ALA B 426 11.18 -8.62 -6.51
N GLU B 427 11.88 -8.15 -5.46
CA GLU B 427 13.08 -8.87 -4.99
C GLU B 427 12.91 -10.37 -4.79
N SER B 428 11.78 -10.79 -4.21
CA SER B 428 11.53 -12.21 -3.92
C SER B 428 10.66 -12.96 -4.97
N ALA B 429 10.24 -12.28 -6.04
CA ALA B 429 9.39 -12.92 -7.07
C ALA B 429 8.23 -13.71 -6.45
N THR B 430 7.64 -13.13 -5.40
CA THR B 430 6.57 -13.76 -4.62
C THR B 430 5.21 -13.04 -4.84
N GLU B 431 4.18 -13.81 -5.24
CA GLU B 431 2.86 -13.27 -5.47
C GLU B 431 2.25 -12.75 -4.15
N LEU B 432 1.62 -11.58 -4.18
CA LEU B 432 1.02 -10.98 -2.99
C LEU B 432 -0.47 -11.18 -2.97
N PRO B 433 -1.10 -11.23 -1.74
CA PRO B 433 -2.56 -11.36 -1.66
C PRO B 433 -3.27 -10.13 -2.20
N ASP B 434 -4.54 -10.31 -2.52
CA ASP B 434 -5.34 -9.23 -3.01
C ASP B 434 -5.38 -8.09 -2.01
N GLY B 435 -5.34 -6.87 -2.55
CA GLY B 435 -5.34 -5.66 -1.77
C GLY B 435 -3.95 -5.07 -1.58
N GLN B 436 -2.94 -5.86 -1.87
CA GLN B 436 -1.56 -5.43 -1.70
C GLN B 436 -1.02 -4.87 -3.01
N VAL B 437 -0.37 -3.70 -2.94
CA VAL B 437 0.24 -3.08 -4.10
C VAL B 437 1.63 -3.68 -4.28
N GLY B 438 1.93 -4.11 -5.50
CA GLY B 438 3.24 -4.64 -5.83
C GLY B 438 3.46 -4.49 -7.32
N GLU B 439 4.57 -5.03 -7.82
CA GLU B 439 4.83 -4.94 -9.27
C GLU B 439 3.91 -5.85 -10.06
N ILE B 440 3.42 -5.35 -11.18
CA ILE B 440 2.57 -6.17 -12.06
C ILE B 440 3.50 -6.95 -13.03
N TRP B 441 3.38 -8.28 -13.02
CA TRP B 441 4.13 -9.18 -13.93
C TRP B 441 3.07 -9.88 -14.80
N ILE B 442 3.36 -10.10 -16.08
CA ILE B 442 2.39 -10.73 -16.99
C ILE B 442 3.00 -11.87 -17.79
N SER B 443 2.15 -12.78 -18.25
CA SER B 443 2.58 -13.94 -19.03
C SER B 443 1.52 -14.27 -20.07
N GLY B 444 1.96 -14.88 -21.17
CA GLY B 444 1.06 -15.28 -22.25
C GLY B 444 1.73 -15.35 -23.62
N GLN B 445 1.01 -15.95 -24.57
CA GLN B 445 1.50 -16.09 -25.95
C GLN B 445 1.68 -14.75 -26.67
N ASN B 446 1.08 -13.70 -26.13
CA ASN B 446 1.17 -12.37 -26.72
C ASN B 446 2.40 -11.57 -26.27
N MET B 447 3.19 -12.11 -25.34
CA MET B 447 4.38 -11.41 -24.87
C MET B 447 5.47 -11.54 -25.91
N GLY B 448 6.10 -10.43 -26.26
CA GLY B 448 7.19 -10.39 -27.21
C GLY B 448 8.36 -11.25 -26.76
N THR B 449 9.27 -11.56 -27.67
CA THR B 449 10.37 -12.46 -27.38
C THR B 449 11.68 -11.84 -26.91
N GLY B 450 11.72 -10.51 -26.79
CA GLY B 450 12.90 -9.77 -26.36
C GLY B 450 12.96 -8.38 -26.97
N TYR B 451 14.07 -7.72 -26.72
CA TYR B 451 14.37 -6.42 -27.28
C TYR B 451 15.49 -6.68 -28.29
N TRP B 452 15.35 -6.14 -29.49
CA TRP B 452 16.31 -6.32 -30.56
C TRP B 452 17.74 -5.96 -30.16
N GLY B 453 18.66 -6.91 -30.36
CA GLY B 453 20.08 -6.74 -30.05
C GLY B 453 20.46 -6.57 -28.59
N LYS B 454 19.52 -6.76 -27.66
CA LYS B 454 19.82 -6.56 -26.22
C LYS B 454 19.50 -7.78 -25.34
N PRO B 455 20.40 -8.77 -25.28
CA PRO B 455 20.20 -10.00 -24.47
C PRO B 455 19.99 -9.74 -22.99
N GLU B 456 20.81 -8.90 -22.38
CA GLU B 456 20.68 -8.64 -20.95
C GLU B 456 19.35 -8.00 -20.60
N GLU B 457 19.00 -6.91 -21.27
CA GLU B 457 17.71 -6.25 -20.98
C GLU B 457 16.54 -7.20 -21.31
N SER B 458 16.72 -8.09 -22.28
CA SER B 458 15.67 -9.03 -22.67
C SER B 458 15.39 -10.03 -21.56
N VAL B 459 16.46 -10.59 -20.99
CA VAL B 459 16.32 -11.54 -19.87
C VAL B 459 15.67 -10.86 -18.65
N ALA B 460 16.13 -9.65 -18.33
CA ALA B 460 15.65 -8.93 -17.15
C ALA B 460 14.18 -8.63 -17.23
N THR B 461 13.76 -8.19 -18.41
CA THR B 461 12.37 -7.84 -18.65
C THR B 461 11.41 -9.00 -18.95
N PHE B 462 11.79 -9.93 -19.82
CA PHE B 462 10.87 -10.99 -20.27
C PHE B 462 10.99 -12.39 -19.69
N GLN B 463 12.12 -12.72 -19.09
CA GLN B 463 12.36 -14.08 -18.61
C GLN B 463 12.32 -14.20 -17.10
N ASN B 464 11.36 -13.56 -16.44
CA ASN B 464 11.30 -13.71 -14.98
C ASN B 464 10.50 -14.97 -14.64
N ILE B 465 10.84 -15.58 -13.49
CA ILE B 465 10.19 -16.79 -13.00
C ILE B 465 9.45 -16.45 -11.69
N LEU B 466 8.19 -16.86 -11.63
CA LEU B 466 7.36 -16.63 -10.45
C LEU B 466 7.66 -17.77 -9.45
N LYS B 467 8.39 -17.44 -8.39
CA LYS B 467 8.83 -18.44 -7.41
C LYS B 467 7.73 -19.00 -6.50
N SER B 468 6.80 -18.15 -6.05
CA SER B 468 5.72 -18.63 -5.19
C SER B 468 4.41 -17.94 -5.51
N ARG B 469 3.34 -18.72 -5.39
CA ARG B 469 2.00 -18.28 -5.68
C ARG B 469 1.14 -18.32 -4.42
N THR B 470 0.06 -17.55 -4.44
CA THR B 470 -0.91 -17.55 -3.36
C THR B 470 -1.96 -18.58 -3.76
N ASN B 471 -2.90 -18.82 -2.87
CA ASN B 471 -4.02 -19.71 -3.12
C ASN B 471 -5.28 -18.94 -2.71
N PRO B 472 -6.13 -18.54 -3.68
CA PRO B 472 -5.93 -18.79 -5.11
C PRO B 472 -4.83 -17.91 -5.73
N SER B 473 -4.41 -18.29 -6.93
CA SER B 473 -3.37 -17.56 -7.64
C SER B 473 -3.96 -16.95 -8.87
N HIS B 474 -3.55 -15.71 -9.17
CA HIS B 474 -3.96 -15.07 -10.40
C HIS B 474 -3.16 -15.65 -11.61
N ALA B 475 -2.21 -16.55 -11.33
CA ALA B 475 -1.42 -17.22 -12.39
C ALA B 475 -2.00 -18.60 -12.74
N GLU B 476 -3.17 -18.93 -12.16
CA GLU B 476 -3.81 -20.23 -12.38
C GLU B 476 -4.13 -20.42 -13.84
N GLY B 477 -3.69 -21.56 -14.38
CA GLY B 477 -3.87 -21.88 -15.80
C GLY B 477 -2.54 -21.80 -16.53
N ALA B 478 -1.56 -21.09 -15.96
CA ALA B 478 -0.21 -20.96 -16.52
C ALA B 478 0.71 -22.01 -15.90
N THR B 479 1.66 -22.52 -16.69
CA THR B 479 2.61 -23.53 -16.18
C THR B 479 3.50 -22.89 -15.12
N ASP B 480 4.05 -23.72 -14.23
CA ASP B 480 4.95 -23.27 -13.16
C ASP B 480 6.25 -22.67 -13.67
N ASP B 481 6.71 -23.16 -14.83
CA ASP B 481 7.95 -22.67 -15.49
C ASP B 481 7.71 -21.59 -16.55
N ALA B 482 6.53 -20.97 -16.54
CA ALA B 482 6.20 -19.93 -17.51
C ALA B 482 7.10 -18.72 -17.31
N THR B 483 7.30 -17.94 -18.37
CA THR B 483 8.12 -16.76 -18.30
C THR B 483 7.22 -15.57 -18.05
N TRP B 484 7.72 -14.63 -17.26
CA TRP B 484 6.96 -13.44 -16.89
C TRP B 484 7.68 -12.14 -17.27
N VAL B 485 6.91 -11.20 -17.79
CA VAL B 485 7.40 -9.91 -18.17
C VAL B 485 7.24 -8.93 -17.01
N ARG B 486 8.30 -8.22 -16.63
CA ARG B 486 8.16 -7.16 -15.61
C ARG B 486 7.64 -5.94 -16.35
N THR B 487 6.45 -5.49 -16.00
CA THR B 487 5.87 -4.34 -16.70
C THR B 487 6.49 -3.01 -16.30
N GLY B 488 7.08 -2.92 -15.12
CA GLY B 488 7.63 -1.66 -14.61
C GLY B 488 6.52 -0.80 -13.93
N ASP B 489 5.33 -1.38 -13.74
CA ASP B 489 4.18 -0.71 -13.09
C ASP B 489 3.79 -1.31 -11.75
N TYR B 490 3.31 -0.45 -10.83
CA TYR B 490 2.73 -0.88 -9.56
C TYR B 490 1.22 -1.05 -9.78
N GLY B 491 0.65 -2.00 -9.08
CA GLY B 491 -0.76 -2.28 -9.21
C GLY B 491 -1.21 -3.24 -8.17
N ALA B 492 -2.48 -3.65 -8.30
CA ALA B 492 -3.08 -4.59 -7.35
C ALA B 492 -4.38 -5.12 -7.88
N PHE B 493 -4.80 -6.24 -7.32
CA PHE B 493 -6.11 -6.78 -7.61
C PHE B 493 -6.91 -6.43 -6.38
N TYR B 494 -8.17 -6.08 -6.59
CA TYR B 494 -9.06 -5.73 -5.51
C TYR B 494 -10.48 -6.06 -5.89
N ASP B 495 -11.12 -6.93 -5.11
CA ASP B 495 -12.52 -7.29 -5.31
C ASP B 495 -12.88 -7.73 -6.76
N GLY B 496 -11.96 -8.44 -7.40
CA GLY B 496 -12.15 -8.99 -8.74
C GLY B 496 -11.66 -8.16 -9.93
N ASP B 497 -11.01 -7.04 -9.69
CA ASP B 497 -10.55 -6.17 -10.78
C ASP B 497 -9.09 -5.77 -10.67
N LEU B 498 -8.46 -5.57 -11.82
CA LEU B 498 -7.07 -5.16 -11.85
C LEU B 498 -7.01 -3.63 -11.78
N TYR B 499 -6.18 -3.12 -10.87
CA TYR B 499 -5.95 -1.68 -10.70
C TYR B 499 -4.48 -1.37 -10.98
N ILE B 500 -4.22 -0.36 -11.81
CA ILE B 500 -2.85 0.06 -12.11
C ILE B 500 -2.63 1.31 -11.29
N THR B 501 -1.68 1.33 -10.36
CA THR B 501 -1.48 2.53 -9.54
C THR B 501 -0.49 3.51 -10.15
N GLY B 502 0.48 3.03 -10.92
CA GLY B 502 1.46 3.91 -11.55
C GLY B 502 2.76 3.24 -11.85
N ARG B 503 3.68 3.96 -12.50
CA ARG B 503 4.98 3.39 -12.85
C ARG B 503 5.89 3.44 -11.65
N VAL B 504 6.62 2.34 -11.47
CA VAL B 504 7.56 2.19 -10.38
C VAL B 504 8.52 3.36 -10.31
N LYS B 505 9.15 3.69 -11.43
CA LYS B 505 10.15 4.78 -11.40
C LYS B 505 9.60 6.20 -11.21
N ASP B 506 8.28 6.38 -11.31
CA ASP B 506 7.68 7.72 -11.11
C ASP B 506 7.29 8.01 -9.67
N LEU B 507 7.40 7.02 -8.79
CA LEU B 507 6.96 7.19 -7.40
C LEU B 507 7.80 8.28 -6.69
N VAL B 508 7.14 9.16 -5.96
CA VAL B 508 7.80 10.25 -5.24
C VAL B 508 8.00 9.82 -3.80
N ILE B 509 9.27 9.72 -3.39
CA ILE B 509 9.66 9.26 -2.06
C ILE B 509 10.38 10.40 -1.38
N ILE B 510 9.71 10.96 -0.38
CA ILE B 510 10.17 12.11 0.36
C ILE B 510 10.03 11.90 1.85
N ASP B 511 11.16 12.05 2.56
CA ASP B 511 11.24 11.92 4.03
C ASP B 511 10.59 10.64 4.54
N GLY B 512 10.97 9.52 3.92
CA GLY B 512 10.43 8.22 4.30
C GLY B 512 8.98 7.92 3.88
N ARG B 513 8.31 8.84 3.18
CA ARG B 513 6.94 8.60 2.73
C ARG B 513 6.79 8.62 1.21
N ASN B 514 5.85 7.82 0.75
CA ASN B 514 5.51 7.67 -0.67
C ASN B 514 4.35 8.57 -1.08
N HIS B 515 4.35 8.97 -2.36
CA HIS B 515 3.29 9.79 -2.94
C HIS B 515 3.18 9.46 -4.43
N TYR B 516 1.97 9.16 -4.91
CA TYR B 516 1.76 8.93 -6.34
C TYR B 516 1.72 10.31 -7.00
N PRO B 517 2.54 10.51 -8.04
CA PRO B 517 2.64 11.83 -8.66
C PRO B 517 1.34 12.36 -9.23
N GLN B 518 0.49 11.47 -9.75
CA GLN B 518 -0.80 11.93 -10.32
C GLN B 518 -1.77 12.48 -9.26
N ASP B 519 -1.68 11.95 -8.04
CA ASP B 519 -2.46 12.40 -6.89
C ASP B 519 -1.97 13.84 -6.57
N LEU B 520 -0.66 14.01 -6.44
CA LEU B 520 -0.08 15.34 -6.18
C LEU B 520 -0.42 16.37 -7.29
N GLU B 521 -0.42 15.90 -8.53
CA GLU B 521 -0.72 16.75 -9.67
C GLU B 521 -2.19 17.19 -9.65
N TYR B 522 -3.07 16.28 -9.23
CA TYR B 522 -4.49 16.59 -9.17
C TYR B 522 -4.67 17.69 -8.15
N SER B 523 -3.99 17.58 -7.01
CA SER B 523 -4.14 18.61 -5.99
C SER B 523 -3.66 19.95 -6.50
N ALA B 524 -2.60 19.95 -7.30
CA ALA B 524 -2.08 21.21 -7.84
C ALA B 524 -3.06 21.85 -8.83
N GLN B 525 -3.64 21.07 -9.74
CA GLN B 525 -4.62 21.57 -10.72
C GLN B 525 -5.84 22.16 -10.04
N GLU B 526 -6.37 21.40 -9.09
CA GLU B 526 -7.57 21.80 -8.34
C GLU B 526 -7.35 23.01 -7.43
N ALA B 527 -6.09 23.28 -7.04
CA ALA B 527 -5.80 24.43 -6.14
C ALA B 527 -5.78 25.82 -6.80
N SER B 528 -5.56 25.87 -8.12
CA SER B 528 -5.50 27.14 -8.85
C SER B 528 -6.05 27.00 -10.26
N LYS B 529 -6.96 27.90 -10.64
CA LYS B 529 -7.54 27.87 -11.99
C LYS B 529 -6.56 28.39 -13.05
N ALA B 530 -5.41 28.90 -12.62
CA ALA B 530 -4.35 29.37 -13.53
C ALA B 530 -3.57 28.20 -14.14
N ILE B 531 -3.84 26.97 -13.67
CA ILE B 531 -3.16 25.78 -14.17
C ILE B 531 -3.97 25.09 -15.27
N ARG B 532 -3.24 24.60 -16.27
CA ARG B 532 -3.84 23.92 -17.41
C ARG B 532 -4.11 22.48 -17.03
N THR B 533 -5.39 22.11 -16.99
CA THR B 533 -5.81 20.75 -16.63
C THR B 533 -5.03 19.65 -17.40
N GLY B 534 -4.54 18.68 -16.66
CA GLY B 534 -3.76 17.58 -17.24
C GLY B 534 -2.31 17.86 -17.60
N TYR B 535 -1.84 19.11 -17.46
CA TYR B 535 -0.45 19.49 -17.78
C TYR B 535 0.32 19.91 -16.52
N VAL B 536 0.53 18.93 -15.66
CA VAL B 536 1.23 19.11 -14.39
C VAL B 536 2.10 17.90 -14.16
N ALA B 537 3.31 18.11 -13.67
CA ALA B 537 4.22 17.00 -13.38
C ALA B 537 4.83 17.19 -12.03
N ALA B 538 4.76 16.13 -11.24
CA ALA B 538 5.31 16.08 -9.91
C ALA B 538 6.43 15.03 -9.86
N PHE B 539 7.56 15.43 -9.31
CA PHE B 539 8.74 14.56 -9.17
C PHE B 539 9.63 15.14 -8.09
N SER B 540 10.58 14.36 -7.62
CA SER B 540 11.52 14.84 -6.63
C SER B 540 12.88 14.98 -7.25
N VAL B 541 13.72 15.80 -6.61
CA VAL B 541 15.11 15.98 -6.99
C VAL B 541 15.83 16.15 -5.64
N PRO B 542 17.12 15.77 -5.56
CA PRO B 542 17.87 15.95 -4.30
C PRO B 542 18.05 17.43 -3.96
N ALA B 543 18.04 17.78 -2.66
CA ALA B 543 18.18 19.20 -2.20
C ALA B 543 19.32 19.95 -2.89
N ASN B 544 20.43 19.25 -3.12
CA ASN B 544 21.60 19.78 -3.85
C ASN B 544 21.32 20.43 -5.19
N GLN B 545 20.35 19.83 -5.89
CA GLN B 545 20.03 20.21 -7.25
C GLN B 545 19.00 21.29 -7.41
N LEU B 546 18.43 21.78 -6.30
CA LEU B 546 17.45 22.87 -6.37
C LEU B 546 18.19 24.15 -6.72
N PRO B 547 17.52 25.06 -7.47
CA PRO B 547 18.17 26.33 -7.82
C PRO B 547 18.44 27.23 -6.61
N ASP B 548 19.30 28.24 -6.77
CA ASP B 548 19.62 29.19 -5.68
C ASP B 548 18.38 29.92 -5.16
N GLU B 549 17.54 30.42 -6.08
CA GLU B 549 16.30 31.14 -5.70
C GLU B 549 15.41 30.43 -4.66
N VAL B 550 15.41 29.10 -4.66
CA VAL B 550 14.64 28.31 -3.69
C VAL B 550 15.15 28.56 -2.28
N PHE B 551 16.47 28.75 -2.18
CA PHE B 551 17.15 29.02 -0.92
C PHE B 551 17.27 30.53 -0.69
N LYS B 559 16.33 25.94 2.83
CA LYS B 559 17.48 25.85 3.74
C LYS B 559 18.73 25.27 3.06
N ARG B 560 19.71 26.14 2.81
CA ARG B 560 20.96 25.77 2.14
C ARG B 560 21.82 24.78 2.94
N ASP B 561 22.31 23.75 2.25
CA ASP B 561 23.17 22.71 2.83
C ASP B 561 23.78 21.91 1.65
N PRO B 562 25.06 22.18 1.30
CA PRO B 562 25.72 21.49 0.16
C PRO B 562 25.73 19.94 0.19
N ASP B 563 25.76 19.35 1.39
CA ASP B 563 25.76 17.87 1.56
C ASP B 563 24.36 17.25 1.72
N ASP B 564 23.32 18.07 1.58
CA ASP B 564 21.92 17.62 1.69
C ASP B 564 21.47 16.99 0.37
N THR B 565 21.41 15.66 0.32
CA THR B 565 20.95 14.96 -0.89
C THR B 565 19.54 14.43 -0.72
N SER B 566 18.86 14.92 0.31
CA SER B 566 17.51 14.48 0.62
C SER B 566 16.53 14.79 -0.54
N GLU B 567 15.71 13.83 -0.93
CA GLU B 567 14.76 14.08 -2.04
C GLU B 567 13.72 15.18 -1.65
N GLN B 568 13.47 16.12 -2.56
CA GLN B 568 12.55 17.26 -2.35
C GLN B 568 11.56 17.40 -3.51
N LEU B 569 10.31 17.74 -3.20
CA LEU B 569 9.27 17.85 -4.20
C LEU B 569 9.31 19.08 -5.10
N VAL B 570 9.21 18.84 -6.40
CA VAL B 570 9.16 19.88 -7.42
C VAL B 570 7.84 19.71 -8.18
N ILE B 571 7.14 20.81 -8.43
CA ILE B 571 5.90 20.79 -9.20
C ILE B 571 6.13 21.70 -10.40
N VAL B 572 5.89 21.14 -11.59
CA VAL B 572 5.98 21.89 -12.84
C VAL B 572 4.58 21.91 -13.38
N ALA B 573 4.13 23.07 -13.82
CA ALA B 573 2.78 23.19 -14.34
C ALA B 573 2.70 24.21 -15.45
N GLU B 574 1.92 23.87 -16.47
CA GLU B 574 1.73 24.79 -17.57
C GLU B 574 0.62 25.78 -17.19
N ARG B 575 0.73 27.02 -17.67
CA ARG B 575 -0.28 28.03 -17.43
C ARG B 575 -1.42 27.83 -18.41
N ALA B 576 -2.65 28.01 -17.92
CA ALA B 576 -3.86 27.88 -18.75
C ALA B 576 -3.99 29.08 -19.69
N PRO B 577 -4.80 28.95 -20.76
CA PRO B 577 -5.05 30.06 -21.69
C PRO B 577 -5.58 31.31 -21.00
N LYS B 581 -1.74 35.43 -18.21
CA LYS B 581 -0.43 35.73 -17.65
C LYS B 581 -0.59 36.61 -16.40
N LEU B 582 -0.92 35.96 -15.29
CA LEU B 582 -1.14 36.64 -13.99
C LEU B 582 0.02 36.35 -13.02
N ASP B 583 0.02 37.04 -11.87
CA ASP B 583 1.09 36.95 -10.86
C ASP B 583 1.37 35.52 -10.31
N ILE B 584 2.64 35.13 -10.35
CA ILE B 584 3.14 33.79 -9.91
C ILE B 584 3.03 33.50 -8.41
N GLY B 585 3.27 34.52 -7.58
CA GLY B 585 3.23 34.38 -6.12
C GLY B 585 2.00 33.70 -5.54
N PRO B 586 0.80 34.22 -5.86
CA PRO B 586 -0.47 33.64 -5.39
C PRO B 586 -0.66 32.18 -5.80
N ILE B 587 -0.46 31.90 -7.09
CA ILE B 587 -0.57 30.54 -7.64
C ILE B 587 0.32 29.57 -6.86
N THR B 588 1.58 29.95 -6.69
CA THR B 588 2.53 29.11 -5.97
C THR B 588 2.09 28.84 -4.53
N ASP B 589 1.68 29.88 -3.81
CA ASP B 589 1.20 29.73 -2.43
C ASP B 589 -0.05 28.85 -2.36
N ASP B 590 -0.93 28.98 -3.36
CA ASP B 590 -2.14 28.17 -3.42
C ASP B 590 -1.81 26.69 -3.60
N ILE B 591 -0.88 26.40 -4.51
CA ILE B 591 -0.45 25.03 -4.78
C ILE B 591 0.25 24.46 -3.55
N ARG B 592 1.19 25.22 -3.02
CA ARG B 592 1.93 24.80 -1.83
C ARG B 592 0.98 24.54 -0.65
N ALA B 593 0.10 25.50 -0.36
CA ALA B 593 -0.84 25.35 0.74
C ALA B 593 -1.70 24.09 0.59
N ALA B 594 -2.24 23.87 -0.62
CA ALA B 594 -3.11 22.73 -0.87
C ALA B 594 -2.41 21.39 -0.70
N ILE B 595 -1.21 21.25 -1.29
CA ILE B 595 -0.44 20.01 -1.19
C ILE B 595 0.02 19.77 0.24
N ALA B 596 0.42 20.85 0.92
CA ALA B 596 0.86 20.78 2.32
C ALA B 596 -0.21 20.20 3.29
N VAL B 597 -1.44 20.73 3.23
CA VAL B 597 -2.58 20.29 4.08
C VAL B 597 -2.96 18.82 3.81
N ARG B 598 -3.28 18.53 2.56
CA ARG B 598 -3.71 17.19 2.14
C ARG B 598 -2.66 16.06 2.16
N HIS B 599 -1.47 16.30 1.60
CA HIS B 599 -0.45 15.24 1.52
C HIS B 599 0.68 15.34 2.55
N GLY B 600 0.79 16.47 3.23
CA GLY B 600 1.85 16.62 4.24
C GLY B 600 3.27 16.73 3.70
N VAL B 601 3.43 17.33 2.53
CA VAL B 601 4.73 17.54 1.96
C VAL B 601 4.72 18.98 1.42
N THR B 602 5.86 19.62 1.50
CA THR B 602 6.00 21.01 1.09
C THR B 602 6.74 21.09 -0.23
N VAL B 603 6.08 21.66 -1.23
CA VAL B 603 6.69 21.82 -2.54
C VAL B 603 7.77 22.86 -2.43
N ARG B 604 9.01 22.46 -2.73
CA ARG B 604 10.15 23.37 -2.61
C ARG B 604 10.29 24.31 -3.80
N ASP B 605 9.87 23.86 -4.99
CA ASP B 605 9.91 24.71 -6.18
C ASP B 605 8.69 24.40 -7.04
N VAL B 606 7.98 25.45 -7.41
CA VAL B 606 6.82 25.36 -8.27
C VAL B 606 7.27 26.12 -9.49
N LEU B 607 7.37 25.42 -10.62
CA LEU B 607 7.80 26.07 -11.85
C LEU B 607 6.67 26.16 -12.85
N LEU B 608 6.17 27.37 -13.04
CA LEU B 608 5.12 27.66 -14.00
C LEU B 608 5.75 27.87 -15.37
N THR B 609 5.27 27.14 -16.37
CA THR B 609 5.80 27.26 -17.71
C THR B 609 4.71 27.73 -18.66
N ALA B 610 5.09 27.97 -19.91
CA ALA B 610 4.13 28.34 -20.94
C ALA B 610 3.49 27.02 -21.39
N ALA B 611 2.40 27.09 -22.14
CA ALA B 611 1.73 25.89 -22.63
C ALA B 611 2.65 25.18 -23.61
N GLY B 612 2.66 23.85 -23.53
CA GLY B 612 3.49 23.01 -24.39
C GLY B 612 4.95 22.86 -23.97
N ALA B 613 5.33 23.27 -22.76
CA ALA B 613 6.74 23.18 -22.31
C ALA B 613 7.10 21.87 -21.58
N ILE B 614 6.14 21.23 -20.93
CA ILE B 614 6.41 19.95 -20.24
C ILE B 614 6.63 18.84 -21.30
N PRO B 615 7.74 18.08 -21.20
CA PRO B 615 7.94 17.04 -22.22
C PRO B 615 6.83 16.00 -22.24
N ARG B 616 6.46 15.51 -23.43
CA ARG B 616 5.44 14.49 -23.55
C ARG B 616 6.01 13.44 -24.49
N THR B 617 5.53 12.21 -24.36
CA THR B 617 6.00 11.16 -25.25
C THR B 617 5.44 11.43 -26.64
N SER B 618 5.86 10.62 -27.59
CA SER B 618 5.43 10.79 -28.96
C SER B 618 3.92 10.52 -29.13
N SER B 619 3.31 9.77 -28.22
CA SER B 619 1.86 9.51 -28.27
C SER B 619 1.09 10.52 -27.39
N GLY B 620 1.80 11.46 -26.78
CA GLY B 620 1.15 12.51 -25.98
C GLY B 620 1.06 12.33 -24.47
N LYS B 621 1.71 11.32 -23.91
CA LYS B 621 1.67 11.14 -22.46
C LYS B 621 2.62 12.13 -21.82
N ILE B 622 2.27 12.63 -20.63
CA ILE B 622 3.17 13.46 -19.85
C ILE B 622 4.33 12.53 -19.46
N GLY B 623 5.55 12.93 -19.71
CA GLY B 623 6.72 12.10 -19.35
C GLY B 623 7.35 12.71 -18.12
N ARG B 624 7.10 12.13 -16.96
CA ARG B 624 7.60 12.68 -15.69
C ARG B 624 9.10 12.63 -15.54
N ARG B 625 9.73 11.52 -15.93
CA ARG B 625 11.19 11.38 -15.86
C ARG B 625 11.85 12.38 -16.81
N ALA B 626 11.26 12.54 -17.99
CA ALA B 626 11.79 13.51 -18.95
C ALA B 626 11.59 14.93 -18.40
N CYS B 627 10.54 15.16 -17.61
CA CYS B 627 10.33 16.49 -17.07
C CYS B 627 11.42 16.78 -16.04
N ARG B 628 11.69 15.80 -15.18
CA ARG B 628 12.75 15.91 -14.18
C ARG B 628 14.11 16.20 -14.83
N ALA B 629 14.44 15.45 -15.88
CA ALA B 629 15.72 15.63 -16.58
C ALA B 629 15.83 17.02 -17.16
N ALA B 630 14.77 17.51 -17.79
CA ALA B 630 14.79 18.89 -18.36
C ALA B 630 14.88 19.92 -17.21
N TYR B 631 14.28 19.59 -16.09
CA TYR B 631 14.38 20.48 -14.93
C TYR B 631 15.86 20.60 -14.52
N LEU B 632 16.52 19.45 -14.45
CA LEU B 632 17.94 19.35 -14.04
C LEU B 632 18.99 19.82 -15.06
N ASP B 633 18.68 19.77 -16.36
CA ASP B 633 19.68 20.19 -17.36
C ASP B 633 19.57 21.66 -17.81
N GLY B 634 18.58 22.39 -17.31
CA GLY B 634 18.38 23.79 -17.65
C GLY B 634 17.39 24.09 -18.78
N SER B 635 17.08 23.09 -19.62
CA SER B 635 16.17 23.30 -20.74
C SER B 635 14.74 23.70 -20.37
N LEU B 636 14.18 23.07 -19.32
CA LEU B 636 12.81 23.37 -18.91
C LEU B 636 12.60 24.82 -18.50
N ARG B 637 13.44 25.30 -17.60
CA ARG B 637 13.33 26.67 -17.09
C ARG B 637 13.58 27.74 -18.16
N ALA B 638 14.43 27.45 -19.13
CA ALA B 638 14.71 28.38 -20.23
C ALA B 638 13.64 28.28 -21.35
N GLY B 639 12.77 27.27 -21.26
CA GLY B 639 11.71 27.06 -22.26
C GLY B 639 12.25 26.52 -23.57
N LYS B 640 13.22 25.61 -23.48
CA LYS B 640 13.86 25.02 -24.65
C LYS B 640 13.53 23.53 -24.80
N VAL B 641 12.33 23.14 -24.39
CA VAL B 641 11.92 21.74 -24.48
C VAL B 641 11.33 21.42 -25.85
N ALA B 642 11.72 20.26 -26.39
CA ALA B 642 11.26 19.82 -27.71
C ALA B 642 10.13 18.79 -27.61
N ASN B 643 8.98 19.09 -28.24
CA ASN B 643 7.80 18.18 -28.26
C ASN B 643 7.29 17.79 -29.65
N ASP B 644 7.16 16.47 -29.87
CA ASP B 644 6.65 15.89 -31.13
C ASP B 644 5.13 15.94 -31.23
N PHE B 645 4.45 15.50 -30.17
CA PHE B 645 3.01 15.41 -30.22
C PHE B 645 2.36 16.78 -30.41
N PRO B 646 1.39 16.87 -31.35
CA PRO B 646 0.75 18.16 -31.60
C PRO B 646 -0.02 18.65 -30.38
N ASP B 647 0.12 19.94 -30.06
CA ASP B 647 -0.55 20.57 -28.92
C ASP B 647 -1.72 21.43 -29.37
N ALA B 648 -2.67 21.62 -28.47
CA ALA B 648 -3.89 22.43 -28.70
C ALA B 648 -3.70 23.97 -28.72
N THR B 649 -2.55 24.44 -29.23
CA THR B 649 -2.27 25.89 -29.31
C THR B 649 -1.45 26.21 -30.56
N PHE C 27 50.86 28.77 -7.23
CA PHE C 27 51.05 27.86 -8.39
C PHE C 27 51.72 26.53 -8.01
N ILE C 28 52.48 26.49 -6.91
CA ILE C 28 53.16 25.26 -6.46
C ILE C 28 52.70 24.94 -5.02
N LYS C 29 53.55 25.23 -4.02
CA LYS C 29 53.29 24.95 -2.58
C LYS C 29 53.19 23.45 -2.25
N ASP C 30 53.77 23.08 -1.10
CA ASP C 30 53.81 21.69 -0.63
C ASP C 30 52.43 21.22 -0.13
N GLN C 32 49.48 19.13 -0.02
CA GLN C 32 48.52 19.20 -1.13
C GLN C 32 48.93 20.32 -2.11
N ILE C 33 48.05 20.66 -3.05
CA ILE C 33 48.31 21.73 -4.03
C ILE C 33 47.43 22.93 -3.70
N LYS C 34 48.04 24.11 -3.58
CA LYS C 34 47.30 25.35 -3.29
C LYS C 34 47.73 26.55 -4.14
N PHE C 35 46.74 27.39 -4.42
CA PHE C 35 46.91 28.60 -5.22
C PHE C 35 46.59 29.85 -4.39
N PRO C 36 47.24 31.00 -4.70
CA PRO C 36 46.95 32.26 -3.98
C PRO C 36 45.45 32.59 -3.99
N ASP C 37 44.95 33.22 -2.92
CA ASP C 37 43.53 33.58 -2.82
C ASP C 37 43.07 34.45 -3.99
N GLY C 38 42.03 34.01 -4.70
CA GLY C 38 41.49 34.72 -5.84
C GLY C 38 42.29 34.57 -7.13
N SER C 39 42.94 33.42 -7.32
CA SER C 39 43.71 33.15 -8.54
C SER C 39 42.75 32.72 -9.65
N SER C 40 43.25 32.64 -10.88
CA SER C 40 42.44 32.23 -12.04
C SER C 40 43.32 31.81 -13.24
N ILE C 41 42.85 30.88 -14.06
CA ILE C 41 43.65 30.47 -15.24
C ILE C 41 43.70 31.58 -16.30
N VAL C 42 42.66 32.40 -16.37
CA VAL C 42 42.63 33.49 -17.34
C VAL C 42 43.74 34.49 -17.01
N ALA C 43 43.83 34.92 -15.74
CA ALA C 43 44.86 35.88 -15.32
C ALA C 43 46.28 35.32 -15.50
N HIS C 44 46.42 33.99 -15.41
CA HIS C 44 47.73 33.33 -15.58
C HIS C 44 48.19 33.45 -17.02
N VAL C 45 47.33 33.08 -17.97
CA VAL C 45 47.64 33.14 -19.40
C VAL C 45 47.92 34.59 -19.87
N GLU C 46 47.14 35.54 -19.34
CA GLU C 46 47.32 36.97 -19.65
C GLU C 46 48.66 37.51 -19.14
N ARG C 47 49.03 37.07 -17.94
CA ARG C 47 50.30 37.43 -17.31
C ARG C 47 51.43 36.90 -18.18
N TRP C 48 51.25 35.65 -18.62
CA TRP C 48 52.22 34.96 -19.45
C TRP C 48 52.34 35.67 -20.81
N ALA C 49 51.27 36.32 -21.25
CA ALA C 49 51.27 37.04 -22.53
C ALA C 49 52.09 38.33 -22.57
N LYS C 50 51.77 39.32 -21.73
CA LYS C 50 52.53 40.60 -21.72
C LYS C 50 54.06 40.47 -21.67
N VAL C 51 54.54 39.45 -20.96
CA VAL C 51 56.00 39.23 -20.82
C VAL C 51 56.64 38.49 -22.01
N ARG C 52 55.87 37.69 -22.73
CA ARG C 52 56.40 36.91 -23.88
C ARG C 52 55.60 37.20 -25.16
N GLY C 53 55.06 38.42 -25.26
CA GLY C 53 54.24 38.83 -26.39
C GLY C 53 54.60 38.42 -27.81
N ASP C 54 55.83 38.73 -28.23
CA ASP C 54 56.28 38.40 -29.58
C ASP C 54 56.59 36.94 -29.78
N LYS C 55 56.80 36.20 -28.70
CA LYS C 55 57.13 34.78 -28.82
C LYS C 55 55.94 33.91 -29.22
N LEU C 56 56.26 32.83 -29.91
CA LEU C 56 55.28 31.90 -30.42
C LEU C 56 54.59 31.10 -29.27
N ALA C 57 53.27 30.92 -29.37
CA ALA C 57 52.46 30.20 -28.37
C ALA C 57 51.97 28.84 -28.90
N TYR C 58 51.40 28.87 -30.10
CA TYR C 58 50.89 27.68 -30.74
C TYR C 58 51.28 27.60 -32.19
N ARG C 59 51.51 26.37 -32.67
CA ARG C 59 51.81 26.15 -34.07
C ARG C 59 51.03 24.98 -34.59
N PHE C 60 50.28 25.22 -35.66
CA PHE C 60 49.49 24.21 -36.30
C PHE C 60 50.19 23.81 -37.59
N LEU C 61 50.54 22.52 -37.69
CA LEU C 61 51.15 21.96 -38.91
C LEU C 61 49.97 21.55 -39.76
N ASP C 62 49.74 22.30 -40.82
CA ASP C 62 48.62 22.09 -41.74
C ASP C 62 49.10 21.28 -42.93
N PHE C 63 48.50 20.11 -43.13
CA PHE C 63 48.85 19.19 -44.24
C PHE C 63 47.75 19.06 -45.28
N SER C 64 46.69 19.86 -45.16
CA SER C 64 45.55 19.81 -46.08
C SER C 64 45.91 20.18 -47.53
N THR C 65 46.87 21.08 -47.71
CA THR C 65 47.30 21.54 -49.06
C THR C 65 48.63 20.94 -49.46
N GLU C 66 49.67 21.28 -48.70
CA GLU C 66 51.05 20.79 -48.92
C GLU C 66 51.30 19.55 -48.06
N ARG C 67 51.68 18.45 -48.70
CA ARG C 67 51.94 17.18 -48.00
C ARG C 67 53.21 17.17 -47.15
N ASP C 68 54.03 18.21 -47.27
CA ASP C 68 55.26 18.31 -46.51
C ASP C 68 55.05 19.11 -45.21
N GLY C 69 53.94 19.86 -45.12
CA GLY C 69 53.63 20.71 -43.97
C GLY C 69 53.74 22.22 -44.23
N VAL C 70 52.79 22.99 -43.68
CA VAL C 70 52.74 24.44 -43.78
C VAL C 70 52.42 24.95 -42.37
N PRO C 71 53.41 25.56 -41.67
CA PRO C 71 53.12 26.05 -40.33
C PRO C 71 52.20 27.28 -40.30
N ARG C 72 51.31 27.32 -39.32
CA ARG C 72 50.37 28.42 -39.13
C ARG C 72 50.58 28.75 -37.67
N ASP C 73 51.28 29.86 -37.45
CA ASP C 73 51.68 30.31 -36.12
C ASP C 73 50.75 31.33 -35.48
N LEU C 74 50.82 31.39 -34.15
CA LEU C 74 50.03 32.29 -33.36
C LEU C 74 50.91 32.65 -32.16
N THR C 75 51.28 33.92 -32.05
CA THR C 75 52.10 34.39 -30.95
C THR C 75 51.21 34.58 -29.73
N TRP C 76 51.84 34.79 -28.57
CA TRP C 76 51.11 35.05 -27.33
C TRP C 76 50.23 36.30 -27.41
N ALA C 77 50.73 37.34 -28.11
CA ALA C 77 50.00 38.59 -28.27
C ALA C 77 48.76 38.39 -29.16
N GLN C 78 48.94 37.71 -30.30
CA GLN C 78 47.82 37.41 -31.21
C GLN C 78 46.81 36.56 -30.46
N PHE C 79 47.32 35.56 -29.76
CA PHE C 79 46.51 34.63 -28.99
C PHE C 79 45.65 35.37 -27.96
N SER C 80 46.27 36.23 -27.16
CA SER C 80 45.54 37.00 -26.15
C SER C 80 44.47 37.89 -26.79
N ALA C 81 44.89 38.63 -27.82
CA ALA C 81 43.99 39.54 -28.54
C ALA C 81 42.74 38.81 -29.06
N ARG C 82 42.92 37.64 -29.64
CA ARG C 82 41.76 36.88 -30.13
C ARG C 82 40.91 36.32 -28.99
N ASN C 83 41.55 35.93 -27.89
CA ASN C 83 40.82 35.39 -26.73
C ASN C 83 39.88 36.45 -26.14
N ARG C 84 40.39 37.68 -25.97
CA ARG C 84 39.61 38.79 -25.41
C ARG C 84 38.52 39.25 -26.37
N ALA C 85 38.81 39.19 -27.66
CA ALA C 85 37.85 39.56 -28.69
C ALA C 85 36.67 38.61 -28.67
N VAL C 86 36.97 37.31 -28.69
CA VAL C 86 35.93 36.28 -28.66
C VAL C 86 35.17 36.32 -27.34
N ALA C 87 35.88 36.48 -26.23
CA ALA C 87 35.21 36.54 -24.94
C ALA C 87 34.23 37.73 -24.87
N ALA C 88 34.63 38.86 -25.47
CA ALA C 88 33.79 40.05 -25.51
C ALA C 88 32.49 39.78 -26.26
N ARG C 89 32.56 39.13 -27.42
CA ARG C 89 31.32 38.75 -28.14
C ARG C 89 30.41 37.92 -27.25
N LEU C 90 30.99 36.89 -26.63
CA LEU C 90 30.24 36.03 -25.75
C LEU C 90 29.58 36.79 -24.61
N GLN C 91 30.27 37.78 -24.04
CA GLN C 91 29.69 38.57 -22.93
C GLN C 91 28.49 39.46 -23.32
N GLN C 92 28.30 39.67 -24.62
CA GLN C 92 27.17 40.45 -25.13
C GLN C 92 25.97 39.54 -25.34
N VAL C 93 26.22 38.36 -25.93
CA VAL C 93 25.15 37.40 -26.28
C VAL C 93 24.90 36.19 -25.34
N THR C 94 25.58 36.11 -24.20
CA THR C 94 25.34 34.99 -23.27
C THR C 94 25.35 35.49 -21.84
N GLN C 95 24.72 34.73 -20.97
CA GLN C 95 24.62 35.05 -19.55
C GLN C 95 25.57 34.12 -18.82
N PRO C 96 26.02 34.50 -17.60
CA PRO C 96 26.94 33.62 -16.87
C PRO C 96 26.24 32.33 -16.46
N GLY C 97 26.91 31.20 -16.68
CA GLY C 97 26.32 29.89 -16.40
C GLY C 97 25.96 29.14 -17.68
N ASP C 98 25.72 29.89 -18.75
CA ASP C 98 25.38 29.28 -20.04
C ASP C 98 26.57 28.50 -20.60
N ARG C 99 26.26 27.46 -21.36
CA ARG C 99 27.27 26.66 -22.01
C ARG C 99 27.51 27.19 -23.42
N VAL C 100 28.75 27.10 -23.85
CA VAL C 100 29.16 27.53 -25.16
C VAL C 100 29.83 26.33 -25.80
N ALA C 101 29.22 25.77 -26.83
CA ALA C 101 29.79 24.60 -27.47
C ALA C 101 30.72 25.01 -28.60
N ILE C 102 31.77 24.21 -28.80
CA ILE C 102 32.78 24.45 -29.81
C ILE C 102 32.64 23.35 -30.86
N LEU C 103 32.09 23.69 -32.01
CA LEU C 103 31.91 22.77 -33.13
C LEU C 103 32.84 23.31 -34.20
N CYS C 104 34.10 22.92 -34.04
CA CYS C 104 35.17 23.41 -34.86
C CYS C 104 36.15 22.30 -35.19
N PRO C 105 36.75 22.33 -36.40
CA PRO C 105 37.73 21.29 -36.71
C PRO C 105 39.03 21.53 -35.96
N GLN C 106 39.96 20.59 -36.05
CA GLN C 106 41.25 20.70 -35.37
C GLN C 106 42.13 21.78 -36.02
N ASN C 107 42.21 22.96 -35.39
CA ASN C 107 43.02 24.10 -35.90
C ASN C 107 43.27 25.14 -34.81
N LEU C 108 43.89 26.27 -35.14
CA LEU C 108 44.16 27.33 -34.16
C LEU C 108 42.89 27.92 -33.56
N ASP C 109 41.87 28.11 -34.40
CA ASP C 109 40.59 28.68 -33.97
C ASP C 109 39.88 27.83 -32.90
N TYR C 110 40.13 26.52 -32.89
CA TYR C 110 39.54 25.65 -31.88
C TYR C 110 40.00 26.12 -30.50
N LEU C 111 41.31 26.38 -30.38
CA LEU C 111 41.87 26.81 -29.11
C LEU C 111 41.44 28.21 -28.75
N VAL C 112 41.32 29.07 -29.74
CA VAL C 112 40.84 30.44 -29.50
C VAL C 112 39.41 30.36 -28.99
N ALA C 113 38.62 29.45 -29.58
CA ALA C 113 37.23 29.30 -29.15
C ALA C 113 37.19 28.83 -27.71
N PHE C 114 38.05 27.87 -27.38
CA PHE C 114 38.09 27.32 -26.03
C PHE C 114 38.53 28.34 -25.00
N PHE C 115 39.69 28.95 -25.20
CA PHE C 115 40.14 30.00 -24.25
C PHE C 115 39.18 31.17 -24.24
N GLY C 116 38.62 31.49 -25.41
CA GLY C 116 37.64 32.56 -25.51
C GLY C 116 36.47 32.36 -24.57
N ALA C 117 36.01 31.11 -24.46
CA ALA C 117 34.90 30.79 -23.58
C ALA C 117 35.33 30.94 -22.10
N LEU C 118 36.54 30.51 -21.76
CA LEU C 118 37.06 30.68 -20.39
C LEU C 118 37.20 32.14 -19.98
N TYR C 119 37.79 32.93 -20.87
CA TYR C 119 37.95 34.39 -20.70
C TYR C 119 36.60 35.06 -20.52
N ALA C 120 35.56 34.51 -21.13
CA ALA C 120 34.22 35.08 -21.04
C ALA C 120 33.51 34.73 -19.74
N GLY C 121 34.09 33.82 -18.96
CA GLY C 121 33.47 33.37 -17.71
C GLY C 121 32.28 32.48 -18.07
N ARG C 122 32.41 31.71 -19.16
CA ARG C 122 31.34 30.81 -19.64
C ARG C 122 31.81 29.35 -19.73
N ILE C 123 30.88 28.42 -19.48
CA ILE C 123 31.19 26.98 -19.50
C ILE C 123 31.39 26.44 -20.91
N ALA C 124 32.62 26.10 -21.25
CA ALA C 124 32.91 25.59 -22.59
C ALA C 124 32.49 24.15 -22.75
N VAL C 125 32.23 23.72 -23.99
CA VAL C 125 31.86 22.36 -24.27
C VAL C 125 32.55 21.98 -25.57
N PRO C 126 33.79 21.46 -25.47
CA PRO C 126 34.53 21.11 -26.68
C PRO C 126 33.96 19.88 -27.36
N LEU C 127 33.53 20.05 -28.60
CA LEU C 127 32.96 19.00 -29.37
C LEU C 127 33.70 18.96 -30.68
N PHE C 128 33.01 18.77 -31.79
CA PHE C 128 33.68 18.60 -33.09
C PHE C 128 32.85 19.16 -34.26
N ASP C 129 33.42 19.11 -35.46
CA ASP C 129 32.77 19.64 -36.66
C ASP C 129 31.74 18.64 -37.15
N PRO C 130 30.45 19.03 -37.15
CA PRO C 130 29.42 18.09 -37.56
C PRO C 130 29.30 17.84 -39.05
N SER C 131 30.05 18.53 -39.90
CA SER C 131 29.90 18.29 -41.36
C SER C 131 30.22 16.85 -41.75
N GLU C 132 30.96 16.13 -40.89
CA GLU C 132 31.21 14.69 -41.10
C GLU C 132 29.87 13.96 -40.75
N PRO C 133 29.22 13.32 -41.74
CA PRO C 133 27.94 12.65 -41.36
C PRO C 133 28.08 11.66 -40.17
N GLY C 134 29.31 11.18 -39.94
CA GLY C 134 29.65 10.21 -38.89
C GLY C 134 29.10 10.40 -37.47
N HIS C 135 28.47 9.33 -36.98
CA HIS C 135 27.88 9.22 -35.63
C HIS C 135 27.19 10.52 -35.12
N VAL C 136 26.31 11.04 -35.97
CA VAL C 136 25.55 12.29 -35.70
C VAL C 136 24.59 12.16 -34.51
N GLY C 137 24.17 10.93 -34.22
CA GLY C 137 23.27 10.65 -33.11
C GLY C 137 23.78 11.12 -31.76
N ARG C 138 25.09 11.00 -31.53
CA ARG C 138 25.69 11.40 -30.24
C ARG C 138 25.72 12.91 -30.11
N LEU C 139 25.98 13.62 -31.20
CA LEU C 139 26.02 15.07 -31.13
C LEU C 139 24.64 15.59 -30.66
N HIS C 140 23.56 15.08 -31.26
CA HIS C 140 22.21 15.47 -30.82
C HIS C 140 22.02 15.17 -29.34
N ALA C 141 22.44 13.99 -28.91
CA ALA C 141 22.28 13.59 -27.49
C ALA C 141 23.12 14.47 -26.56
N VAL C 142 24.31 14.88 -26.98
CA VAL C 142 25.15 15.76 -26.17
C VAL C 142 24.44 17.12 -26.07
N LEU C 143 23.96 17.64 -27.20
CA LEU C 143 23.25 18.93 -27.22
C LEU C 143 21.95 18.86 -26.41
N ASP C 144 21.29 17.69 -26.39
CA ASP C 144 20.05 17.47 -25.60
C ASP C 144 20.31 17.40 -24.09
N ASN C 145 21.59 17.48 -23.70
CA ASN C 145 21.99 17.44 -22.30
C ASN C 145 22.54 18.79 -21.83
N CYS C 146 23.45 19.40 -22.58
CA CYS C 146 24.06 20.70 -22.19
C CYS C 146 23.36 21.96 -22.69
N HIS C 147 22.47 21.82 -23.67
CA HIS C 147 21.68 22.96 -24.21
C HIS C 147 22.44 24.30 -24.25
N PRO C 148 23.50 24.38 -25.07
CA PRO C 148 24.35 25.58 -25.15
C PRO C 148 23.68 26.81 -25.72
N SER C 149 24.02 27.99 -25.20
CA SER C 149 23.43 29.27 -25.66
C SER C 149 24.13 29.82 -26.88
N ALA C 150 25.33 29.32 -27.19
CA ALA C 150 26.04 29.78 -28.36
C ALA C 150 26.93 28.67 -28.87
N ILE C 151 27.27 28.75 -30.16
CA ILE C 151 28.14 27.78 -30.82
C ILE C 151 29.33 28.52 -31.39
N LEU C 152 30.54 28.03 -31.14
CA LEU C 152 31.75 28.66 -31.65
C LEU C 152 32.32 27.81 -32.74
N THR C 153 32.63 28.41 -33.87
CA THR C 153 33.15 27.67 -34.98
C THR C 153 33.94 28.62 -35.85
N THR C 154 34.37 28.16 -37.00
CA THR C 154 35.09 29.01 -37.93
C THR C 154 34.14 29.43 -39.04
N THR C 155 34.60 30.36 -39.86
CA THR C 155 33.86 30.83 -41.01
C THR C 155 33.72 29.68 -42.01
N GLU C 156 34.80 28.93 -42.22
CA GLU C 156 34.79 27.82 -43.17
C GLU C 156 33.82 26.67 -42.76
N ALA C 157 33.68 26.44 -41.46
CA ALA C 157 32.79 25.40 -40.96
C ALA C 157 31.34 25.90 -40.74
N ALA C 158 31.18 27.20 -40.55
CA ALA C 158 29.88 27.82 -40.27
C ALA C 158 28.66 27.23 -40.98
N GLU C 159 28.65 27.23 -42.31
CA GLU C 159 27.50 26.72 -43.05
C GLU C 159 27.15 25.27 -42.74
N GLY C 160 28.16 24.42 -42.60
CA GLY C 160 27.87 23.04 -42.22
C GLY C 160 27.23 23.01 -40.83
N VAL C 161 27.74 23.86 -39.93
CA VAL C 161 27.22 23.96 -38.56
C VAL C 161 25.79 24.49 -38.53
N ARG C 162 25.52 25.59 -39.23
CA ARG C 162 24.17 26.14 -39.25
C ARG C 162 23.22 25.11 -39.92
N LYS C 163 23.75 24.32 -40.86
CA LYS C 163 22.95 23.31 -41.55
C LYS C 163 22.57 22.22 -40.55
N PHE C 164 23.50 21.88 -39.67
CA PHE C 164 23.21 20.87 -38.65
C PHE C 164 22.09 21.36 -37.75
N PHE C 165 22.15 22.62 -37.34
CA PHE C 165 21.11 23.14 -36.45
C PHE C 165 19.75 23.30 -37.09
N ARG C 166 19.65 23.22 -38.41
CA ARG C 166 18.32 23.24 -39.10
C ARG C 166 17.62 21.87 -38.96
N THR C 167 18.37 20.83 -38.57
CA THR C 167 17.79 19.50 -38.34
C THR C 167 17.32 19.39 -36.87
N ARG C 168 17.59 20.42 -36.07
CA ARG C 168 17.15 20.48 -34.66
C ARG C 168 15.92 21.39 -34.56
N PRO C 169 15.17 21.33 -33.44
CA PRO C 169 13.95 22.13 -33.31
C PRO C 169 14.19 23.63 -33.36
N ALA C 170 13.15 24.38 -33.71
CA ALA C 170 13.19 25.84 -33.82
C ALA C 170 13.62 26.55 -32.54
N ASN C 171 13.30 25.98 -31.38
CA ASN C 171 13.69 26.58 -30.07
C ASN C 171 15.07 26.12 -29.55
N GLN C 172 15.80 25.34 -30.36
CA GLN C 172 17.11 24.84 -29.98
C GLN C 172 18.14 25.18 -31.06
N ARG C 173 18.13 26.43 -31.53
CA ARG C 173 19.07 26.91 -32.54
C ARG C 173 19.78 28.11 -31.99
N PRO C 174 20.77 27.87 -31.12
CA PRO C 174 21.51 28.95 -30.50
C PRO C 174 22.39 29.68 -31.50
N ARG C 175 22.83 30.86 -31.11
CA ARG C 175 23.65 31.70 -31.95
C ARG C 175 24.99 31.02 -32.36
N VAL C 176 25.29 31.07 -33.65
CA VAL C 176 26.49 30.53 -34.22
C VAL C 176 27.46 31.70 -34.43
N ILE C 177 28.65 31.59 -33.84
CA ILE C 177 29.67 32.63 -33.92
C ILE C 177 30.95 32.10 -34.59
N ALA C 178 31.31 32.70 -35.74
CA ALA C 178 32.51 32.35 -36.47
C ALA C 178 33.62 33.14 -35.80
N VAL C 179 34.41 32.47 -34.97
CA VAL C 179 35.45 33.17 -34.18
C VAL C 179 36.43 34.00 -34.98
N ASP C 180 36.82 33.51 -36.16
CA ASP C 180 37.78 34.25 -37.01
C ASP C 180 37.22 35.54 -37.63
N ALA C 181 35.90 35.69 -37.67
CA ALA C 181 35.27 36.91 -38.22
C ALA C 181 34.98 37.99 -37.16
N VAL C 182 35.27 37.70 -35.89
CA VAL C 182 35.06 38.66 -34.81
C VAL C 182 36.28 39.60 -34.80
N PRO C 183 36.05 40.91 -34.99
CA PRO C 183 37.19 41.83 -35.01
C PRO C 183 37.88 41.97 -33.65
N ASP C 184 39.18 42.26 -33.69
CA ASP C 184 39.98 42.39 -32.48
C ASP C 184 39.68 43.65 -31.67
N ASP C 185 39.10 44.67 -32.29
CA ASP C 185 38.79 45.91 -31.55
C ASP C 185 37.63 45.67 -30.56
N VAL C 186 36.96 44.51 -30.68
CA VAL C 186 35.85 44.16 -29.77
C VAL C 186 36.40 43.81 -28.36
N ALA C 187 37.72 43.55 -28.26
CA ALA C 187 38.36 43.20 -26.98
C ALA C 187 38.43 44.31 -25.91
N SER C 188 38.15 45.58 -26.27
CA SER C 188 38.20 46.70 -25.29
C SER C 188 37.03 46.73 -24.27
N THR C 189 35.91 46.09 -24.62
CA THR C 189 34.75 45.99 -23.71
C THR C 189 34.84 44.72 -22.84
N TRP C 190 35.86 43.91 -23.08
CA TRP C 190 36.02 42.70 -22.28
C TRP C 190 36.21 43.00 -20.79
N VAL C 191 35.46 42.29 -19.96
CA VAL C 191 35.55 42.39 -18.52
C VAL C 191 36.08 41.04 -18.04
N ASN C 192 37.06 41.07 -17.13
CA ASN C 192 37.61 39.85 -16.58
C ASN C 192 36.53 39.27 -15.66
N PRO C 193 36.23 37.96 -15.78
CA PRO C 193 35.18 37.42 -14.92
C PRO C 193 35.57 37.34 -13.46
N ASP C 194 34.58 37.10 -12.62
CA ASP C 194 34.78 36.97 -11.18
C ASP C 194 35.76 35.83 -10.90
N GLU C 195 36.55 35.97 -9.83
CA GLU C 195 37.51 34.90 -9.51
C GLU C 195 36.72 33.62 -9.24
N PRO C 196 37.17 32.50 -9.79
CA PRO C 196 36.44 31.27 -9.54
C PRO C 196 36.62 30.80 -8.11
N ASP C 197 35.68 30.04 -7.61
CA ASP C 197 35.84 29.46 -6.28
C ASP C 197 36.04 27.95 -6.48
N GLU C 198 35.88 27.19 -5.42
CA GLU C 198 36.04 25.74 -5.43
C GLU C 198 35.10 24.98 -6.38
N THR C 199 33.94 25.56 -6.70
CA THR C 199 32.94 24.89 -7.54
C THR C 199 32.74 25.47 -8.94
N THR C 200 33.32 26.63 -9.25
CA THR C 200 33.08 27.22 -10.59
C THR C 200 33.52 26.28 -11.71
N ILE C 201 32.57 25.89 -12.58
CA ILE C 201 32.83 24.98 -13.67
C ILE C 201 33.47 25.69 -14.85
N ALA C 202 34.56 25.13 -15.37
CA ALA C 202 35.27 25.71 -16.51
C ALA C 202 34.73 25.15 -17.82
N TYR C 203 34.54 23.83 -17.88
CA TYR C 203 34.00 23.21 -19.07
C TYR C 203 33.47 21.83 -18.78
N LEU C 204 32.75 21.30 -19.76
CA LEU C 204 32.23 19.96 -19.69
C LEU C 204 33.00 19.06 -20.66
N GLN C 205 33.46 17.92 -20.17
CA GLN C 205 34.14 16.96 -21.02
C GLN C 205 33.23 15.79 -21.26
N TYR C 206 32.68 15.68 -22.47
CA TYR C 206 31.84 14.54 -22.81
C TYR C 206 32.71 13.32 -23.21
N THR C 207 32.40 12.17 -22.62
CA THR C 207 33.13 10.92 -22.86
C THR C 207 32.37 9.96 -23.79
N SER C 208 33.10 9.05 -24.45
CA SER C 208 32.48 8.05 -25.34
C SER C 208 33.21 6.71 -25.23
N ARG C 212 25.25 4.03 -25.26
CA ARG C 212 26.08 4.91 -24.44
C ARG C 212 25.46 6.31 -24.37
N ILE C 213 24.68 6.54 -23.31
CA ILE C 213 24.03 7.84 -23.07
C ILE C 213 25.16 8.84 -22.68
N PRO C 214 25.22 10.01 -23.34
CA PRO C 214 26.34 10.93 -23.08
C PRO C 214 26.37 11.60 -21.71
N THR C 215 27.50 11.47 -21.04
CA THR C 215 27.74 12.05 -19.73
C THR C 215 28.84 13.09 -19.85
N GLY C 216 28.52 14.31 -19.46
CA GLY C 216 29.48 15.40 -19.51
C GLY C 216 30.12 15.63 -18.16
N VAL C 217 31.42 15.35 -18.06
CA VAL C 217 32.15 15.56 -16.80
C VAL C 217 32.35 17.06 -16.55
N GLN C 218 31.99 17.49 -15.34
CA GLN C 218 32.12 18.85 -14.88
C GLN C 218 33.54 19.10 -14.43
N ILE C 219 34.33 19.80 -15.26
CA ILE C 219 35.72 20.11 -14.92
C ILE C 219 35.77 21.56 -14.43
N THR C 220 36.12 21.74 -13.15
CA THR C 220 36.25 23.06 -12.54
C THR C 220 37.60 23.69 -12.87
N HIS C 221 37.69 25.01 -12.68
CA HIS C 221 38.94 25.74 -12.90
C HIS C 221 39.97 25.16 -11.95
N LEU C 222 39.53 24.83 -10.74
CA LEU C 222 40.40 24.22 -9.75
C LEU C 222 40.85 22.86 -10.28
N ASN C 223 39.92 22.05 -10.81
CA ASN C 223 40.29 20.75 -11.37
C ASN C 223 41.39 20.90 -12.40
N LEU C 224 41.13 21.77 -13.37
CA LEU C 224 42.05 22.00 -14.47
C LEU C 224 43.44 22.45 -13.99
N ALA C 225 43.48 23.46 -13.14
CA ALA C 225 44.74 23.99 -12.60
C ALA C 225 45.51 22.94 -11.79
N THR C 226 44.78 22.17 -11.01
CA THR C 226 45.37 21.11 -10.21
C THR C 226 46.03 20.06 -11.08
N ASN C 227 45.30 19.57 -12.09
CA ASN C 227 45.84 18.51 -12.96
C ASN C 227 47.02 19.00 -13.76
N VAL C 228 47.05 20.30 -14.08
CA VAL C 228 48.17 20.88 -14.82
C VAL C 228 49.43 20.83 -13.98
N VAL C 229 49.31 21.19 -12.71
CA VAL C 229 50.45 21.12 -11.79
C VAL C 229 50.89 19.67 -11.59
N GLN C 230 49.93 18.76 -11.54
CA GLN C 230 50.23 17.33 -11.37
C GLN C 230 51.03 16.79 -12.55
N VAL C 231 50.55 17.05 -13.75
CA VAL C 231 51.25 16.62 -14.97
C VAL C 231 52.65 17.23 -15.07
N ILE C 232 52.77 18.53 -14.83
CA ILE C 232 54.09 19.19 -14.93
C ILE C 232 55.10 18.57 -13.95
N GLU C 233 54.63 18.23 -12.75
CA GLU C 233 55.48 17.60 -11.72
C GLU C 233 55.99 16.24 -12.16
N ALA C 234 55.10 15.43 -12.71
CA ALA C 234 55.45 14.07 -13.18
C ALA C 234 56.38 14.06 -14.38
N LEU C 235 56.20 15.02 -15.29
CA LEU C 235 57.01 15.11 -16.51
C LEU C 235 58.43 15.60 -16.29
N GLU C 236 58.63 16.41 -15.24
CA GLU C 236 59.92 17.01 -14.95
C GLU C 236 60.43 17.73 -16.20
N GLY C 237 59.51 18.47 -16.82
CA GLY C 237 59.82 19.24 -18.02
C GLY C 237 60.62 20.45 -17.60
N GLU C 238 61.66 20.75 -18.36
CA GLU C 238 62.52 21.88 -18.07
C GLU C 238 62.51 22.87 -19.23
N GLU C 239 63.33 23.90 -19.10
CA GLU C 239 63.47 24.94 -20.11
C GLU C 239 64.03 24.33 -21.41
N GLY C 240 63.43 24.67 -22.54
CA GLY C 240 63.89 24.16 -23.83
C GLY C 240 63.17 22.93 -24.35
N ASP C 241 62.41 22.24 -23.48
CA ASP C 241 61.65 21.07 -23.91
C ASP C 241 60.44 21.55 -24.68
N ARG C 242 60.08 20.84 -25.74
CA ARG C 242 58.92 21.22 -26.52
C ARG C 242 57.93 20.08 -26.65
N GLY C 243 56.66 20.44 -26.54
CA GLY C 243 55.54 19.54 -26.65
C GLY C 243 54.89 19.51 -28.02
N LEU C 244 54.32 18.38 -28.37
CA LEU C 244 53.73 18.17 -29.67
C LEU C 244 52.74 17.04 -29.56
N SER C 245 51.77 17.05 -30.46
CA SER C 245 50.69 16.08 -30.44
C SER C 245 49.84 16.12 -31.70
N TRP C 246 49.20 15.01 -32.02
CA TRP C 246 48.25 14.93 -33.12
C TRP C 246 46.89 14.55 -32.55
N LEU C 247 46.80 14.44 -31.21
CA LEU C 247 45.54 14.00 -30.57
C LEU C 247 44.37 14.98 -30.74
N PRO C 248 43.18 14.46 -30.97
CA PRO C 248 42.04 15.38 -31.16
C PRO C 248 41.68 16.20 -29.92
N PHE C 249 41.41 17.49 -30.13
CA PHE C 249 41.04 18.39 -29.04
C PHE C 249 39.69 18.02 -28.41
N PHE C 250 38.86 17.25 -29.10
CA PHE C 250 37.57 16.84 -28.52
C PHE C 250 37.67 15.68 -27.53
N HIS C 251 38.90 15.18 -27.31
CA HIS C 251 39.16 14.12 -26.38
C HIS C 251 40.03 14.73 -25.29
N ASP C 252 39.91 14.24 -24.06
CA ASP C 252 40.63 14.82 -22.93
C ASP C 252 42.13 14.82 -23.08
N MET C 253 42.67 13.74 -23.67
CA MET C 253 44.12 13.60 -23.79
C MET C 253 44.67 14.64 -24.78
N GLY C 254 43.91 14.94 -25.82
CA GLY C 254 44.33 15.94 -26.80
C GLY C 254 44.15 17.37 -26.31
N LEU C 255 43.05 17.63 -25.60
CA LEU C 255 42.73 18.97 -25.08
C LEU C 255 43.66 19.46 -23.99
N ILE C 256 43.71 18.71 -22.88
CA ILE C 256 44.57 19.05 -21.74
C ILE C 256 46.04 19.17 -22.17
N THR C 257 46.47 18.31 -23.08
CA THR C 257 47.83 18.35 -23.60
C THR C 257 48.09 19.71 -24.24
N ALA C 258 47.14 20.20 -25.04
CA ALA C 258 47.29 21.51 -25.69
C ALA C 258 47.21 22.70 -24.74
N LEU C 259 46.49 22.57 -23.63
CA LEU C 259 46.35 23.67 -22.69
C LEU C 259 47.59 23.87 -21.86
N LEU C 260 48.12 22.76 -21.38
CA LEU C 260 49.27 22.83 -20.51
C LEU C 260 50.60 22.93 -21.25
N ALA C 261 50.73 22.24 -22.38
CA ALA C 261 52.01 22.19 -23.14
C ALA C 261 52.81 23.51 -23.25
N PRO C 262 52.14 24.64 -23.56
CA PRO C 262 52.86 25.92 -23.63
C PRO C 262 53.41 26.43 -22.29
N MET C 263 52.81 25.99 -21.18
N MET C 263 52.81 25.99 -21.18
CA MET C 263 53.25 26.38 -19.84
CA MET C 263 53.25 26.39 -19.83
C MET C 263 54.65 25.86 -19.46
C MET C 263 54.65 25.87 -19.47
N ILE C 264 55.20 24.94 -20.25
CA ILE C 264 56.59 24.41 -20.00
C ILE C 264 57.65 25.41 -20.54
N GLY C 265 57.19 26.53 -21.10
CA GLY C 265 58.08 27.60 -21.58
C GLY C 265 58.44 27.58 -23.05
N HIS C 266 57.70 26.81 -23.85
CA HIS C 266 57.97 26.69 -25.28
C HIS C 266 56.61 26.50 -25.98
N TYR C 267 56.55 26.84 -27.26
CA TYR C 267 55.29 26.70 -27.99
C TYR C 267 54.91 25.22 -28.20
N PHE C 268 53.60 25.01 -28.27
CA PHE C 268 53.02 23.71 -28.51
C PHE C 268 52.77 23.59 -30.01
N THR C 269 53.15 22.44 -30.55
CA THR C 269 52.99 22.11 -31.97
C THR C 269 51.96 20.99 -32.10
N PHE C 270 51.09 21.08 -33.10
CA PHE C 270 50.07 20.05 -33.31
C PHE C 270 49.63 19.89 -34.78
N MET C 271 49.03 18.76 -35.07
CA MET C 271 48.51 18.42 -36.41
C MET C 271 47.19 17.70 -36.21
N THR C 272 46.50 17.35 -37.28
CA THR C 272 45.22 16.64 -37.14
C THR C 272 45.47 15.13 -36.94
N PRO C 273 44.46 14.40 -36.40
CA PRO C 273 44.61 12.95 -36.32
C PRO C 273 44.68 12.33 -37.72
N ALA C 274 43.90 12.85 -38.67
CA ALA C 274 43.88 12.35 -40.04
C ALA C 274 45.26 12.46 -40.68
N ALA C 275 45.96 13.55 -40.40
CA ALA C 275 47.28 13.80 -40.93
C ALA C 275 48.26 12.74 -40.41
N PHE C 276 48.20 12.48 -39.10
CA PHE C 276 49.07 11.47 -38.50
C PHE C 276 48.76 10.09 -39.06
N VAL C 277 47.48 9.77 -39.09
CA VAL C 277 47.08 8.46 -39.59
C VAL C 277 47.54 8.23 -41.03
N ARG C 278 47.38 9.21 -41.89
CA ARG C 278 47.79 9.09 -43.31
C ARG C 278 49.32 8.92 -43.47
N ARG C 279 50.10 9.68 -42.70
CA ARG C 279 51.56 9.61 -42.76
C ARG C 279 52.16 9.75 -41.36
N PRO C 280 52.30 8.62 -40.65
CA PRO C 280 52.81 8.70 -39.29
C PRO C 280 54.26 9.21 -39.13
N GLU C 281 55.06 9.26 -40.21
CA GLU C 281 56.41 9.85 -40.12
C GLU C 281 56.33 11.28 -39.62
N ARG C 282 55.24 11.97 -39.98
CA ARG C 282 55.02 13.37 -39.57
C ARG C 282 55.19 13.54 -38.06
N TRP C 283 54.62 12.62 -37.28
CA TRP C 283 54.77 12.65 -35.81
C TRP C 283 56.23 12.33 -35.43
N ILE C 284 56.79 11.31 -36.07
CA ILE C 284 58.18 10.91 -35.82
C ILE C 284 59.15 12.08 -36.11
N ARG C 285 58.93 12.80 -37.21
CA ARG C 285 59.76 13.97 -37.56
C ARG C 285 59.66 15.10 -36.53
N GLU C 286 58.46 15.32 -35.98
CA GLU C 286 58.31 16.34 -34.95
C GLU C 286 59.01 15.92 -33.67
N LEU C 287 58.99 14.62 -33.37
CA LEU C 287 59.69 14.13 -32.18
C LEU C 287 61.20 14.22 -32.34
N ALA C 288 61.70 14.15 -33.57
CA ALA C 288 63.15 14.14 -33.82
C ALA C 288 63.85 15.46 -33.50
N ARG C 289 65.17 15.35 -33.32
CA ARG C 289 66.02 16.49 -32.98
C ARG C 289 66.01 17.54 -34.09
N LYS C 290 65.65 18.77 -33.72
CA LYS C 290 65.69 19.93 -34.61
C LYS C 290 67.01 20.65 -34.36
N GLU C 291 67.58 21.23 -35.42
CA GLU C 291 68.82 21.99 -35.28
C GLU C 291 68.39 23.29 -34.63
N GLY C 292 68.76 23.48 -33.37
CA GLY C 292 68.40 24.68 -32.61
C GLY C 292 67.69 24.47 -31.28
N ASP C 293 67.30 23.23 -30.95
CA ASP C 293 66.63 23.01 -29.64
C ASP C 293 67.65 22.78 -28.49
N THR C 294 67.21 23.08 -27.27
CA THR C 294 68.05 22.97 -26.07
C THR C 294 67.78 21.67 -25.31
N GLY C 295 66.52 21.27 -25.25
CA GLY C 295 66.11 20.06 -24.55
C GLY C 295 65.53 19.01 -25.48
N GLY C 296 64.62 18.20 -24.94
CA GLY C 296 64.00 17.13 -25.70
C GLY C 296 62.56 17.40 -26.03
N THR C 297 61.96 16.43 -26.72
CA THR C 297 60.56 16.50 -27.12
C THR C 297 59.68 15.69 -26.17
N ILE C 298 58.45 16.13 -26.01
CA ILE C 298 57.49 15.46 -25.16
C ILE C 298 56.21 15.28 -25.92
N SER C 299 55.68 14.05 -25.96
CA SER C 299 54.38 13.79 -26.62
C SER C 299 53.59 12.69 -25.87
N VAL C 300 52.48 12.30 -26.44
CA VAL C 300 51.58 11.38 -25.81
C VAL C 300 50.70 10.76 -26.87
N ALA C 301 50.41 9.49 -26.73
CA ALA C 301 49.56 8.79 -27.70
C ALA C 301 49.01 7.49 -27.15
N PRO C 302 47.90 7.00 -27.73
CA PRO C 302 47.35 5.70 -27.36
C PRO C 302 48.23 4.60 -27.94
N ASN C 303 48.21 3.43 -27.31
CA ASN C 303 49.03 2.30 -27.71
C ASN C 303 49.03 1.97 -29.20
N PHE C 304 47.84 1.99 -29.83
CA PHE C 304 47.73 1.62 -31.25
C PHE C 304 48.59 2.51 -32.15
N ALA C 305 48.76 3.78 -31.76
CA ALA C 305 49.53 4.73 -32.57
C ALA C 305 51.02 4.42 -32.57
N PHE C 306 51.52 3.75 -31.52
CA PHE C 306 52.91 3.32 -31.45
C PHE C 306 53.13 2.23 -32.49
N ASP C 307 52.14 1.35 -32.67
CA ASP C 307 52.24 0.29 -33.70
C ASP C 307 52.13 0.81 -35.12
N HIS C 308 51.30 1.84 -35.31
CA HIS C 308 51.09 2.44 -36.61
C HIS C 308 52.34 3.19 -37.05
N ALA C 309 52.98 3.91 -36.14
CA ALA C 309 54.23 4.63 -36.45
C ALA C 309 55.32 3.62 -36.74
N ALA C 310 55.40 2.58 -35.92
CA ALA C 310 56.43 1.58 -36.10
C ALA C 310 56.30 0.85 -37.40
N ALA C 311 55.08 0.61 -37.85
CA ALA C 311 54.86 -0.14 -39.09
C ALA C 311 54.91 0.69 -40.37
N ARG C 312 54.38 1.91 -40.31
CA ARG C 312 54.29 2.80 -41.47
C ARG C 312 55.00 4.16 -41.37
N GLY C 313 55.72 4.40 -40.28
CA GLY C 313 56.39 5.66 -40.06
C GLY C 313 57.90 5.66 -40.10
N VAL C 314 58.51 4.56 -40.55
CA VAL C 314 59.97 4.52 -40.67
C VAL C 314 60.35 5.22 -41.98
N PRO C 315 61.28 6.19 -41.94
CA PRO C 315 61.68 6.91 -43.17
C PRO C 315 62.18 5.98 -44.26
N LYS C 316 61.74 6.21 -45.49
CA LYS C 316 62.18 5.42 -46.62
C LYS C 316 63.63 5.76 -46.95
N PRO C 317 64.32 4.86 -47.69
CA PRO C 317 65.70 5.12 -48.10
C PRO C 317 65.85 6.47 -48.82
N GLY C 318 66.89 7.23 -48.47
CA GLY C 318 67.18 8.54 -49.11
C GLY C 318 66.54 9.79 -48.51
N SER C 319 65.91 9.64 -47.35
CA SER C 319 65.25 10.75 -46.65
C SER C 319 66.27 11.47 -45.77
N PRO C 320 65.93 12.70 -45.29
CA PRO C 320 66.87 13.40 -44.40
C PRO C 320 67.16 12.56 -43.14
N PRO C 321 68.36 12.69 -42.56
CA PRO C 321 68.64 11.89 -41.37
C PRO C 321 67.60 12.10 -40.26
N LEU C 322 67.39 11.04 -39.48
CA LEU C 322 66.44 11.03 -38.40
C LEU C 322 67.18 10.71 -37.10
N ASP C 323 67.19 11.64 -36.17
CA ASP C 323 67.86 11.45 -34.90
C ASP C 323 66.82 11.64 -33.77
N LEU C 324 66.45 10.52 -33.15
CA LEU C 324 65.48 10.50 -32.05
C LEU C 324 66.13 10.41 -30.65
N SER C 325 67.45 10.65 -30.56
CA SER C 325 68.18 10.59 -29.28
C SER C 325 67.75 11.71 -28.33
N ASN C 326 67.14 12.75 -28.91
CA ASN C 326 66.66 13.89 -28.14
C ASN C 326 65.30 13.66 -27.45
N VAL C 327 64.60 12.58 -27.76
CA VAL C 327 63.26 12.37 -27.18
C VAL C 327 63.30 12.19 -25.67
N LYS C 328 62.54 13.01 -24.95
CA LYS C 328 62.50 12.95 -23.50
C LYS C 328 61.42 11.98 -23.00
N ALA C 329 60.19 12.21 -23.45
CA ALA C 329 59.07 11.39 -23.05
C ALA C 329 57.96 11.32 -24.08
N VAL C 330 57.48 10.11 -24.33
CA VAL C 330 56.35 9.87 -25.21
C VAL C 330 55.43 9.02 -24.35
N LEU C 331 54.45 9.65 -23.70
CA LEU C 331 53.53 8.88 -22.87
C LEU C 331 52.68 7.98 -23.73
N ASN C 332 52.43 6.78 -23.23
CA ASN C 332 51.59 5.80 -23.88
C ASN C 332 50.40 5.55 -22.97
N GLY C 333 49.22 6.07 -23.34
CA GLY C 333 48.05 5.88 -22.49
C GLY C 333 46.73 6.03 -23.17
N SER C 334 45.66 5.79 -22.39
CA SER C 334 44.24 5.87 -22.77
C SER C 334 43.69 4.47 -23.07
N GLU C 335 44.58 3.53 -23.34
CA GLU C 335 44.15 2.16 -23.59
C GLU C 335 45.22 1.16 -23.11
N PRO C 336 44.88 -0.13 -23.08
CA PRO C 336 45.86 -1.11 -22.64
C PRO C 336 47.16 -1.07 -23.45
N ILE C 337 48.25 -1.02 -22.71
CA ILE C 337 49.59 -1.00 -23.28
C ILE C 337 50.01 -2.43 -23.52
N SER C 338 50.52 -2.70 -24.73
CA SER C 338 50.97 -4.04 -25.11
C SER C 338 52.47 -4.10 -25.09
N ALA C 339 53.02 -5.13 -24.43
CA ALA C 339 54.46 -5.29 -24.39
C ALA C 339 54.96 -5.49 -25.81
N ALA C 340 54.18 -6.20 -26.62
CA ALA C 340 54.53 -6.44 -28.02
C ALA C 340 54.67 -5.11 -28.80
N THR C 341 53.76 -4.18 -28.55
CA THR C 341 53.80 -2.85 -29.16
C THR C 341 55.06 -2.08 -28.76
N VAL C 342 55.38 -2.10 -27.47
CA VAL C 342 56.57 -1.42 -26.98
C VAL C 342 57.83 -1.99 -27.65
N ARG C 343 57.95 -3.33 -27.74
CA ARG C 343 59.09 -3.93 -28.43
C ARG C 343 59.16 -3.50 -29.90
N ARG C 344 58.03 -3.54 -30.62
CA ARG C 344 58.03 -3.16 -32.05
C ARG C 344 58.42 -1.69 -32.28
N PHE C 345 58.00 -0.82 -31.38
CA PHE C 345 58.33 0.56 -31.51
C PHE C 345 59.85 0.70 -31.37
N ASN C 346 60.40 0.12 -30.29
CA ASN C 346 61.86 0.15 -30.04
C ASN C 346 62.68 -0.50 -31.14
N GLU C 347 62.15 -1.55 -31.77
CA GLU C 347 62.89 -2.20 -32.85
C GLU C 347 62.91 -1.33 -34.10
N ALA C 348 61.83 -0.59 -34.33
CA ALA C 348 61.72 0.27 -35.50
C ALA C 348 62.54 1.56 -35.37
N PHE C 349 62.50 2.16 -34.18
CA PHE C 349 63.18 3.45 -33.97
C PHE C 349 64.45 3.44 -33.12
N GLY C 350 64.79 2.27 -32.57
CA GLY C 350 66.03 2.14 -31.82
C GLY C 350 67.23 2.46 -32.71
N PRO C 351 67.20 1.99 -33.98
CA PRO C 351 68.33 2.29 -34.87
C PRO C 351 68.50 3.79 -35.25
N PHE C 352 67.52 4.63 -34.89
CA PHE C 352 67.59 6.08 -35.15
C PHE C 352 67.89 6.85 -33.84
N GLY C 353 68.29 6.11 -32.81
CA GLY C 353 68.65 6.69 -31.51
C GLY C 353 67.51 6.85 -30.51
N PHE C 354 66.35 6.27 -30.79
CA PHE C 354 65.23 6.40 -29.85
C PHE C 354 65.53 5.65 -28.54
N PRO C 355 65.53 6.36 -27.41
CA PRO C 355 65.82 5.71 -26.12
C PRO C 355 64.59 4.99 -25.58
N PRO C 356 64.71 3.69 -25.19
CA PRO C 356 63.57 2.93 -24.65
C PRO C 356 62.90 3.60 -23.43
N LYS C 357 63.74 4.20 -22.61
CA LYS C 357 63.33 4.95 -21.43
C LYS C 357 62.27 6.04 -21.72
N ALA C 358 62.19 6.55 -22.95
CA ALA C 358 61.24 7.63 -23.26
C ALA C 358 59.78 7.19 -23.37
N ILE C 359 59.52 5.91 -23.65
CA ILE C 359 58.13 5.44 -23.70
C ILE C 359 57.65 5.40 -22.25
N LYS C 360 56.56 6.11 -21.95
CA LYS C 360 56.02 6.18 -20.58
C LYS C 360 54.58 5.73 -20.44
N PRO C 361 54.34 4.46 -20.09
CA PRO C 361 52.97 3.98 -19.87
C PRO C 361 52.31 4.88 -18.81
N SER C 362 51.06 5.27 -19.05
CA SER C 362 50.38 6.20 -18.18
C SER C 362 48.90 5.88 -18.13
N TYR C 363 48.25 6.31 -17.06
CA TYR C 363 46.83 6.07 -16.82
C TYR C 363 46.09 7.35 -16.42
N GLY C 364 44.84 7.43 -16.85
CA GLY C 364 43.99 8.53 -16.55
C GLY C 364 42.61 8.32 -17.11
N LEU C 365 41.74 9.28 -16.86
CA LEU C 365 40.37 9.25 -17.37
C LEU C 365 39.77 10.65 -17.25
N ALA C 366 38.68 10.88 -17.99
CA ALA C 366 38.03 12.18 -18.01
C ALA C 366 37.57 12.64 -16.61
N GLU C 367 37.11 11.69 -15.79
CA GLU C 367 36.65 11.99 -14.45
C GLU C 367 37.73 12.58 -13.52
N ALA C 368 38.98 12.38 -13.89
CA ALA C 368 40.11 12.91 -13.14
C ALA C 368 40.77 14.04 -13.90
N THR C 369 40.01 14.67 -14.79
CA THR C 369 40.46 15.74 -15.69
C THR C 369 41.28 15.01 -16.74
N LEU C 370 42.37 14.41 -16.31
CA LEU C 370 43.15 13.62 -17.24
C LEU C 370 44.11 12.65 -16.57
N PHE C 371 45.13 13.19 -15.95
CA PHE C 371 46.24 12.42 -15.40
C PHE C 371 46.14 11.85 -13.99
N VAL C 372 46.34 10.54 -13.87
CA VAL C 372 46.31 9.82 -12.60
C VAL C 372 47.69 9.21 -12.25
N SER C 373 48.34 8.54 -13.21
CA SER C 373 49.67 7.95 -12.96
C SER C 373 50.53 7.84 -14.21
N THR C 374 51.83 7.83 -14.01
CA THR C 374 52.76 7.63 -15.11
C THR C 374 54.09 7.11 -14.60
N THR C 375 54.82 6.47 -15.50
CA THR C 375 56.14 5.92 -15.23
C THR C 375 57.09 7.05 -14.91
N PRO C 376 57.92 6.89 -13.88
CA PRO C 376 58.85 7.99 -13.57
C PRO C 376 59.83 8.32 -14.72
N SER C 377 60.21 9.58 -14.79
CA SER C 377 61.14 10.11 -15.80
C SER C 377 62.42 9.30 -15.93
N ALA C 378 63.03 9.00 -14.78
CA ALA C 378 64.30 8.28 -14.76
C ALA C 378 64.24 6.79 -15.16
N GLU C 379 63.05 6.21 -15.17
CA GLU C 379 62.89 4.77 -15.44
C GLU C 379 62.38 4.40 -16.81
N GLU C 380 62.74 3.19 -17.24
CA GLU C 380 62.23 2.59 -18.47
C GLU C 380 60.85 2.02 -18.10
N PRO C 381 60.05 1.60 -19.10
CA PRO C 381 58.77 1.00 -18.75
C PRO C 381 58.96 -0.33 -18.04
N LYS C 382 58.19 -0.55 -16.97
CA LYS C 382 58.26 -1.78 -16.21
C LYS C 382 57.21 -2.72 -16.75
N ILE C 383 57.66 -3.88 -17.18
CA ILE C 383 56.80 -4.94 -17.69
C ILE C 383 57.06 -6.24 -16.93
N ILE C 384 56.00 -6.83 -16.39
CA ILE C 384 56.11 -8.11 -15.69
C ILE C 384 55.32 -9.16 -16.44
N THR C 385 55.73 -10.42 -16.31
CA THR C 385 55.01 -11.55 -16.90
C THR C 385 54.37 -12.31 -15.73
N VAL C 386 53.05 -12.45 -15.80
CA VAL C 386 52.30 -13.07 -14.71
C VAL C 386 51.56 -14.32 -15.15
N ASP C 387 51.19 -15.13 -14.16
CA ASP C 387 50.49 -16.39 -14.36
C ASP C 387 49.03 -16.10 -14.76
N ARG C 388 48.67 -16.59 -15.93
CA ARG C 388 47.34 -16.40 -16.54
C ARG C 388 46.19 -16.84 -15.65
N ASP C 389 46.32 -18.01 -15.06
CA ASP C 389 45.27 -18.55 -14.18
C ASP C 389 45.08 -17.72 -12.90
N GLN C 390 46.19 -17.35 -12.27
CA GLN C 390 46.15 -16.53 -11.07
C GLN C 390 45.56 -15.16 -11.37
N LEU C 391 45.99 -14.53 -12.48
CA LEU C 391 45.48 -13.20 -12.89
C LEU C 391 43.97 -13.24 -13.11
N ASN C 392 43.51 -14.23 -13.84
CA ASN C 392 42.11 -14.38 -14.11
C ASN C 392 41.30 -14.57 -12.82
N SER C 393 41.89 -15.24 -11.81
CA SER C 393 41.18 -15.42 -10.56
C SER C 393 41.48 -14.30 -9.52
N GLY C 394 42.14 -13.24 -9.96
CA GLY C 394 42.35 -12.08 -9.09
C GLY C 394 43.64 -11.84 -8.34
N ARG C 395 44.74 -12.50 -8.73
N ARG C 395 44.73 -12.51 -8.72
CA ARG C 395 46.02 -12.33 -8.04
CA ARG C 395 46.03 -12.35 -8.06
C ARG C 395 47.20 -12.19 -9.01
C ARG C 395 47.14 -12.11 -9.06
N ILE C 396 48.11 -11.27 -8.69
CA ILE C 396 49.28 -11.02 -9.51
C ILE C 396 50.38 -12.00 -8.99
N VAL C 397 50.81 -12.93 -9.84
CA VAL C 397 51.82 -13.93 -9.49
C VAL C 397 52.79 -14.06 -10.66
N GLU C 398 54.03 -13.67 -10.45
CA GLU C 398 55.06 -13.72 -11.50
C GLU C 398 55.49 -15.14 -11.94
N VAL C 399 55.77 -15.24 -13.24
CA VAL C 399 56.24 -16.46 -13.91
C VAL C 399 57.38 -16.08 -14.84
N ASP C 400 58.17 -17.07 -15.26
CA ASP C 400 59.27 -16.83 -16.19
C ASP C 400 58.65 -16.29 -17.47
N ALA C 401 59.38 -15.45 -18.19
CA ALA C 401 58.89 -14.85 -19.45
C ALA C 401 58.48 -15.85 -20.53
N ASP C 402 59.15 -16.99 -20.63
CA ASP C 402 58.79 -17.97 -21.66
C ASP C 402 57.81 -19.04 -21.16
N SER C 403 57.22 -18.83 -19.98
CA SER C 403 56.22 -19.76 -19.44
C SER C 403 55.00 -19.79 -20.34
N PRO C 404 54.38 -20.98 -20.52
CA PRO C 404 53.15 -21.03 -21.35
C PRO C 404 51.98 -20.32 -20.64
N LYS C 405 52.13 -20.03 -19.34
CA LYS C 405 51.09 -19.26 -18.61
C LYS C 405 51.35 -17.75 -18.56
N ALA C 406 52.41 -17.29 -19.19
CA ALA C 406 52.80 -15.90 -19.15
C ALA C 406 51.91 -14.91 -19.85
N VAL C 407 51.50 -13.88 -19.12
CA VAL C 407 50.75 -12.77 -19.67
C VAL C 407 51.61 -11.55 -19.35
N ALA C 408 52.04 -10.80 -20.37
CA ALA C 408 52.82 -9.59 -20.15
C ALA C 408 51.93 -8.46 -19.67
N GLN C 409 52.26 -7.84 -18.54
CA GLN C 409 51.50 -6.72 -17.98
C GLN C 409 52.42 -5.53 -17.85
N ALA C 410 52.06 -4.42 -18.50
CA ALA C 410 52.85 -3.21 -18.41
C ALA C 410 52.31 -2.37 -17.26
N SER C 411 53.21 -1.85 -16.44
CA SER C 411 52.86 -0.98 -15.32
C SER C 411 52.47 0.40 -15.83
N ALA C 412 51.59 1.08 -15.11
CA ALA C 412 51.20 2.46 -15.43
C ALA C 412 51.92 3.44 -14.47
N GLY C 413 52.91 2.95 -13.72
CA GLY C 413 53.70 3.80 -12.85
C GLY C 413 53.18 4.20 -11.47
N LYS C 414 53.52 5.43 -11.08
CA LYS C 414 53.20 5.98 -9.78
C LYS C 414 52.10 6.99 -9.86
N VAL C 415 51.27 7.04 -8.84
CA VAL C 415 50.20 8.01 -8.78
C VAL C 415 50.80 9.42 -8.62
N GLY C 416 50.14 10.40 -9.23
CA GLY C 416 50.63 11.79 -9.17
C GLY C 416 50.48 12.41 -7.80
N ILE C 417 51.15 13.55 -7.60
CA ILE C 417 51.06 14.23 -6.32
C ILE C 417 49.65 14.72 -6.05
N ALA C 418 49.29 14.78 -4.78
CA ALA C 418 47.98 15.25 -4.35
C ALA C 418 46.81 14.47 -4.94
N GLU C 419 47.03 13.21 -5.26
CA GLU C 419 45.95 12.36 -5.69
C GLU C 419 46.31 10.95 -5.23
N TRP C 420 45.30 10.09 -5.18
CA TRP C 420 45.46 8.77 -4.65
C TRP C 420 44.63 7.79 -5.44
N ALA C 421 45.10 6.54 -5.49
CA ALA C 421 44.38 5.43 -6.12
C ALA C 421 44.39 4.25 -5.13
N VAL C 422 43.26 3.57 -4.99
CA VAL C 422 43.20 2.41 -4.12
C VAL C 422 42.51 1.27 -4.88
N ILE C 423 42.89 0.03 -4.53
CA ILE C 423 42.33 -1.16 -5.12
C ILE C 423 41.32 -1.70 -4.14
N VAL C 424 40.07 -1.83 -4.56
CA VAL C 424 39.03 -2.29 -3.64
C VAL C 424 38.13 -3.42 -4.10
N ASP C 425 37.49 -4.03 -3.10
CA ASP C 425 36.41 -4.98 -3.32
C ASP C 425 35.27 -3.97 -3.38
N ALA C 426 34.67 -3.76 -4.54
CA ALA C 426 33.63 -2.74 -4.71
C ALA C 426 32.44 -2.90 -3.78
N GLU C 427 31.88 -4.11 -3.72
CA GLU C 427 30.74 -4.42 -2.84
C GLU C 427 30.85 -3.87 -1.43
N SER C 428 31.99 -4.11 -0.80
CA SER C 428 32.23 -3.68 0.58
C SER C 428 33.00 -2.37 0.74
N ALA C 429 33.53 -1.81 -0.34
CA ALA C 429 34.29 -0.55 -0.29
C ALA C 429 35.50 -0.68 0.64
N THR C 430 36.17 -1.83 0.50
CA THR C 430 37.32 -2.23 1.29
C THR C 430 38.59 -2.34 0.43
N GLU C 431 39.66 -1.69 0.89
CA GLU C 431 40.95 -1.73 0.20
C GLU C 431 41.55 -3.12 0.34
N LEU C 432 42.12 -3.62 -0.74
CA LEU C 432 42.71 -4.95 -0.78
C LEU C 432 44.23 -4.88 -0.63
N PRO C 433 44.86 -5.98 -0.17
CA PRO C 433 46.33 -5.98 -0.09
C PRO C 433 46.96 -5.97 -1.47
N ASP C 434 48.18 -5.46 -1.53
CA ASP C 434 48.91 -5.44 -2.77
C ASP C 434 48.97 -6.82 -3.41
N GLY C 435 48.86 -6.86 -4.73
CA GLY C 435 48.88 -8.10 -5.43
C GLY C 435 47.53 -8.67 -5.73
N GLN C 436 46.46 -8.12 -5.14
CA GLN C 436 45.11 -8.59 -5.41
C GLN C 436 44.43 -7.64 -6.38
N VAL C 437 43.71 -8.21 -7.35
CA VAL C 437 43.04 -7.41 -8.36
C VAL C 437 41.69 -6.97 -7.83
N GLY C 438 41.36 -5.70 -8.00
CA GLY C 438 40.06 -5.17 -7.58
C GLY C 438 39.74 -3.91 -8.37
N GLU C 439 38.64 -3.25 -8.03
CA GLU C 439 38.33 -2.01 -8.70
C GLU C 439 39.26 -0.88 -8.32
N ILE C 440 39.64 -0.08 -9.29
CA ILE C 440 40.46 1.10 -9.01
C ILE C 440 39.56 2.30 -8.68
N TRP C 441 39.76 2.86 -7.50
CA TRP C 441 39.04 4.04 -7.04
C TRP C 441 40.09 5.12 -6.84
N ILE C 442 39.72 6.36 -7.18
CA ILE C 442 40.66 7.48 -7.08
C ILE C 442 40.11 8.74 -6.39
N SER C 443 41.01 9.57 -5.88
CA SER C 443 40.62 10.79 -5.17
C SER C 443 41.64 11.88 -5.33
N GLY C 444 41.20 13.13 -5.21
CA GLY C 444 42.07 14.30 -5.32
C GLY C 444 41.34 15.51 -5.87
N GLN C 445 42.00 16.66 -5.82
CA GLN C 445 41.40 17.91 -6.31
C GLN C 445 41.20 18.03 -7.81
N ASN C 446 41.78 17.11 -8.56
CA ASN C 446 41.61 17.06 -10.00
C ASN C 446 40.36 16.31 -10.41
N MET C 447 39.67 15.69 -9.46
CA MET C 447 38.43 14.95 -9.77
C MET C 447 37.22 15.88 -10.04
N GLY C 448 36.51 15.58 -11.12
CA GLY C 448 35.33 16.32 -11.55
C GLY C 448 34.28 16.36 -10.47
N THR C 449 33.36 17.32 -10.59
CA THR C 449 32.34 17.51 -9.58
C THR C 449 31.01 16.83 -9.87
N GLY C 450 30.95 16.08 -10.97
CA GLY C 450 29.75 15.34 -11.34
C GLY C 450 29.53 15.29 -12.84
N TYR C 451 28.38 14.78 -13.23
CA TYR C 451 27.99 14.74 -14.63
C TYR C 451 26.84 15.76 -14.78
N TRP C 452 26.97 16.65 -15.75
CA TRP C 452 25.97 17.70 -16.00
C TRP C 452 24.53 17.18 -16.04
N GLY C 453 23.69 17.76 -15.20
CA GLY C 453 22.27 17.40 -15.09
C GLY C 453 21.91 15.98 -14.70
N LYS C 454 22.84 15.26 -14.09
CA LYS C 454 22.63 13.85 -13.72
C LYS C 454 23.03 13.54 -12.28
N PRO C 455 22.13 13.85 -11.33
CA PRO C 455 22.37 13.61 -9.91
C PRO C 455 22.75 12.20 -9.52
N GLU C 456 21.95 11.19 -9.90
CA GLU C 456 22.21 9.79 -9.55
C GLU C 456 23.53 9.25 -10.09
N GLU C 457 23.78 9.42 -11.38
CA GLU C 457 25.02 8.94 -11.97
C GLU C 457 26.22 9.65 -11.30
N SER C 458 26.06 10.93 -10.95
CA SER C 458 27.12 11.71 -10.30
C SER C 458 27.46 11.17 -8.92
N VAL C 459 26.44 10.88 -8.12
CA VAL C 459 26.62 10.32 -6.77
C VAL C 459 27.33 8.95 -6.87
N ALA C 460 26.81 8.09 -7.72
CA ALA C 460 27.34 6.75 -7.88
C ALA C 460 28.79 6.72 -8.37
N THR C 461 29.14 7.65 -9.25
CA THR C 461 30.49 7.65 -9.80
C THR C 461 31.48 8.43 -8.97
N PHE C 462 31.12 9.63 -8.51
CA PHE C 462 32.05 10.52 -7.82
C PHE C 462 32.03 10.58 -6.30
N GLN C 463 30.95 10.10 -5.68
CA GLN C 463 30.77 10.22 -4.22
C GLN C 463 30.92 8.98 -3.39
N ASN C 464 31.84 8.10 -3.76
CA ASN C 464 32.03 6.87 -3.01
C ASN C 464 32.89 7.10 -1.76
N ILE C 465 32.62 6.30 -0.72
CA ILE C 465 33.32 6.36 0.55
C ILE C 465 34.15 5.11 0.75
N LEU C 466 35.42 5.28 1.12
CA LEU C 466 36.33 4.18 1.38
C LEU C 466 36.11 3.77 2.83
N LYS C 467 35.36 2.69 3.04
CA LYS C 467 35.02 2.25 4.39
C LYS C 467 36.14 1.61 5.21
N SER C 468 37.12 1.02 4.55
CA SER C 468 38.20 0.30 5.22
C SER C 468 39.53 0.36 4.46
N ARG C 469 40.62 0.61 5.18
CA ARG C 469 41.96 0.69 4.61
C ARG C 469 42.88 -0.41 5.15
N THR C 470 43.85 -0.80 4.33
CA THR C 470 44.85 -1.78 4.71
C THR C 470 45.93 -1.03 5.44
N ASN C 471 46.89 -1.74 6.01
CA ASN C 471 48.04 -1.11 6.70
C ASN C 471 49.37 -1.67 6.13
N PRO C 472 50.15 -0.88 5.38
CA PRO C 472 49.88 0.50 5.00
C PRO C 472 48.80 0.64 3.91
N SER C 473 48.37 1.88 3.67
CA SER C 473 47.32 2.14 2.70
C SER C 473 47.78 3.04 1.58
N HIS C 474 47.26 2.76 0.39
CA HIS C 474 47.57 3.57 -0.79
C HIS C 474 46.78 4.90 -0.75
N ALA C 475 45.87 5.03 0.23
CA ALA C 475 45.11 6.26 0.45
C ALA C 475 45.74 7.09 1.57
N GLU C 476 46.97 6.80 1.96
CA GLU C 476 47.59 7.56 3.04
C GLU C 476 47.77 9.03 2.63
N GLY C 477 47.28 9.92 3.50
CA GLY C 477 47.34 11.38 3.25
C GLY C 477 45.98 11.95 2.88
N ALA C 478 45.10 11.12 2.33
CA ALA C 478 43.75 11.55 2.02
C ALA C 478 42.96 11.42 3.32
N THR C 479 41.97 12.29 3.48
CA THR C 479 41.13 12.30 4.69
C THR C 479 40.20 11.09 4.67
N ASP C 480 39.80 10.60 5.84
N ASP C 480 39.81 10.66 5.86
CA ASP C 480 38.94 9.41 5.89
CA ASP C 480 38.94 9.51 6.06
C ASP C 480 37.56 9.67 5.26
C ASP C 480 37.57 9.68 5.40
N ASP C 481 37.15 10.94 5.23
CA ASP C 481 35.86 11.32 4.60
C ASP C 481 36.01 11.83 3.14
N ALA C 482 37.20 11.67 2.55
CA ALA C 482 37.43 12.07 1.15
C ALA C 482 36.51 11.28 0.27
N THR C 483 36.12 11.87 -0.85
CA THR C 483 35.24 11.19 -1.79
C THR C 483 36.11 10.51 -2.84
N TRP C 484 35.58 9.42 -3.38
CA TRP C 484 36.28 8.59 -4.35
C TRP C 484 35.49 8.34 -5.64
N VAL C 485 36.24 8.44 -6.75
CA VAL C 485 35.71 8.21 -8.06
C VAL C 485 35.93 6.75 -8.41
N ARG C 486 34.87 6.15 -8.91
CA ARG C 486 34.82 4.77 -9.31
C ARG C 486 35.18 4.77 -10.79
N THR C 487 36.37 4.26 -11.11
CA THR C 487 36.87 4.33 -12.47
C THR C 487 36.22 3.42 -13.49
N GLY C 488 35.67 2.32 -13.03
CA GLY C 488 35.14 1.30 -13.94
C GLY C 488 36.28 0.37 -14.38
N ASP C 489 37.44 0.48 -13.76
CA ASP C 489 38.60 -0.35 -14.16
C ASP C 489 39.07 -1.29 -13.08
N TYR C 490 39.61 -2.43 -13.50
CA TYR C 490 40.27 -3.37 -12.61
C TYR C 490 41.74 -3.11 -12.71
N GLY C 491 42.40 -3.32 -11.58
CA GLY C 491 43.82 -3.15 -11.50
C GLY C 491 44.35 -3.70 -10.19
N ALA C 492 45.64 -3.50 -9.98
CA ALA C 492 46.27 -3.92 -8.75
C ALA C 492 47.57 -3.21 -8.58
N PHE C 493 48.03 -3.07 -7.34
CA PHE C 493 49.35 -2.54 -7.08
C PHE C 493 50.25 -3.76 -6.90
N TYR C 494 51.47 -3.69 -7.41
CA TYR C 494 52.41 -4.79 -7.24
C TYR C 494 53.83 -4.23 -7.30
N ASP C 495 54.60 -4.47 -6.24
CA ASP C 495 56.00 -4.04 -6.12
C ASP C 495 56.20 -2.53 -6.36
N GLY C 496 55.31 -1.72 -5.82
CA GLY C 496 55.40 -0.27 -5.98
C GLY C 496 54.81 0.36 -7.25
N ASP C 497 54.17 -0.41 -8.10
CA ASP C 497 53.59 0.16 -9.33
C ASP C 497 52.15 -0.20 -9.46
N LEU C 498 51.42 0.64 -10.18
CA LEU C 498 50.01 0.41 -10.42
C LEU C 498 49.86 -0.30 -11.75
N TYR C 499 49.02 -1.34 -11.81
CA TYR C 499 48.75 -2.10 -13.05
C TYR C 499 47.28 -2.00 -13.37
N ILE C 500 46.95 -1.60 -14.59
CA ILE C 500 45.58 -1.53 -15.04
C ILE C 500 45.33 -2.84 -15.79
N THR C 501 44.44 -3.68 -15.33
CA THR C 501 44.19 -4.96 -16.02
C THR C 501 43.11 -4.86 -17.09
N GLY C 502 42.20 -3.90 -16.99
CA GLY C 502 41.16 -3.74 -18.01
C GLY C 502 39.87 -3.19 -17.46
N ARG C 503 38.87 -3.01 -18.33
CA ARG C 503 37.57 -2.50 -17.90
C ARG C 503 36.75 -3.62 -17.27
N VAL C 504 36.11 -3.30 -16.15
CA VAL C 504 35.24 -4.25 -15.46
C VAL C 504 34.23 -4.85 -16.44
N LYS C 505 33.57 -4.01 -17.24
CA LYS C 505 32.55 -4.50 -18.16
C LYS C 505 33.06 -5.24 -19.37
N ASP C 506 34.38 -5.24 -19.63
CA ASP C 506 34.91 -6.03 -20.75
C ASP C 506 35.39 -7.43 -20.34
N LEU C 507 35.37 -7.77 -19.05
CA LEU C 507 35.83 -9.09 -18.61
C LEU C 507 34.94 -10.17 -19.24
N VAL C 508 35.55 -11.21 -19.78
CA VAL C 508 34.83 -12.29 -20.41
C VAL C 508 34.65 -13.41 -19.37
N ILE C 509 33.42 -13.70 -19.01
CA ILE C 509 33.12 -14.71 -18.00
C ILE C 509 32.40 -15.84 -18.73
N ILE C 510 33.06 -16.98 -18.83
CA ILE C 510 32.54 -18.15 -19.54
C ILE C 510 32.73 -19.40 -18.71
N ASP C 511 31.66 -20.20 -18.58
CA ASP C 511 31.67 -21.46 -17.87
C ASP C 511 32.37 -21.34 -16.48
N GLY C 512 32.03 -20.30 -15.73
CA GLY C 512 32.59 -20.09 -14.40
C GLY C 512 34.03 -19.58 -14.31
N ARG C 513 34.64 -19.20 -15.42
CA ARG C 513 36.00 -18.67 -15.41
C ARG C 513 36.08 -17.34 -16.14
N ASN C 514 36.99 -16.50 -15.66
CA ASN C 514 37.26 -15.19 -16.25
C ASN C 514 38.38 -15.24 -17.29
N HIS C 515 38.28 -14.36 -18.28
CA HIS C 515 39.34 -14.21 -19.28
C HIS C 515 39.42 -12.75 -19.59
N TYR C 516 40.64 -12.22 -19.72
CA TYR C 516 40.80 -10.83 -20.13
C TYR C 516 40.77 -10.83 -21.66
N PRO C 517 39.94 -9.96 -22.26
CA PRO C 517 39.81 -9.96 -23.70
C PRO C 517 41.09 -9.63 -24.45
N GLN C 518 41.92 -8.74 -23.95
CA GLN C 518 43.14 -8.40 -24.69
C GLN C 518 44.11 -9.58 -24.79
N ASP C 519 44.07 -10.45 -23.78
CA ASP C 519 44.89 -11.67 -23.72
C ASP C 519 44.34 -12.63 -24.81
N LEU C 520 43.03 -12.81 -24.88
CA LEU C 520 42.45 -13.67 -25.94
C LEU C 520 42.77 -13.13 -27.34
N GLU C 521 42.72 -11.80 -27.47
CA GLU C 521 42.96 -11.14 -28.72
C GLU C 521 44.44 -11.29 -29.14
N TYR C 522 45.34 -11.26 -28.17
CA TYR C 522 46.73 -11.43 -28.47
C TYR C 522 46.91 -12.84 -29.04
N SER C 523 46.30 -13.83 -28.39
CA SER C 523 46.40 -15.21 -28.88
C SER C 523 45.82 -15.37 -30.31
N ALA C 524 44.72 -14.68 -30.59
CA ALA C 524 44.11 -14.73 -31.93
C ALA C 524 45.02 -14.17 -33.01
N GLN C 525 45.64 -13.02 -32.71
CA GLN C 525 46.59 -12.35 -33.64
C GLN C 525 47.79 -13.19 -33.93
N GLU C 526 48.36 -13.80 -32.88
CA GLU C 526 49.56 -14.61 -33.04
C GLU C 526 49.27 -15.93 -33.75
N ALA C 527 48.03 -16.38 -33.72
CA ALA C 527 47.72 -17.66 -34.37
C ALA C 527 47.66 -17.54 -35.89
N SER C 528 47.46 -16.33 -36.42
CA SER C 528 47.30 -16.16 -37.87
C SER C 528 47.81 -14.84 -38.40
N LYS C 529 48.61 -14.94 -39.46
CA LYS C 529 49.15 -13.77 -40.13
C LYS C 529 48.08 -13.04 -40.95
N ALA C 530 46.94 -13.69 -41.17
CA ALA C 530 45.82 -13.09 -41.90
C ALA C 530 45.09 -12.01 -41.11
N ILE C 531 45.36 -11.89 -39.80
CA ILE C 531 44.70 -10.90 -38.92
C ILE C 531 45.45 -9.57 -38.82
N ARG C 532 44.71 -8.46 -38.85
CA ARG C 532 45.31 -7.14 -38.75
C ARG C 532 45.66 -6.83 -37.29
N THR C 533 46.95 -6.65 -37.06
CA THR C 533 47.51 -6.37 -35.74
C THR C 533 46.77 -5.29 -34.95
N GLY C 534 46.27 -5.66 -33.77
CA GLY C 534 45.52 -4.75 -32.90
C GLY C 534 44.04 -4.56 -33.24
N TYR C 535 43.56 -5.15 -34.34
CA TYR C 535 42.16 -5.00 -34.75
C TYR C 535 41.39 -6.29 -34.56
N VAL C 536 41.24 -6.65 -33.30
CA VAL C 536 40.57 -7.85 -32.86
C VAL C 536 39.81 -7.49 -31.59
N ALA C 537 38.65 -8.09 -31.42
CA ALA C 537 37.83 -7.88 -30.22
C ALA C 537 37.24 -9.21 -29.75
N ALA C 538 37.44 -9.53 -28.48
CA ALA C 538 36.89 -10.75 -27.91
C ALA C 538 35.84 -10.36 -26.86
N PHE C 539 34.74 -11.11 -26.86
CA PHE C 539 33.65 -10.88 -25.94
C PHE C 539 32.78 -12.13 -25.93
N SER C 540 31.82 -12.20 -25.02
CA SER C 540 30.93 -13.34 -24.94
C SER C 540 29.50 -12.92 -25.27
N VAL C 541 28.70 -13.86 -25.78
CA VAL C 541 27.29 -13.64 -26.02
C VAL C 541 26.57 -14.89 -25.54
N PRO C 542 25.30 -14.78 -25.12
CA PRO C 542 24.60 -16.02 -24.71
C PRO C 542 24.51 -16.97 -25.91
N ALA C 543 24.62 -18.27 -25.66
CA ALA C 543 24.59 -19.29 -26.71
C ALA C 543 23.41 -19.10 -27.65
N ASN C 544 22.23 -18.78 -27.09
CA ASN C 544 21.02 -18.58 -27.90
C ASN C 544 20.98 -17.28 -28.70
N GLN C 545 22.10 -16.54 -28.70
CA GLN C 545 22.25 -15.32 -29.52
C GLN C 545 23.23 -15.58 -30.67
N LEU C 546 23.88 -16.75 -30.66
CA LEU C 546 24.77 -17.12 -31.72
C LEU C 546 23.90 -17.39 -32.94
N PRO C 547 24.38 -17.04 -34.14
CA PRO C 547 23.59 -17.31 -35.33
C PRO C 547 23.56 -18.79 -35.74
N ASP C 548 22.55 -19.14 -36.53
CA ASP C 548 22.32 -20.50 -37.03
C ASP C 548 23.54 -21.20 -37.61
N GLU C 549 24.29 -20.49 -38.46
CA GLU C 549 25.51 -21.06 -39.09
C GLU C 549 26.51 -21.64 -38.08
N VAL C 550 26.60 -21.04 -36.89
CA VAL C 550 27.47 -21.53 -35.83
C VAL C 550 27.06 -22.97 -35.45
N PHE C 551 25.75 -23.18 -35.26
CA PHE C 551 25.25 -24.50 -34.85
C PHE C 551 25.26 -25.53 -35.96
N GLU C 552 25.26 -25.08 -37.22
CA GLU C 552 25.29 -25.99 -38.37
C GLU C 552 26.73 -26.41 -38.75
N ASN C 553 27.72 -25.76 -38.13
CA ASN C 553 29.13 -26.06 -38.32
C ASN C 553 29.57 -27.03 -37.22
N ALA C 554 30.06 -28.21 -37.60
CA ALA C 554 30.52 -29.23 -36.61
C ALA C 554 31.72 -28.78 -35.75
N HIS C 555 32.57 -27.92 -36.31
CA HIS C 555 33.77 -27.45 -35.62
C HIS C 555 33.55 -26.38 -34.55
N SER C 556 32.35 -25.82 -34.41
CA SER C 556 32.10 -24.81 -33.34
C SER C 556 31.98 -25.49 -31.96
N GLY C 557 31.71 -26.80 -31.95
CA GLY C 557 31.61 -27.59 -30.73
C GLY C 557 30.40 -27.31 -29.85
N ILE C 558 29.37 -26.68 -30.41
CA ILE C 558 28.14 -26.38 -29.65
C ILE C 558 26.92 -26.68 -30.53
N LYS C 559 25.83 -27.16 -29.91
CA LYS C 559 24.60 -27.46 -30.66
C LYS C 559 23.38 -26.67 -30.21
N ARG C 560 22.44 -26.52 -31.15
CA ARG C 560 21.20 -25.75 -30.96
C ARG C 560 20.42 -26.13 -29.71
N ASP C 561 20.05 -25.10 -28.96
CA ASP C 561 19.25 -25.25 -27.76
C ASP C 561 18.68 -23.85 -27.48
N PRO C 562 17.36 -23.66 -27.67
CA PRO C 562 16.73 -22.35 -27.44
C PRO C 562 16.74 -21.89 -25.98
N ASP C 563 16.89 -22.83 -25.05
CA ASP C 563 16.92 -22.52 -23.61
C ASP C 563 18.34 -22.33 -23.02
N ASP C 564 19.39 -22.58 -23.81
CA ASP C 564 20.78 -22.41 -23.37
C ASP C 564 21.17 -20.94 -23.50
N THR C 565 21.41 -20.30 -22.35
CA THR C 565 21.80 -18.90 -22.29
C THR C 565 23.23 -18.73 -21.77
N SER C 566 23.97 -19.82 -21.61
CA SER C 566 25.34 -19.71 -21.11
C SER C 566 26.18 -18.85 -22.08
N GLU C 567 27.02 -18.02 -21.49
CA GLU C 567 27.89 -17.13 -22.25
C GLU C 567 28.91 -17.97 -23.07
N GLN C 568 29.13 -17.56 -24.32
CA GLN C 568 30.02 -18.27 -25.27
C GLN C 568 30.94 -17.28 -25.94
N LEU C 569 32.17 -17.69 -26.23
CA LEU C 569 33.17 -16.80 -26.80
C LEU C 569 33.05 -16.51 -28.29
N VAL C 570 33.21 -15.24 -28.62
CA VAL C 570 33.20 -14.76 -29.99
C VAL C 570 34.46 -13.93 -30.17
N ILE C 571 35.10 -14.10 -31.32
CA ILE C 571 36.30 -13.33 -31.69
C ILE C 571 35.96 -12.67 -33.02
N VAL C 572 36.07 -11.34 -33.05
CA VAL C 572 35.85 -10.55 -34.24
C VAL C 572 37.22 -10.06 -34.64
N ALA C 573 37.62 -10.27 -35.89
CA ALA C 573 38.94 -9.83 -36.32
C ALA C 573 38.96 -9.28 -37.72
N GLU C 574 39.67 -8.17 -37.90
CA GLU C 574 39.81 -7.55 -39.23
C GLU C 574 40.92 -8.26 -40.05
N ARG C 575 40.73 -8.40 -41.35
CA ARG C 575 41.75 -9.07 -42.16
C ARG C 575 42.85 -8.08 -42.54
N ALA C 576 44.10 -8.54 -42.47
CA ALA C 576 45.22 -7.73 -42.90
C ALA C 576 45.04 -7.51 -44.42
N PRO C 577 45.24 -6.27 -44.90
CA PRO C 577 45.08 -6.01 -46.35
C PRO C 577 45.77 -6.98 -47.34
N GLY C 578 46.86 -7.64 -46.95
CA GLY C 578 47.55 -8.59 -47.85
C GLY C 578 46.73 -9.84 -48.22
N LYS C 581 44.16 -13.80 -51.75
CA LYS C 581 43.36 -13.77 -50.52
C LYS C 581 43.47 -15.16 -49.86
N LEU C 582 42.81 -15.33 -48.70
CA LEU C 582 42.81 -16.60 -47.97
C LEU C 582 41.39 -16.82 -47.46
N ASP C 583 40.87 -18.05 -47.53
CA ASP C 583 39.48 -18.27 -47.06
C ASP C 583 39.37 -18.41 -45.53
N ILE C 584 38.14 -18.25 -45.04
CA ILE C 584 37.82 -18.25 -43.61
C ILE C 584 38.14 -19.54 -42.84
N GLY C 585 38.13 -20.69 -43.52
CA GLY C 585 38.39 -21.98 -42.87
C GLY C 585 39.67 -22.14 -42.04
N PRO C 586 40.85 -22.17 -42.71
CA PRO C 586 42.14 -22.33 -42.00
C PRO C 586 42.43 -21.24 -40.96
N ILE C 587 41.99 -20.01 -41.23
CA ILE C 587 42.19 -18.92 -40.27
C ILE C 587 41.36 -19.19 -39.01
N THR C 588 40.13 -19.63 -39.20
CA THR C 588 39.25 -19.94 -38.07
C THR C 588 39.82 -21.11 -37.23
N ASP C 589 40.29 -22.15 -37.93
CA ASP C 589 40.87 -23.32 -37.29
C ASP C 589 42.09 -22.98 -36.45
N ASP C 590 42.95 -22.10 -36.98
CA ASP C 590 44.16 -21.70 -36.26
C ASP C 590 43.83 -20.86 -35.01
N ILE C 591 42.84 -19.96 -35.12
CA ILE C 591 42.48 -19.14 -33.99
C ILE C 591 41.88 -20.03 -32.88
N ARG C 592 40.98 -20.90 -33.26
CA ARG C 592 40.32 -21.77 -32.32
C ARG C 592 41.30 -22.70 -31.60
N ALA C 593 42.17 -23.33 -32.36
CA ALA C 593 43.16 -24.25 -31.77
C ALA C 593 44.09 -23.49 -30.81
N ALA C 594 44.50 -22.30 -31.20
CA ALA C 594 45.41 -21.54 -30.36
C ALA C 594 44.73 -21.13 -29.08
N ILE C 595 43.49 -20.66 -29.15
CA ILE C 595 42.80 -20.24 -27.95
C ILE C 595 42.43 -21.43 -27.05
N ALA C 596 42.06 -22.54 -27.65
CA ALA C 596 41.70 -23.66 -26.84
C ALA C 596 42.89 -24.17 -26.01
N VAL C 597 44.04 -24.31 -26.67
CA VAL C 597 45.20 -24.89 -25.99
C VAL C 597 45.74 -23.99 -24.89
N ARG C 598 45.87 -22.67 -25.09
CA ARG C 598 46.39 -21.91 -23.96
C ARG C 598 45.36 -21.34 -22.98
N HIS C 599 44.10 -21.17 -23.36
CA HIS C 599 43.10 -20.56 -22.46
C HIS C 599 42.04 -21.47 -21.92
N GLY C 600 41.89 -22.67 -22.49
CA GLY C 600 40.89 -23.64 -22.03
C GLY C 600 39.45 -23.27 -22.41
N VAL C 601 39.28 -22.55 -23.51
CA VAL C 601 37.95 -22.14 -23.96
C VAL C 601 37.87 -22.28 -25.47
N THR C 602 36.72 -22.73 -25.96
CA THR C 602 36.48 -22.93 -27.37
C THR C 602 35.71 -21.78 -27.96
N VAL C 603 36.31 -21.10 -28.96
CA VAL C 603 35.67 -20.00 -29.64
C VAL C 603 34.53 -20.57 -30.50
N ARG C 604 33.34 -20.03 -30.32
CA ARG C 604 32.19 -20.54 -31.08
C ARG C 604 32.03 -19.90 -32.42
N ASP C 605 32.34 -18.62 -32.51
CA ASP C 605 32.24 -17.95 -33.78
C ASP C 605 33.41 -17.01 -33.97
N VAL C 606 34.08 -17.17 -35.11
CA VAL C 606 35.15 -16.27 -35.53
C VAL C 606 34.57 -15.48 -36.69
N LEU C 607 34.39 -14.18 -36.50
CA LEU C 607 33.87 -13.34 -37.57
C LEU C 607 35.02 -12.48 -38.11
N LEU C 608 35.40 -12.75 -39.36
CA LEU C 608 36.45 -12.01 -40.05
C LEU C 608 35.81 -10.92 -40.86
N THR C 609 36.28 -9.68 -40.70
CA THR C 609 35.68 -8.52 -41.37
C THR C 609 36.68 -7.76 -42.25
N ALA C 610 36.19 -6.77 -42.98
CA ALA C 610 37.04 -5.91 -43.76
C ALA C 610 37.75 -4.96 -42.80
N ALA C 611 38.81 -4.30 -43.25
CA ALA C 611 39.53 -3.33 -42.43
C ALA C 611 38.61 -2.16 -42.12
N GLY C 612 38.61 -1.68 -40.87
CA GLY C 612 37.73 -0.55 -40.46
C GLY C 612 36.32 -0.91 -40.03
N ALA C 613 35.99 -2.20 -40.00
CA ALA C 613 34.64 -2.63 -39.62
C ALA C 613 34.37 -2.72 -38.12
N ILE C 614 35.42 -2.93 -37.31
CA ILE C 614 35.23 -3.00 -35.86
C ILE C 614 34.99 -1.59 -35.28
N PRO C 615 33.91 -1.40 -34.47
CA PRO C 615 33.69 -0.09 -33.94
C PRO C 615 34.77 0.42 -33.01
N ARG C 616 35.15 1.67 -33.22
CA ARG C 616 36.16 2.32 -32.41
C ARG C 616 35.56 3.61 -31.87
N THR C 617 36.09 4.05 -30.74
CA THR C 617 35.65 5.28 -30.12
C THR C 617 36.18 6.40 -30.98
N SER C 618 35.75 7.63 -30.72
CA SER C 618 36.23 8.77 -31.50
C SER C 618 37.71 9.12 -31.29
N SER C 619 38.36 8.55 -30.27
CA SER C 619 39.79 8.78 -30.05
C SER C 619 40.60 7.62 -30.66
N GLY C 620 39.88 6.64 -31.21
CA GLY C 620 40.47 5.51 -31.90
C GLY C 620 40.64 4.23 -31.14
N LYS C 621 40.08 4.15 -29.93
CA LYS C 621 40.21 2.94 -29.13
C LYS C 621 39.22 1.92 -29.64
N ILE C 622 39.60 0.65 -29.60
CA ILE C 622 38.69 -0.44 -29.98
C ILE C 622 37.63 -0.47 -28.90
N GLY C 623 36.37 -0.48 -29.27
CA GLY C 623 35.27 -0.50 -28.28
C GLY C 623 34.67 -1.89 -28.25
N ARG C 624 35.07 -2.69 -27.27
CA ARG C 624 34.58 -4.07 -27.16
C ARG C 624 33.07 -4.20 -26.92
N ARG C 625 32.51 -3.40 -26.01
N ARG C 625 32.52 -3.34 -26.07
CA ARG C 625 31.05 -3.43 -25.77
CA ARG C 625 31.13 -3.40 -25.76
C ARG C 625 30.30 -3.01 -27.02
C ARG C 625 30.32 -3.00 -27.01
N ALA C 626 30.86 -2.03 -27.75
CA ALA C 626 30.24 -1.56 -28.99
C ALA C 626 30.38 -2.64 -30.06
N CYS C 627 31.49 -3.37 -30.06
CA CYS C 627 31.67 -4.44 -31.03
C CYS C 627 30.68 -5.55 -30.74
N ARG C 628 30.46 -5.84 -29.47
CA ARG C 628 29.46 -6.87 -29.06
C ARG C 628 28.04 -6.44 -29.49
N ALA C 629 27.73 -5.17 -29.22
CA ALA C 629 26.43 -4.59 -29.60
C ALA C 629 26.19 -4.67 -31.12
N ALA C 630 27.25 -4.40 -31.88
CA ALA C 630 27.20 -4.44 -33.35
C ALA C 630 27.05 -5.88 -33.87
N TYR C 631 27.66 -6.81 -33.17
CA TYR C 631 27.53 -8.22 -33.49
C TYR C 631 26.08 -8.68 -33.26
N LEU C 632 25.45 -8.21 -32.18
CA LEU C 632 24.07 -8.61 -31.84
C LEU C 632 22.97 -7.88 -32.57
N ASP C 633 23.20 -6.64 -33.03
CA ASP C 633 22.13 -5.85 -33.69
C ASP C 633 22.06 -5.92 -35.20
N GLY C 634 22.97 -6.71 -35.80
CA GLY C 634 23.02 -6.92 -37.26
C GLY C 634 24.02 -6.06 -38.03
N SER C 635 24.49 -4.95 -37.44
CA SER C 635 25.38 -4.03 -38.16
C SER C 635 26.75 -4.55 -38.54
N LEU C 636 27.37 -5.29 -37.63
CA LEU C 636 28.72 -5.78 -37.87
C LEU C 636 28.80 -6.79 -39.00
N ARG C 637 27.89 -7.76 -38.98
CA ARG C 637 27.87 -8.82 -39.95
C ARG C 637 27.54 -8.29 -41.35
N ALA C 638 26.65 -7.29 -41.41
CA ALA C 638 26.28 -6.66 -42.69
C ALA C 638 27.37 -5.68 -43.20
N GLY C 639 28.45 -5.52 -42.42
CA GLY C 639 29.56 -4.66 -42.77
C GLY C 639 29.20 -3.19 -42.77
N LYS C 640 28.25 -2.80 -41.92
CA LYS C 640 27.74 -1.42 -41.89
C LYS C 640 27.91 -0.66 -40.59
N VAL C 641 29.09 -0.80 -39.98
CA VAL C 641 29.41 -0.11 -38.74
C VAL C 641 29.90 1.30 -39.03
N ALA C 642 29.48 2.24 -38.18
CA ALA C 642 29.83 3.65 -38.33
C ALA C 642 31.05 4.07 -37.48
N ASN C 643 32.16 4.43 -38.13
CA ASN C 643 33.38 4.89 -37.45
C ASN C 643 33.81 6.28 -37.90
N ASP C 644 34.14 7.16 -36.95
CA ASP C 644 34.64 8.52 -37.31
C ASP C 644 36.17 8.72 -37.13
N PHE C 645 36.88 7.80 -36.50
CA PHE C 645 38.31 7.99 -36.35
C PHE C 645 38.98 7.61 -37.67
N PRO C 646 39.91 8.43 -38.17
CA PRO C 646 40.55 8.07 -39.44
C PRO C 646 41.25 6.71 -39.37
N ASP C 647 41.04 5.88 -40.39
CA ASP C 647 41.65 4.54 -40.45
C ASP C 647 42.73 4.57 -41.49
N ALA C 648 43.75 3.70 -41.30
CA ALA C 648 44.93 3.58 -42.18
C ALA C 648 44.61 3.39 -43.68
N THR C 649 43.57 2.61 -43.96
CA THR C 649 43.16 2.37 -45.35
C THR C 649 42.57 3.66 -45.99
N ASP C 650 41.69 4.39 -45.29
CA ASP C 650 41.14 5.66 -45.82
C ASP C 650 42.08 6.85 -45.54
N PHE D 27 -0.07 20.12 51.64
CA PHE D 27 -1.34 19.35 51.88
C PHE D 27 -1.09 18.27 52.95
N ILE D 28 -1.43 18.63 54.19
CA ILE D 28 -1.21 17.78 55.38
C ILE D 28 -1.91 16.41 55.28
N LYS D 29 -1.37 15.43 56.02
CA LYS D 29 -1.89 14.07 56.06
C LYS D 29 -1.92 13.61 57.54
N ASP D 30 -3.08 13.13 58.00
CA ASP D 30 -3.27 12.62 59.38
C ASP D 30 -4.30 11.46 59.39
N GLY D 31 -3.98 10.44 58.60
CA GLY D 31 -4.84 9.28 58.38
C GLY D 31 -5.22 9.31 56.89
N GLN D 32 -5.81 10.44 56.48
CA GLN D 32 -6.26 10.72 55.09
C GLN D 32 -5.61 12.02 54.57
N ILE D 33 -5.52 12.18 53.25
CA ILE D 33 -4.99 13.42 52.65
C ILE D 33 -6.11 14.44 52.74
N LYS D 34 -5.78 15.67 53.14
CA LYS D 34 -6.78 16.71 53.30
C LYS D 34 -6.42 17.92 52.44
N PHE D 35 -7.45 18.58 51.89
CA PHE D 35 -7.31 19.77 51.06
C PHE D 35 -8.06 20.95 51.69
N PRO D 36 -7.55 22.19 51.53
CA PRO D 36 -8.24 23.39 52.08
C PRO D 36 -9.71 23.52 51.63
N SER D 39 -11.25 24.03 47.66
CA SER D 39 -10.21 23.64 46.71
C SER D 39 -10.82 22.99 45.45
N SER D 40 -9.96 22.73 44.44
CA SER D 40 -10.31 22.10 43.15
C SER D 40 -9.12 22.06 42.16
N ILE D 41 -9.21 21.22 41.13
CA ILE D 41 -8.16 21.16 40.10
C ILE D 41 -8.14 22.43 39.21
N VAL D 42 -9.31 23.05 39.02
CA VAL D 42 -9.42 24.26 38.18
C VAL D 42 -8.75 25.45 38.88
N ALA D 43 -9.18 25.71 40.11
CA ALA D 43 -8.65 26.81 40.89
C ALA D 43 -7.13 26.69 41.03
N HIS D 44 -6.67 25.48 41.33
CA HIS D 44 -5.22 25.22 41.47
C HIS D 44 -4.48 25.53 40.17
N VAL D 45 -5.01 25.05 39.05
CA VAL D 45 -4.40 25.30 37.74
C VAL D 45 -4.42 26.79 37.42
N GLU D 46 -5.49 27.49 37.79
CA GLU D 46 -5.58 28.95 37.57
C GLU D 46 -4.52 29.72 38.38
N ARG D 47 -4.30 29.33 39.63
CA ARG D 47 -3.27 29.97 40.48
C ARG D 47 -1.87 29.74 39.91
N TRP D 48 -1.54 28.47 39.63
N TRP D 48 -1.61 28.46 39.62
CA TRP D 48 -0.20 28.15 39.14
CA TRP D 48 -0.36 27.95 39.06
C TRP D 48 0.06 28.71 37.73
C TRP D 48 -0.02 28.56 37.69
N ALA D 49 -0.98 29.31 37.12
CA ALA D 49 -0.84 29.93 35.79
C ALA D 49 -0.45 31.38 35.83
N LYS D 50 -1.19 32.19 36.60
N LYS D 50 -1.19 32.16 36.62
CA LYS D 50 -0.91 33.64 36.69
CA LYS D 50 -0.98 33.62 36.77
C LYS D 50 0.44 33.98 37.30
C LYS D 50 0.36 34.01 37.41
N VAL D 51 0.99 33.08 38.13
CA VAL D 51 2.29 33.29 38.78
C VAL D 51 3.46 32.92 37.82
N ARG D 52 3.23 31.91 36.98
CA ARG D 52 4.20 31.48 35.97
C ARG D 52 3.65 31.84 34.58
N GLY D 53 2.92 32.95 34.50
CA GLY D 53 2.28 33.46 33.27
C GLY D 53 2.79 32.99 31.94
N ASP D 54 4.01 33.36 31.60
CA ASP D 54 4.60 33.02 30.30
C ASP D 54 5.55 31.82 30.31
N LYS D 55 5.65 31.10 31.41
CA LYS D 55 6.47 29.89 31.38
C LYS D 55 5.67 28.83 30.59
N LEU D 56 6.41 27.91 30.01
CA LEU D 56 5.87 26.86 29.15
C LEU D 56 5.12 25.81 30.01
N ALA D 57 3.91 25.43 29.59
CA ALA D 57 3.11 24.43 30.31
C ALA D 57 3.17 23.08 29.60
N TYR D 58 2.93 23.08 28.28
CA TYR D 58 2.98 21.87 27.47
C TYR D 58 3.74 22.03 26.18
N ARG D 59 4.36 20.95 25.74
CA ARG D 59 5.04 20.90 24.43
C ARG D 59 4.68 19.62 23.71
N PHE D 60 4.16 19.80 22.50
CA PHE D 60 3.79 18.69 21.64
C PHE D 60 4.81 18.52 20.51
N LEU D 61 5.55 17.42 20.56
CA LEU D 61 6.50 17.09 19.50
C LEU D 61 5.70 16.40 18.42
N ASP D 62 5.40 17.16 17.37
CA ASP D 62 4.59 16.70 16.25
C ASP D 62 5.52 16.14 15.13
N PHE D 63 5.40 14.84 14.85
CA PHE D 63 6.20 14.16 13.83
C PHE D 63 5.40 13.74 12.58
N SER D 64 4.26 14.37 12.30
CA SER D 64 3.41 13.96 11.15
C SER D 64 3.69 14.65 9.81
N THR D 65 4.61 15.62 9.80
CA THR D 65 4.98 16.33 8.56
C THR D 65 6.50 16.30 8.42
N GLU D 66 7.19 16.80 9.44
CA GLU D 66 8.66 16.80 9.48
C GLU D 66 9.02 15.56 10.29
N ARG D 67 9.82 14.70 9.69
CA ARG D 67 10.25 13.46 10.32
C ARG D 67 11.17 13.74 11.53
N ASP D 68 11.86 14.87 11.49
CA ASP D 68 12.76 15.30 12.59
C ASP D 68 11.96 15.92 13.77
N GLY D 69 10.72 16.34 13.52
CA GLY D 69 9.85 16.89 14.54
C GLY D 69 9.67 18.39 14.56
N VAL D 70 8.43 18.81 14.84
CA VAL D 70 8.02 20.21 14.94
C VAL D 70 7.43 20.45 16.34
N PRO D 71 8.08 21.28 17.17
CA PRO D 71 7.51 21.49 18.48
C PRO D 71 6.34 22.46 18.48
N ARG D 72 5.30 22.20 19.28
CA ARG D 72 4.14 23.10 19.42
C ARG D 72 3.96 23.35 20.92
N ASP D 73 4.18 24.60 21.30
CA ASP D 73 4.17 25.04 22.67
C ASP D 73 2.91 25.79 23.10
N LEU D 74 2.63 25.66 24.39
CA LEU D 74 1.50 26.29 25.03
C LEU D 74 1.99 26.79 26.38
N THR D 75 1.86 28.09 26.61
CA THR D 75 2.29 28.68 27.87
C THR D 75 1.16 28.54 28.87
N TRP D 76 1.45 28.82 30.15
CA TRP D 76 0.44 28.75 31.17
C TRP D 76 -0.68 29.76 30.95
N ALA D 77 -0.32 30.97 30.53
CA ALA D 77 -1.32 32.02 30.26
C ALA D 77 -2.22 31.63 29.09
N GLN D 78 -1.62 31.03 28.07
CA GLN D 78 -2.37 30.60 26.87
C GLN D 78 -3.27 29.44 27.18
N PHE D 79 -2.74 28.53 27.98
CA PHE D 79 -3.47 27.34 28.42
C PHE D 79 -4.70 27.80 29.23
N SER D 80 -4.49 28.66 30.21
CA SER D 80 -5.60 29.19 31.02
C SER D 80 -6.64 29.89 30.13
N ALA D 81 -6.17 30.72 29.19
CA ALA D 81 -7.07 31.47 28.28
C ALA D 81 -7.95 30.55 27.44
N ARG D 82 -7.36 29.49 26.90
CA ARG D 82 -8.08 28.52 26.07
C ARG D 82 -9.11 27.74 26.93
N ASN D 83 -8.67 27.24 28.08
CA ASN D 83 -9.57 26.50 28.96
C ASN D 83 -10.79 27.31 29.32
N ARG D 84 -10.59 28.58 29.65
CA ARG D 84 -11.70 29.48 30.01
C ARG D 84 -12.67 29.79 28.84
N ALA D 85 -12.12 29.90 27.64
CA ALA D 85 -12.94 30.20 26.45
C ALA D 85 -13.81 29.00 26.13
N VAL D 86 -13.18 27.82 26.14
CA VAL D 86 -13.90 26.58 25.87
C VAL D 86 -14.93 26.32 26.95
N ALA D 87 -14.60 26.67 28.19
CA ALA D 87 -15.52 26.44 29.29
C ALA D 87 -16.73 27.35 29.15
N ALA D 88 -16.49 28.60 28.79
CA ALA D 88 -17.59 29.56 28.58
C ALA D 88 -18.58 29.04 27.52
N ARG D 89 -18.08 28.55 26.38
N ARG D 89 -18.05 28.56 26.40
CA ARG D 89 -18.96 28.04 25.32
CA ARG D 89 -18.87 28.01 25.31
C ARG D 89 -19.77 26.84 25.80
C ARG D 89 -19.73 26.81 25.73
N LEU D 90 -19.13 25.92 26.53
CA LEU D 90 -19.84 24.74 27.07
C LEU D 90 -20.90 25.17 28.08
N GLN D 91 -20.62 26.25 28.83
CA GLN D 91 -21.62 26.76 29.82
C GLN D 91 -22.87 27.38 29.19
N GLN D 92 -22.83 27.59 27.86
CA GLN D 92 -23.96 28.15 27.12
C GLN D 92 -24.81 27.07 26.49
N VAL D 93 -24.22 25.90 26.23
CA VAL D 93 -24.96 24.85 25.52
C VAL D 93 -25.10 23.51 26.23
N THR D 94 -24.63 23.41 27.46
CA THR D 94 -24.76 22.17 28.23
C THR D 94 -25.23 22.51 29.63
N GLN D 95 -25.87 21.53 30.28
CA GLN D 95 -26.39 21.70 31.65
C GLN D 95 -25.51 20.97 32.65
N PRO D 96 -25.53 21.39 33.94
CA PRO D 96 -24.73 20.68 34.94
C PRO D 96 -25.11 19.20 34.96
N GLY D 97 -24.12 18.32 35.08
CA GLY D 97 -24.38 16.88 35.07
C GLY D 97 -24.24 16.25 33.67
N ASP D 98 -24.16 17.07 32.62
CA ASP D 98 -24.01 16.52 31.27
C ASP D 98 -22.61 16.04 31.07
N ARG D 99 -22.47 15.06 30.19
CA ARG D 99 -21.18 14.52 29.82
C ARG D 99 -20.73 15.23 28.53
N VAL D 100 -19.45 15.54 28.44
CA VAL D 100 -18.86 16.19 27.27
C VAL D 100 -17.75 15.26 26.81
N ALA D 101 -17.92 14.65 25.66
CA ALA D 101 -16.94 13.71 25.18
C ALA D 101 -15.88 14.37 24.33
N ILE D 102 -14.64 13.94 24.49
CA ILE D 102 -13.48 14.46 23.74
C ILE D 102 -13.10 13.48 22.63
N LEU D 103 -13.51 13.81 21.39
CA LEU D 103 -13.25 13.01 20.18
C LEU D 103 -12.20 13.78 19.39
N CYS D 104 -10.99 13.67 19.90
CA CYS D 104 -9.88 14.45 19.40
C CYS D 104 -8.55 13.66 19.30
N PRO D 105 -7.71 14.01 18.31
CA PRO D 105 -6.40 13.34 18.23
C PRO D 105 -5.45 13.83 19.35
N GLN D 106 -4.35 13.10 19.53
CA GLN D 106 -3.33 13.35 20.57
C GLN D 106 -2.59 14.63 20.20
N ASN D 107 -2.96 15.73 20.85
CA ASN D 107 -2.34 17.03 20.61
C ASN D 107 -2.69 17.99 21.75
N LEU D 108 -2.29 19.25 21.64
CA LEU D 108 -2.56 20.24 22.68
C LEU D 108 -4.06 20.53 22.87
N ASP D 109 -4.82 20.47 21.78
CA ASP D 109 -6.26 20.72 21.82
C ASP D 109 -7.00 19.66 22.66
N TYR D 110 -6.46 18.45 22.70
CA TYR D 110 -7.06 17.39 23.51
C TYR D 110 -7.02 17.85 24.98
N LEU D 111 -5.90 18.42 25.40
CA LEU D 111 -5.75 18.87 26.79
C LEU D 111 -6.62 20.11 27.06
N VAL D 112 -6.71 21.02 26.11
CA VAL D 112 -7.58 22.19 26.28
C VAL D 112 -9.02 21.71 26.40
N ALA D 113 -9.37 20.73 25.57
CA ALA D 113 -10.71 20.16 25.56
C ALA D 113 -11.08 19.55 26.90
N PHE D 114 -10.16 18.78 27.48
CA PHE D 114 -10.37 18.11 28.76
C PHE D 114 -10.44 19.11 29.91
N PHE D 115 -9.47 20.02 29.99
CA PHE D 115 -9.52 21.04 31.03
C PHE D 115 -10.72 21.97 30.84
N GLY D 116 -11.04 22.27 29.58
CA GLY D 116 -12.19 23.10 29.27
C GLY D 116 -13.43 22.56 29.93
N ALA D 117 -13.63 21.25 29.83
CA ALA D 117 -14.78 20.59 30.41
C ALA D 117 -14.74 20.67 31.94
N LEU D 118 -13.55 20.54 32.56
CA LEU D 118 -13.46 20.65 34.03
C LEU D 118 -13.78 22.09 34.43
N TYR D 119 -13.16 23.05 33.75
CA TYR D 119 -13.42 24.49 34.01
C TYR D 119 -14.91 24.79 33.88
N ALA D 120 -15.56 24.12 32.94
CA ALA D 120 -16.98 24.35 32.68
C ALA D 120 -17.88 23.74 33.73
N GLY D 121 -17.34 22.82 34.52
CA GLY D 121 -18.14 22.12 35.53
C GLY D 121 -18.98 21.03 34.90
N ARG D 122 -18.44 20.36 33.90
CA ARG D 122 -19.15 19.25 33.22
C ARG D 122 -18.30 17.99 33.29
N ILE D 123 -18.93 16.84 33.11
CA ILE D 123 -18.25 15.60 33.18
C ILE D 123 -17.56 15.28 31.87
N ALA D 124 -16.24 15.28 31.89
CA ALA D 124 -15.49 14.99 30.69
C ALA D 124 -15.45 13.48 30.42
N VAL D 125 -15.44 13.09 29.16
CA VAL D 125 -15.32 11.67 28.80
C VAL D 125 -14.19 11.65 27.75
N PRO D 126 -12.94 11.46 28.20
CA PRO D 126 -11.83 11.46 27.22
C PRO D 126 -11.83 10.22 26.35
N LEU D 127 -11.88 10.40 25.04
CA LEU D 127 -11.91 9.29 24.12
C LEU D 127 -10.90 9.54 23.00
N PHE D 128 -11.26 9.33 21.73
CA PHE D 128 -10.34 9.40 20.61
C PHE D 128 -11.06 9.81 19.32
N ASP D 129 -10.27 10.11 18.30
CA ASP D 129 -10.78 10.54 17.01
C ASP D 129 -11.31 9.34 16.22
N PRO D 130 -12.59 9.38 15.82
CA PRO D 130 -13.16 8.25 15.07
C PRO D 130 -12.67 8.06 13.64
N SER D 131 -11.97 9.03 13.05
CA SER D 131 -11.51 8.84 11.68
C SER D 131 -10.24 8.00 11.72
N GLU D 132 -9.46 8.18 12.77
CA GLU D 132 -8.22 7.43 13.01
C GLU D 132 -8.57 6.04 13.59
N PRO D 133 -7.53 5.24 13.92
CA PRO D 133 -7.79 3.94 14.56
C PRO D 133 -8.52 4.00 15.97
N GLY D 134 -9.57 3.19 16.16
CA GLY D 134 -10.05 2.25 15.12
C GLY D 134 -11.18 1.29 15.44
N HIS D 135 -11.54 1.14 16.71
CA HIS D 135 -12.64 0.24 17.07
C HIS D 135 -13.93 1.12 17.06
N VAL D 136 -14.51 1.28 15.87
CA VAL D 136 -15.74 2.06 15.68
C VAL D 136 -16.83 1.47 16.56
N GLY D 137 -16.91 0.15 16.60
CA GLY D 137 -17.91 -0.55 17.42
C GLY D 137 -17.82 -0.23 18.91
N ARG D 138 -16.60 -0.03 19.40
CA ARG D 138 -16.44 0.27 20.82
C ARG D 138 -16.89 1.71 21.11
N LEU D 139 -16.61 2.62 20.19
CA LEU D 139 -17.03 3.98 20.39
C LEU D 139 -18.56 4.05 20.49
N HIS D 140 -19.25 3.34 19.62
CA HIS D 140 -20.69 3.27 19.68
C HIS D 140 -21.13 2.75 21.06
N ALA D 141 -20.47 1.71 21.55
CA ALA D 141 -20.85 1.13 22.85
C ALA D 141 -20.62 2.13 24.00
N VAL D 142 -19.52 2.87 23.97
CA VAL D 142 -19.26 3.90 24.98
C VAL D 142 -20.33 4.98 24.93
N LEU D 143 -20.63 5.50 23.75
CA LEU D 143 -21.63 6.54 23.60
C LEU D 143 -23.01 6.06 24.01
N ASP D 144 -23.31 4.78 23.76
CA ASP D 144 -24.58 4.15 24.17
C ASP D 144 -24.72 4.07 25.71
N ASN D 145 -23.61 4.27 26.45
CA ASN D 145 -23.60 4.26 27.91
C ASN D 145 -23.57 5.69 28.49
N CYS D 146 -22.72 6.59 27.98
CA CYS D 146 -22.62 7.92 28.59
C CYS D 146 -23.49 9.05 27.99
N HIS D 147 -23.99 8.91 26.76
CA HIS D 147 -24.92 9.90 26.13
C HIS D 147 -24.48 11.36 26.31
N PRO D 148 -23.31 11.70 25.78
CA PRO D 148 -22.86 13.06 25.96
C PRO D 148 -23.74 14.10 25.24
N SER D 149 -23.85 15.29 25.82
CA SER D 149 -24.62 16.39 25.26
C SER D 149 -23.77 17.22 24.33
N ALA D 150 -22.45 17.09 24.41
CA ALA D 150 -21.57 17.84 23.52
C ALA D 150 -20.32 17.04 23.21
N ILE D 151 -19.72 17.33 22.07
CA ILE D 151 -18.50 16.68 21.61
C ILE D 151 -17.44 17.73 21.32
N LEU D 152 -16.26 17.59 21.92
CA LEU D 152 -15.14 18.50 21.72
C LEU D 152 -14.13 17.81 20.80
N THR D 153 -13.73 18.52 19.76
CA THR D 153 -12.77 18.03 18.78
C THR D 153 -12.02 19.26 18.26
N THR D 154 -11.23 19.09 17.20
CA THR D 154 -10.54 20.19 16.55
C THR D 154 -11.20 20.43 15.18
N THR D 155 -10.84 21.53 14.54
CA THR D 155 -11.33 21.90 13.19
C THR D 155 -10.89 20.88 12.16
N GLU D 156 -9.65 20.42 12.28
CA GLU D 156 -9.10 19.42 11.36
C GLU D 156 -9.82 18.07 11.48
N ALA D 157 -10.23 17.70 12.68
CA ALA D 157 -10.93 16.44 12.90
C ALA D 157 -12.48 16.57 12.87
N ALA D 158 -13.00 17.79 12.76
CA ALA D 158 -14.45 18.03 12.81
C ALA D 158 -15.34 17.31 11.78
N GLU D 159 -14.92 17.31 10.51
N GLU D 159 -14.93 17.31 10.50
CA GLU D 159 -15.71 16.65 9.48
CA GLU D 159 -15.73 16.65 9.45
C GLU D 159 -15.80 15.15 9.71
C GLU D 159 -15.80 15.13 9.67
N GLY D 160 -14.71 14.56 10.19
CA GLY D 160 -14.66 13.12 10.49
C GLY D 160 -15.54 12.83 11.69
N VAL D 161 -15.58 13.73 12.67
CA VAL D 161 -16.44 13.54 13.81
C VAL D 161 -17.89 13.64 13.36
N ARG D 162 -18.22 14.69 12.62
CA ARG D 162 -19.58 14.86 12.12
C ARG D 162 -20.05 13.68 11.27
N LYS D 163 -19.17 13.17 10.40
CA LYS D 163 -19.49 12.03 9.56
C LYS D 163 -19.80 10.79 10.43
N PHE D 164 -19.08 10.64 11.55
CA PHE D 164 -19.32 9.51 12.43
C PHE D 164 -20.70 9.63 13.05
N PHE D 165 -21.05 10.85 13.47
CA PHE D 165 -22.36 11.05 14.07
C PHE D 165 -23.52 10.90 13.10
N ARG D 166 -23.25 10.92 11.80
CA ARG D 166 -24.35 10.70 10.85
C ARG D 166 -24.69 9.18 10.73
N THR D 167 -23.92 8.32 11.42
CA THR D 167 -24.20 6.87 11.44
C THR D 167 -24.94 6.50 12.75
N ARG D 168 -25.07 7.46 13.68
CA ARG D 168 -25.77 7.26 14.96
C ARG D 168 -27.27 7.51 14.80
N PRO D 169 -28.10 7.09 15.78
CA PRO D 169 -29.55 7.31 15.67
C PRO D 169 -29.85 8.79 15.45
N ALA D 170 -30.93 9.05 14.73
CA ALA D 170 -31.38 10.38 14.37
C ALA D 170 -31.58 11.29 15.56
N ASN D 171 -31.97 10.72 16.70
CA ASN D 171 -32.20 11.51 17.93
C ASN D 171 -31.01 11.62 18.88
N GLN D 172 -29.83 11.15 18.48
CA GLN D 172 -28.61 11.20 19.30
C GLN D 172 -27.47 11.90 18.53
N ARG D 173 -27.63 13.20 18.28
CA ARG D 173 -26.63 13.98 17.54
C ARG D 173 -26.19 15.14 18.43
N PRO D 174 -25.31 14.86 19.41
CA PRO D 174 -24.90 15.98 20.26
C PRO D 174 -24.10 17.05 19.51
N ARG D 175 -24.14 18.26 20.04
CA ARG D 175 -23.44 19.38 19.42
C ARG D 175 -21.92 19.13 19.32
N VAL D 176 -21.36 19.35 18.15
CA VAL D 176 -19.93 19.17 17.91
C VAL D 176 -19.25 20.53 17.95
N ILE D 177 -18.24 20.66 18.80
CA ILE D 177 -17.55 21.93 18.97
C ILE D 177 -16.08 21.79 18.70
N ALA D 178 -15.56 22.63 17.80
CA ALA D 178 -14.13 22.64 17.46
C ALA D 178 -13.47 23.60 18.43
N VAL D 179 -12.70 23.08 19.39
CA VAL D 179 -12.11 23.92 20.44
C VAL D 179 -11.12 24.96 19.96
N ASP D 180 -10.38 24.66 18.91
CA ASP D 180 -9.42 25.63 18.35
C ASP D 180 -10.13 26.77 17.59
N ALA D 181 -11.45 26.68 17.41
CA ALA D 181 -12.23 27.74 16.72
C ALA D 181 -13.02 28.65 17.67
N VAL D 182 -12.93 28.43 18.97
CA VAL D 182 -13.67 29.26 19.92
C VAL D 182 -12.87 30.53 20.16
N PRO D 183 -13.38 31.72 19.73
CA PRO D 183 -12.61 32.95 19.94
C PRO D 183 -12.18 33.17 21.39
N ASP D 184 -11.00 33.73 21.59
CA ASP D 184 -10.48 34.03 22.94
C ASP D 184 -11.43 34.87 23.81
N ASP D 185 -12.02 35.91 23.22
CA ASP D 185 -12.95 36.84 23.94
C ASP D 185 -14.14 36.19 24.66
N VAL D 186 -14.53 34.99 24.23
CA VAL D 186 -15.65 34.25 24.86
C VAL D 186 -15.38 33.99 26.37
N ALA D 187 -14.12 33.94 26.77
CA ALA D 187 -13.73 33.69 28.18
C ALA D 187 -14.33 34.67 29.22
N SER D 188 -14.68 35.88 28.80
CA SER D 188 -15.25 36.88 29.73
C SER D 188 -16.54 36.45 30.42
N THR D 189 -17.31 35.55 29.77
CA THR D 189 -18.58 35.07 30.36
C THR D 189 -18.44 33.81 31.22
N TRP D 190 -17.20 33.29 31.34
CA TRP D 190 -16.94 32.10 32.15
C TRP D 190 -17.26 32.33 33.62
N VAL D 191 -18.04 31.40 34.18
CA VAL D 191 -18.45 31.42 35.58
C VAL D 191 -17.77 30.25 36.24
N ASN D 192 -16.88 30.54 37.19
CA ASN D 192 -16.17 29.51 37.92
C ASN D 192 -17.21 28.63 38.61
N PRO D 193 -17.16 27.30 38.39
CA PRO D 193 -18.13 26.42 39.01
C PRO D 193 -18.04 26.37 40.54
N ASP D 194 -19.08 25.82 41.14
CA ASP D 194 -19.14 25.63 42.60
C ASP D 194 -18.00 24.70 42.99
N GLU D 195 -17.44 24.90 44.19
CA GLU D 195 -16.37 24.00 44.64
C GLU D 195 -17.00 22.58 44.65
N PRO D 196 -16.29 21.60 44.10
CA PRO D 196 -16.86 20.25 44.12
C PRO D 196 -16.81 19.61 45.51
N ASP D 197 -17.81 18.78 45.83
CA ASP D 197 -17.80 18.08 47.11
C ASP D 197 -17.15 16.70 46.92
N GLU D 198 -17.20 15.91 47.97
CA GLU D 198 -16.66 14.57 48.01
C GLU D 198 -17.15 13.65 46.87
N THR D 199 -18.39 13.83 46.42
CA THR D 199 -18.98 12.97 45.37
C THR D 199 -18.98 13.53 43.94
N THR D 200 -18.63 14.79 43.76
CA THR D 200 -18.70 15.43 42.42
C THR D 200 -17.79 14.78 41.40
N ILE D 201 -18.38 14.26 40.33
CA ILE D 201 -17.62 13.60 39.26
C ILE D 201 -16.93 14.63 38.34
N ALA D 202 -15.66 14.38 38.02
CA ALA D 202 -14.88 15.23 37.12
C ALA D 202 -14.89 14.61 35.73
N TYR D 203 -14.66 13.30 35.65
CA TYR D 203 -14.69 12.64 34.36
C TYR D 203 -14.91 11.13 34.46
N LEU D 204 -15.19 10.54 33.31
CA LEU D 204 -15.42 9.11 33.19
C LEU D 204 -14.26 8.52 32.38
N GLN D 205 -13.61 7.50 32.93
CA GLN D 205 -12.51 6.80 32.29
C GLN D 205 -12.99 5.44 31.78
N TYR D 206 -13.19 5.34 30.47
CA TYR D 206 -13.58 4.08 29.83
C TYR D 206 -12.32 3.29 29.59
N THR D 207 -12.46 1.98 29.72
CA THR D 207 -11.33 1.07 29.64
C THR D 207 -11.78 -0.27 29.08
N SER D 208 -10.88 -0.97 28.38
CA SER D 208 -11.19 -2.30 27.79
C SER D 208 -10.34 -3.40 28.42
N THR D 211 -13.03 -4.62 29.41
CA THR D 211 -13.05 -5.85 28.61
C THR D 211 -13.99 -5.62 27.39
N ARG D 212 -14.99 -6.47 27.17
CA ARG D 212 -15.92 -6.28 26.03
C ARG D 212 -16.96 -5.17 26.29
N ILE D 213 -17.74 -5.30 27.38
CA ILE D 213 -18.73 -4.27 27.76
C ILE D 213 -17.95 -3.09 28.37
N PRO D 214 -18.17 -1.87 27.84
CA PRO D 214 -17.44 -0.71 28.36
C PRO D 214 -18.01 -0.17 29.67
N THR D 215 -17.14 -0.03 30.64
CA THR D 215 -17.47 0.47 31.95
C THR D 215 -16.71 1.76 32.12
N GLY D 216 -17.42 2.84 32.45
CA GLY D 216 -16.79 4.15 32.65
C GLY D 216 -16.60 4.45 34.12
N VAL D 217 -15.35 4.39 34.59
CA VAL D 217 -15.07 4.65 35.97
C VAL D 217 -15.37 6.11 36.29
N GLN D 218 -16.12 6.31 37.34
CA GLN D 218 -16.45 7.64 37.78
C GLN D 218 -15.28 8.19 38.60
N ILE D 219 -14.51 9.11 38.01
CA ILE D 219 -13.37 9.73 38.71
C ILE D 219 -13.82 11.08 39.22
N THR D 220 -13.82 11.26 40.53
CA THR D 220 -14.25 12.53 41.13
C THR D 220 -13.08 13.50 41.21
N HIS D 221 -13.40 14.75 41.51
CA HIS D 221 -12.35 15.78 41.67
C HIS D 221 -11.48 15.39 42.85
N LEU D 222 -12.09 14.83 43.90
CA LEU D 222 -11.34 14.38 45.07
C LEU D 222 -10.42 13.23 44.66
N ASN D 223 -10.93 12.28 43.86
CA ASN D 223 -10.14 11.13 43.40
C ASN D 223 -8.86 11.56 42.70
N LEU D 224 -9.03 12.49 41.75
CA LEU D 224 -7.96 13.03 40.93
C LEU D 224 -6.92 13.79 41.76
N ALA D 225 -7.37 14.74 42.57
CA ALA D 225 -6.49 15.51 43.41
C ALA D 225 -5.71 14.56 44.30
N THR D 226 -6.42 13.56 44.83
CA THR D 226 -5.81 12.62 45.71
C THR D 226 -4.69 11.83 45.02
N ASN D 227 -4.97 11.29 43.82
CA ASN D 227 -3.95 10.46 43.12
C ASN D 227 -2.75 11.32 42.70
N VAL D 228 -3.01 12.57 42.32
CA VAL D 228 -1.93 13.47 41.94
C VAL D 228 -0.95 13.60 43.10
N VAL D 229 -1.48 13.85 44.29
CA VAL D 229 -0.65 13.99 45.51
C VAL D 229 0.05 12.68 45.80
N GLN D 230 -0.66 11.58 45.62
CA GLN D 230 -0.04 10.27 45.86
C GLN D 230 1.14 10.06 44.93
N VAL D 231 0.97 10.39 43.64
CA VAL D 231 2.06 10.24 42.67
C VAL D 231 3.28 11.15 42.92
N ILE D 232 3.05 12.43 43.20
CA ILE D 232 4.16 13.38 43.44
C ILE D 232 4.97 12.98 44.67
N GLU D 233 4.27 12.55 45.72
CA GLU D 233 4.93 12.06 46.93
C GLU D 233 5.88 10.88 46.60
N ALA D 234 5.42 9.93 45.76
CA ALA D 234 6.23 8.75 45.43
C ALA D 234 7.41 9.02 44.48
N LEU D 235 7.25 9.99 43.57
CA LEU D 235 8.31 10.31 42.62
C LEU D 235 9.42 11.18 43.17
N GLU D 236 9.13 11.93 44.22
CA GLU D 236 10.11 12.81 44.84
C GLU D 236 10.71 13.74 43.78
N GLY D 237 9.82 14.34 42.99
CA GLY D 237 10.24 15.26 41.94
C GLY D 237 10.82 16.51 42.57
N GLU D 238 11.61 17.23 41.82
CA GLU D 238 12.23 18.45 42.32
C GLU D 238 12.48 19.44 41.20
N GLU D 239 12.94 20.61 41.62
CA GLU D 239 13.27 21.72 40.74
C GLU D 239 14.19 21.23 39.62
N GLY D 240 13.75 21.43 38.37
CA GLY D 240 14.54 21.05 37.20
C GLY D 240 14.12 19.77 36.51
N ASP D 241 13.45 18.87 37.23
CA ASP D 241 13.01 17.63 36.62
C ASP D 241 11.90 17.95 35.64
N ARG D 242 11.84 17.21 34.53
CA ARG D 242 10.79 17.40 33.51
C ARG D 242 10.23 16.05 33.04
N GLY D 243 8.90 15.96 33.02
CA GLY D 243 8.22 14.77 32.58
C GLY D 243 8.05 14.70 31.07
N LEU D 244 7.92 13.49 30.54
CA LEU D 244 7.73 13.30 29.11
C LEU D 244 7.02 11.98 28.89
N SER D 245 6.30 11.87 27.79
CA SER D 245 5.52 10.68 27.49
C SER D 245 5.05 10.60 26.04
N TRP D 246 4.86 9.38 25.55
CA TRP D 246 4.26 9.12 24.22
C TRP D 246 2.91 8.45 24.45
N LEU D 247 2.56 8.21 25.71
CA LEU D 247 1.32 7.47 26.02
C LEU D 247 0.04 8.18 25.54
N PRO D 248 -0.95 7.38 25.06
CA PRO D 248 -2.21 7.93 24.55
C PRO D 248 -3.07 8.51 25.66
N PHE D 249 -3.60 9.71 25.41
CA PHE D 249 -4.45 10.38 26.39
C PHE D 249 -5.77 9.65 26.66
N PHE D 250 -6.17 8.72 25.77
CA PHE D 250 -7.41 7.96 25.97
C PHE D 250 -7.28 6.83 27.01
N HIS D 251 -6.04 6.59 27.47
CA HIS D 251 -5.75 5.60 28.49
C HIS D 251 -5.38 6.28 29.82
N ASP D 252 -5.73 5.65 30.94
CA ASP D 252 -5.44 6.30 32.24
C ASP D 252 -3.98 6.73 32.44
N MET D 253 -3.04 5.87 32.04
CA MET D 253 -1.63 6.16 32.24
C MET D 253 -1.17 7.33 31.39
N GLY D 254 -1.80 7.52 30.24
CA GLY D 254 -1.44 8.64 29.38
C GLY D 254 -2.05 9.94 29.87
N LEU D 255 -3.32 9.93 30.23
CA LEU D 255 -4.03 11.14 30.68
C LEU D 255 -3.49 11.73 31.99
N ILE D 256 -3.54 10.91 33.03
CA ILE D 256 -3.10 11.32 34.36
C ILE D 256 -1.66 11.82 34.34
N THR D 257 -0.82 11.18 33.54
CA THR D 257 0.57 11.61 33.41
C THR D 257 0.63 13.04 32.88
N ALA D 258 -0.15 13.32 31.84
CA ALA D 258 -0.19 14.65 31.25
C ALA D 258 -0.80 15.69 32.17
N LEU D 259 -1.80 15.31 32.98
CA LEU D 259 -2.43 16.27 33.89
C LEU D 259 -1.52 16.69 35.04
N LEU D 260 -0.75 15.77 35.59
CA LEU D 260 0.07 16.10 36.74
C LEU D 260 1.51 16.51 36.43
N ALA D 261 2.07 16.05 35.31
CA ALA D 261 3.48 16.34 34.96
C ALA D 261 3.92 17.84 35.01
N PRO D 262 3.04 18.78 34.59
CA PRO D 262 3.41 20.20 34.69
C PRO D 262 3.50 20.67 36.15
N MET D 263 2.76 20.02 37.05
CA MET D 263 2.84 20.35 38.49
C MET D 263 4.22 20.08 39.15
N ILE D 264 5.12 19.39 38.45
CA ILE D 264 6.50 19.14 38.97
C ILE D 264 7.32 20.46 38.92
N GLY D 265 6.87 21.44 38.12
CA GLY D 265 7.54 22.74 38.02
C GLY D 265 8.11 23.09 36.65
N HIS D 266 8.18 22.09 35.77
CA HIS D 266 8.70 22.25 34.42
C HIS D 266 7.60 21.80 33.44
N TYR D 267 7.71 22.24 32.20
CA TYR D 267 6.72 21.84 31.21
C TYR D 267 6.80 20.32 30.88
N PHE D 268 5.65 19.77 30.47
CA PHE D 268 5.48 18.37 30.06
C PHE D 268 5.62 18.28 28.55
N THR D 269 6.40 17.31 28.07
CA THR D 269 6.62 17.11 26.63
C THR D 269 5.97 15.80 26.19
N PHE D 270 5.15 15.85 25.13
CA PHE D 270 4.52 14.60 24.63
C PHE D 270 4.59 14.46 23.11
N MET D 271 4.44 13.23 22.64
CA MET D 271 4.40 12.87 21.22
C MET D 271 3.28 11.83 21.13
N THR D 272 2.99 11.31 19.95
CA THR D 272 1.94 10.30 19.78
C THR D 272 2.52 8.88 19.93
N PRO D 273 1.64 7.88 20.17
CA PRO D 273 2.14 6.52 20.24
C PRO D 273 2.65 6.04 18.87
N ALA D 274 2.06 6.54 17.80
CA ALA D 274 2.49 6.14 16.47
C ALA D 274 3.94 6.60 16.24
N ALA D 275 4.24 7.84 16.65
CA ALA D 275 5.58 8.39 16.51
C ALA D 275 6.60 7.58 17.28
N PHE D 276 6.24 7.14 18.50
CA PHE D 276 7.15 6.31 19.30
C PHE D 276 7.42 4.97 18.63
N VAL D 277 6.35 4.24 18.33
CA VAL D 277 6.46 2.93 17.68
C VAL D 277 7.27 3.00 16.38
N ARG D 278 7.00 4.03 15.59
CA ARG D 278 7.68 4.25 14.30
C ARG D 278 9.20 4.46 14.44
N ARG D 279 9.60 5.30 15.39
CA ARG D 279 11.02 5.65 15.68
C ARG D 279 11.26 5.79 17.19
N PRO D 280 11.44 4.66 17.88
CA PRO D 280 11.61 4.70 19.35
C PRO D 280 12.76 5.57 19.89
N GLU D 281 13.77 5.88 19.07
CA GLU D 281 14.81 6.81 19.49
C GLU D 281 14.26 8.12 20.02
N ARG D 282 13.17 8.58 19.39
CA ARG D 282 12.52 9.85 19.77
C ARG D 282 12.27 9.94 21.28
N TRP D 283 11.85 8.84 21.89
CA TRP D 283 11.61 8.81 23.32
C TRP D 283 12.94 8.80 24.08
N ILE D 284 13.88 7.99 23.60
CA ILE D 284 15.21 7.90 24.19
C ILE D 284 15.89 9.29 24.17
N ARG D 285 15.75 10.02 23.07
CA ARG D 285 16.34 11.38 22.94
C ARG D 285 15.73 12.35 23.93
N GLU D 286 14.41 12.29 24.08
CA GLU D 286 13.75 13.17 25.05
C GLU D 286 14.17 12.82 26.47
N LEU D 287 14.41 11.54 26.73
CA LEU D 287 14.90 11.13 28.05
C LEU D 287 16.30 11.67 28.33
N ALA D 288 17.13 11.74 27.29
CA ALA D 288 18.54 12.19 27.43
C ALA D 288 18.73 13.66 27.79
N ARG D 289 19.86 13.93 28.46
CA ARG D 289 20.24 15.27 28.87
C ARG D 289 20.43 16.22 27.68
N LYS D 290 20.01 17.46 27.91
CA LYS D 290 20.13 18.57 26.96
C LYS D 290 21.00 19.60 27.72
N GLU D 291 21.71 20.48 27.03
CA GLU D 291 22.62 21.44 27.73
C GLU D 291 21.97 22.31 28.81
N GLY D 292 20.69 22.66 28.64
CA GLY D 292 19.97 23.48 29.63
C GLY D 292 19.48 22.74 30.90
N ASP D 293 19.59 21.41 30.91
CA ASP D 293 19.14 20.60 32.05
C ASP D 293 19.91 20.77 33.37
N THR D 294 19.14 20.97 34.42
CA THR D 294 19.63 21.13 35.78
C THR D 294 19.22 19.90 36.61
N GLY D 295 18.04 19.35 36.30
CA GLY D 295 17.50 18.17 36.98
C GLY D 295 17.50 16.91 36.13
N GLY D 296 16.54 16.03 36.39
CA GLY D 296 16.42 14.76 35.68
C GLY D 296 15.11 14.61 34.92
N THR D 297 15.06 13.61 34.04
CA THR D 297 13.87 13.34 33.23
C THR D 297 13.01 12.23 33.86
N ILE D 298 11.70 12.35 33.69
CA ILE D 298 10.78 11.36 34.23
C ILE D 298 9.84 10.93 33.11
N SER D 299 9.54 9.64 33.08
CA SER D 299 8.61 9.11 32.09
C SER D 299 7.99 7.81 32.60
N VAL D 300 7.18 7.19 31.74
CA VAL D 300 6.48 6.01 32.11
C VAL D 300 6.06 5.25 30.86
N ALA D 301 6.06 3.93 30.96
CA ALA D 301 5.71 3.12 29.80
C ALA D 301 5.44 1.68 30.19
N PRO D 302 4.62 0.98 29.37
CA PRO D 302 4.35 -0.43 29.57
C PRO D 302 5.62 -1.22 29.27
N ASN D 303 5.72 -2.41 29.86
CA ASN D 303 6.88 -3.26 29.70
C ASN D 303 7.34 -3.47 28.26
N PHE D 304 6.40 -3.76 27.36
CA PHE D 304 6.76 -4.02 25.95
C PHE D 304 7.51 -2.86 25.28
N ALA D 305 7.25 -1.64 25.75
CA ALA D 305 7.85 -0.43 25.19
C ALA D 305 9.34 -0.33 25.47
N PHE D 306 9.78 -0.90 26.59
CA PHE D 306 11.22 -0.97 26.93
C PHE D 306 11.90 -1.91 25.95
N ASP D 307 11.29 -3.05 25.62
CA ASP D 307 11.88 -4.00 24.64
C ASP D 307 11.93 -3.42 23.22
N HIS D 308 10.91 -2.63 22.87
CA HIS D 308 10.89 -2.01 21.55
C HIS D 308 12.01 -0.97 21.48
N ALA D 309 12.22 -0.25 22.58
CA ALA D 309 13.27 0.77 22.63
C ALA D 309 14.66 0.14 22.54
N ALA D 310 14.91 -0.90 23.33
CA ALA D 310 16.19 -1.61 23.33
C ALA D 310 16.57 -2.25 21.98
N ALA D 311 15.58 -2.76 21.25
CA ALA D 311 15.81 -3.42 19.95
C ALA D 311 15.91 -2.47 18.74
N ARG D 312 15.08 -1.41 18.72
CA ARG D 312 15.03 -0.47 17.58
C ARG D 312 15.36 0.99 17.92
N GLY D 313 15.60 1.29 19.19
CA GLY D 313 15.86 2.66 19.63
C GLY D 313 17.29 2.97 20.00
N VAL D 314 18.24 2.15 19.51
CA VAL D 314 19.63 2.37 19.75
C VAL D 314 20.10 3.35 18.67
N PRO D 315 20.89 4.38 19.04
CA PRO D 315 21.43 5.32 18.05
C PRO D 315 22.09 4.61 16.87
N LYS D 316 21.93 5.20 15.69
CA LYS D 316 22.47 4.61 14.47
C LYS D 316 23.94 5.05 14.41
N PRO D 317 24.77 4.38 13.61
N PRO D 317 24.79 4.30 13.67
CA PRO D 317 26.17 4.83 13.53
CA PRO D 317 26.26 4.50 13.55
C PRO D 317 26.27 6.25 12.97
C PRO D 317 26.81 5.93 13.65
N GLY D 318 27.08 7.10 13.61
N GLY D 318 26.30 6.85 12.84
CA GLY D 318 27.25 8.49 13.17
CA GLY D 318 26.79 8.24 12.86
C GLY D 318 26.28 9.49 13.77
C GLY D 318 25.77 9.22 13.41
N SER D 319 25.40 9.04 14.67
CA SER D 319 24.40 9.92 15.34
C SER D 319 25.08 10.83 16.37
N PRO D 320 24.39 11.91 16.82
CA PRO D 320 25.00 12.77 17.84
C PRO D 320 25.13 12.05 19.20
N PRO D 321 26.08 12.47 20.06
CA PRO D 321 26.26 11.81 21.36
C PRO D 321 24.96 11.64 22.18
N LEU D 322 24.80 10.48 22.79
CA LEU D 322 23.63 10.18 23.62
C LEU D 322 24.08 9.90 25.05
N ASP D 323 23.55 10.69 25.99
CA ASP D 323 23.90 10.58 27.40
C ASP D 323 22.61 10.50 28.20
N LEU D 324 22.38 9.34 28.84
CA LEU D 324 21.19 9.07 29.65
C LEU D 324 21.48 9.04 31.17
N SER D 325 22.62 9.60 31.58
CA SER D 325 23.00 9.60 33.02
C SER D 325 22.15 10.54 33.86
N ASN D 326 21.36 11.37 33.20
CA ASN D 326 20.44 12.30 33.86
C ASN D 326 19.04 11.71 34.15
N VAL D 327 18.69 10.57 33.54
CA VAL D 327 17.37 9.96 33.76
C VAL D 327 17.15 9.67 35.25
N LYS D 328 16.13 10.30 35.83
CA LYS D 328 15.77 10.13 37.23
C LYS D 328 14.92 8.89 37.40
N ALA D 329 13.89 8.77 36.54
CA ALA D 329 12.96 7.64 36.62
C ALA D 329 12.15 7.38 35.34
N VAL D 330 12.03 6.09 35.02
CA VAL D 330 11.21 5.63 33.91
C VAL D 330 10.32 4.55 34.52
N LEU D 331 9.08 4.90 34.81
CA LEU D 331 8.18 3.94 35.40
C LEU D 331 7.80 2.87 34.39
N ASN D 332 7.75 1.62 34.86
CA ASN D 332 7.39 0.47 34.05
C ASN D 332 6.12 -0.12 34.64
N GLY D 333 4.99 0.15 33.98
CA GLY D 333 3.71 -0.33 34.47
C GLY D 333 2.61 -0.43 33.44
N SER D 334 1.51 -1.03 33.90
CA SER D 334 0.26 -1.31 33.16
C SER D 334 0.17 -2.80 32.77
N GLU D 335 1.29 -3.51 32.82
CA GLU D 335 1.29 -4.93 32.48
C GLU D 335 2.45 -5.64 33.22
N PRO D 336 2.46 -7.00 33.23
CA PRO D 336 3.54 -7.72 33.92
C PRO D 336 4.94 -7.26 33.53
N ILE D 337 5.80 -7.01 34.53
CA ILE D 337 7.17 -6.62 34.26
C ILE D 337 7.99 -7.90 34.11
N SER D 338 8.79 -7.92 33.04
CA SER D 338 9.67 -9.03 32.73
C SER D 338 11.08 -8.70 33.15
N ALA D 339 11.65 -9.55 34.00
CA ALA D 339 13.01 -9.37 34.45
C ALA D 339 13.97 -9.35 33.24
N ALA D 340 13.63 -10.10 32.19
CA ALA D 340 14.42 -10.15 30.96
C ALA D 340 14.31 -8.84 30.16
N THR D 341 13.14 -8.20 30.20
CA THR D 341 12.97 -6.94 29.49
C THR D 341 13.85 -5.88 30.14
N VAL D 342 13.86 -5.85 31.47
CA VAL D 342 14.66 -4.91 32.24
C VAL D 342 16.17 -5.10 31.95
N ARG D 343 16.62 -6.35 31.82
CA ARG D 343 18.04 -6.60 31.56
C ARG D 343 18.38 -6.10 30.13
N ARG D 344 17.52 -6.41 29.15
CA ARG D 344 17.75 -6.00 27.75
C ARG D 344 17.78 -4.48 27.54
N PHE D 345 17.04 -3.76 28.38
CA PHE D 345 17.01 -2.31 28.27
C PHE D 345 18.33 -1.78 28.83
N ASN D 346 18.81 -2.41 29.91
CA ASN D 346 20.07 -2.01 30.51
C ASN D 346 21.26 -2.34 29.62
N GLU D 347 21.24 -3.49 28.94
CA GLU D 347 22.36 -3.85 28.04
C GLU D 347 22.43 -2.88 26.87
N ALA D 348 21.27 -2.48 26.37
CA ALA D 348 21.19 -1.55 25.25
C ALA D 348 21.48 -0.09 25.60
N PHE D 349 21.15 0.33 26.83
CA PHE D 349 21.33 1.74 27.24
C PHE D 349 22.27 2.02 28.41
N GLY D 350 22.66 0.98 29.13
CA GLY D 350 23.65 1.15 30.21
C GLY D 350 24.94 1.77 29.69
N PRO D 351 25.42 1.32 28.50
CA PRO D 351 26.65 1.87 27.88
C PRO D 351 26.57 3.35 27.45
N PHE D 352 25.35 3.91 27.41
CA PHE D 352 25.17 5.33 27.12
C PHE D 352 24.94 6.11 28.44
N GLY D 353 25.16 5.47 29.58
CA GLY D 353 24.98 6.12 30.88
C GLY D 353 23.68 5.91 31.63
N PHE D 354 22.73 5.18 31.05
CA PHE D 354 21.43 4.97 31.71
C PHE D 354 21.61 4.23 33.06
N PRO D 355 21.18 4.85 34.19
CA PRO D 355 21.33 4.17 35.47
C PRO D 355 20.26 3.08 35.61
N PRO D 356 20.67 1.86 35.97
CA PRO D 356 19.69 0.77 36.09
C PRO D 356 18.59 1.04 37.13
N LYS D 357 18.94 1.83 38.13
CA LYS D 357 18.01 2.19 39.23
C LYS D 357 16.86 3.12 38.81
N ALA D 358 16.95 3.70 37.62
CA ALA D 358 15.88 4.56 37.10
C ALA D 358 14.62 3.76 36.68
N ILE D 359 14.74 2.46 36.41
CA ILE D 359 13.57 1.67 36.03
C ILE D 359 12.73 1.38 37.26
N LYS D 360 11.52 1.97 37.34
CA LYS D 360 10.59 1.81 38.48
C LYS D 360 9.32 0.96 38.17
N PRO D 361 9.38 -0.36 38.42
CA PRO D 361 8.19 -1.20 38.25
C PRO D 361 7.05 -0.60 39.06
N SER D 362 5.88 -0.43 38.44
CA SER D 362 4.76 0.21 39.12
C SER D 362 3.43 -0.49 38.87
N TYR D 363 2.47 -0.30 39.77
CA TYR D 363 1.17 -0.94 39.65
C TYR D 363 0.03 0.03 39.84
N GLY D 364 -1.04 -0.21 39.12
CA GLY D 364 -2.21 0.62 39.20
C GLY D 364 -3.28 0.17 38.25
N LEU D 365 -4.42 0.84 38.32
CA LEU D 365 -5.56 0.54 37.47
C LEU D 365 -6.51 1.73 37.43
N ALA D 366 -7.38 1.78 36.41
CA ALA D 366 -8.32 2.92 36.27
C ALA D 366 -9.25 3.12 37.47
N GLU D 367 -9.62 2.02 38.13
CA GLU D 367 -10.49 2.08 39.28
C GLU D 367 -9.85 2.81 40.49
N ALA D 368 -8.54 2.97 40.48
CA ALA D 368 -7.82 3.70 41.53
C ALA D 368 -7.36 5.06 41.02
N THR D 369 -7.99 5.52 39.93
CA THR D 369 -7.62 6.74 39.19
C THR D 369 -6.40 6.34 38.37
N LEU D 370 -5.31 5.95 39.04
CA LEU D 370 -4.15 5.44 38.30
C LEU D 370 -3.16 4.67 39.17
N PHE D 371 -2.50 5.41 40.06
CA PHE D 371 -1.42 4.92 40.90
C PHE D 371 -1.78 4.23 42.22
N VAL D 372 -1.22 3.04 42.40
CA VAL D 372 -1.37 2.24 43.63
C VAL D 372 0.00 2.00 44.28
N SER D 373 1.03 1.61 43.50
CA SER D 373 2.36 1.34 44.07
C SER D 373 3.50 1.51 43.09
N THR D 374 4.70 1.76 43.63
CA THR D 374 5.90 1.89 42.82
C THR D 374 7.14 1.67 43.64
N THR D 375 8.23 1.44 42.92
CA THR D 375 9.52 1.19 43.51
C THR D 375 10.00 2.54 44.07
N PRO D 376 10.39 2.57 45.36
CA PRO D 376 10.87 3.82 45.95
C PRO D 376 12.02 4.42 45.11
N SER D 377 12.01 5.74 44.93
CA SER D 377 13.02 6.43 44.10
C SER D 377 14.47 6.19 44.50
N ALA D 378 14.71 6.00 45.80
CA ALA D 378 16.07 5.76 46.30
C ALA D 378 16.56 4.32 46.05
N GLU D 379 15.62 3.37 45.93
CA GLU D 379 15.97 1.97 45.70
C GLU D 379 16.04 1.62 44.23
N GLU D 380 16.69 0.49 43.97
CA GLU D 380 16.83 -0.09 42.65
C GLU D 380 15.65 -1.10 42.53
N PRO D 381 15.27 -1.50 41.31
CA PRO D 381 14.18 -2.48 41.22
C PRO D 381 14.50 -3.83 41.90
N LYS D 382 13.60 -4.27 42.78
N LYS D 382 13.63 -4.28 42.80
CA LYS D 382 13.74 -5.54 43.50
CA LYS D 382 13.78 -5.55 43.50
C LYS D 382 13.23 -6.67 42.60
C LYS D 382 13.24 -6.68 42.63
N ILE D 383 14.12 -7.58 42.23
CA ILE D 383 13.76 -8.74 41.40
C ILE D 383 14.23 -9.98 42.13
N ILE D 384 13.29 -10.88 42.42
CA ILE D 384 13.61 -12.12 43.08
C ILE D 384 13.36 -13.28 42.14
N THR D 385 13.96 -14.40 42.50
CA THR D 385 13.84 -15.65 41.78
C THR D 385 13.17 -16.62 42.75
N VAL D 386 11.96 -17.07 42.42
CA VAL D 386 11.23 -17.99 43.30
C VAL D 386 10.99 -19.37 42.68
N ASP D 387 10.56 -20.33 43.52
CA ASP D 387 10.27 -21.68 43.07
C ASP D 387 8.94 -21.71 42.30
N ARG D 388 9.01 -22.17 41.06
CA ARG D 388 7.88 -22.28 40.15
C ARG D 388 6.69 -23.04 40.75
N ASP D 389 6.92 -24.29 41.17
CA ASP D 389 5.86 -25.11 41.75
C ASP D 389 5.22 -24.51 43.01
N GLN D 390 6.02 -23.85 43.85
CA GLN D 390 5.48 -23.20 45.06
C GLN D 390 4.65 -21.96 44.65
N LEU D 391 5.12 -21.20 43.67
CA LEU D 391 4.40 -20.01 43.20
C LEU D 391 3.03 -20.45 42.68
N ASN D 392 3.05 -21.39 41.74
CA ASN D 392 1.85 -21.96 41.14
C ASN D 392 0.81 -22.46 42.17
N SER D 393 1.29 -22.99 43.31
CA SER D 393 0.39 -23.47 44.37
C SER D 393 0.07 -22.39 45.41
N GLY D 394 0.50 -21.15 45.15
CA GLY D 394 0.18 -20.01 46.03
C GLY D 394 1.15 -19.51 47.06
N ARG D 395 2.42 -19.90 46.91
CA ARG D 395 3.44 -19.52 47.89
C ARG D 395 4.70 -18.95 47.28
N ILE D 396 5.19 -17.87 47.88
CA ILE D 396 6.41 -17.21 47.46
C ILE D 396 7.53 -17.81 48.29
N VAL D 397 8.36 -18.61 47.64
CA VAL D 397 9.53 -19.23 48.32
C VAL D 397 10.71 -18.88 47.45
N GLU D 398 11.65 -18.13 48.01
CA GLU D 398 12.80 -17.67 47.26
C GLU D 398 13.82 -18.80 47.01
N VAL D 399 14.33 -18.87 45.78
CA VAL D 399 15.34 -19.88 45.38
C VAL D 399 16.50 -19.22 44.64
N ASP D 400 17.62 -19.94 44.52
CA ASP D 400 18.82 -19.42 43.86
C ASP D 400 18.50 -19.15 42.35
N ALA D 401 19.20 -18.16 41.76
CA ALA D 401 18.98 -17.74 40.36
C ALA D 401 19.22 -18.79 39.27
N ASP D 402 20.33 -19.52 39.34
CA ASP D 402 20.66 -20.56 38.33
C ASP D 402 19.78 -21.84 38.43
N SER D 403 18.97 -21.94 39.49
CA SER D 403 18.06 -23.08 39.74
C SER D 403 17.09 -23.36 38.58
N PRO D 404 16.96 -24.63 38.18
CA PRO D 404 15.99 -24.98 37.12
C PRO D 404 14.52 -24.72 37.48
N LYS D 405 14.24 -24.40 38.74
CA LYS D 405 12.88 -24.08 39.18
C LYS D 405 12.65 -22.58 39.45
N ALA D 406 13.64 -21.75 39.14
CA ALA D 406 13.54 -20.32 39.39
C ALA D 406 12.67 -19.55 38.39
N VAL D 407 11.78 -18.73 38.90
CA VAL D 407 10.95 -17.85 38.05
C VAL D 407 11.28 -16.44 38.53
N ALA D 408 11.66 -15.56 37.59
CA ALA D 408 11.97 -14.17 37.92
C ALA D 408 10.66 -13.41 38.18
N GLN D 409 10.57 -12.74 39.32
CA GLN D 409 9.38 -11.94 39.68
C GLN D 409 9.86 -10.56 40.07
N ALA D 410 9.42 -9.57 39.33
CA ALA D 410 9.76 -8.20 39.63
C ALA D 410 8.72 -7.66 40.61
N SER D 411 9.19 -7.00 41.66
CA SER D 411 8.34 -6.35 42.64
C SER D 411 7.71 -5.07 42.08
N ALA D 412 6.50 -4.75 42.54
CA ALA D 412 5.85 -3.50 42.16
C ALA D 412 6.03 -2.44 43.27
N GLY D 413 6.91 -2.72 44.23
CA GLY D 413 7.23 -1.74 45.28
C GLY D 413 6.28 -1.55 46.45
N LYS D 414 6.14 -0.28 46.88
CA LYS D 414 5.32 0.09 48.04
C LYS D 414 4.05 0.82 47.66
N VAL D 415 2.99 0.53 48.40
CA VAL D 415 1.69 1.17 48.22
C VAL D 415 1.81 2.64 48.62
N GLY D 416 1.31 3.54 47.78
CA GLY D 416 1.41 4.99 48.06
C GLY D 416 0.73 5.45 49.34
N ILE D 417 0.98 6.70 49.72
CA ILE D 417 0.39 7.24 50.95
C ILE D 417 -1.15 7.34 50.86
N ALA D 418 -1.81 7.21 52.01
CA ALA D 418 -3.27 7.29 52.11
C ALA D 418 -4.05 6.31 51.20
N GLU D 419 -3.44 5.19 50.90
CA GLU D 419 -4.14 4.10 50.18
C GLU D 419 -3.62 2.78 50.74
N TRP D 420 -4.36 1.72 50.54
CA TRP D 420 -3.99 0.43 51.11
C TRP D 420 -4.26 -0.70 50.15
N ALA D 421 -3.43 -1.74 50.25
CA ALA D 421 -3.59 -2.96 49.43
C ALA D 421 -3.52 -4.17 50.36
N VAL D 422 -4.42 -5.13 50.16
CA VAL D 422 -4.42 -6.34 50.98
C VAL D 422 -4.58 -7.53 50.05
N ILE D 423 -4.06 -8.67 50.50
CA ILE D 423 -4.09 -9.91 49.77
C ILE D 423 -5.15 -10.74 50.45
N VAL D 424 -6.17 -11.14 49.71
CA VAL D 424 -7.24 -11.88 50.35
C VAL D 424 -7.66 -13.15 49.68
N ASP D 425 -8.32 -14.00 50.47
CA ASP D 425 -9.01 -15.16 49.92
C ASP D 425 -10.37 -14.50 49.60
N ALA D 426 -10.63 -14.27 48.32
CA ALA D 426 -11.82 -13.56 47.88
C ALA D 426 -13.16 -14.06 48.43
N GLU D 427 -13.46 -15.35 48.25
CA GLU D 427 -14.72 -15.92 48.73
C GLU D 427 -15.04 -15.61 50.21
N SER D 428 -14.02 -15.62 51.06
CA SER D 428 -14.23 -15.36 52.48
C SER D 428 -13.80 -13.96 52.95
N ALA D 429 -13.38 -13.07 52.02
CA ALA D 429 -12.98 -11.66 52.33
C ALA D 429 -12.07 -11.53 53.58
N THR D 430 -11.03 -12.33 53.60
CA THR D 430 -10.12 -12.49 54.72
C THR D 430 -8.72 -12.24 54.26
N GLU D 431 -7.96 -11.41 54.98
CA GLU D 431 -6.61 -11.13 54.55
C GLU D 431 -5.73 -12.34 54.78
N LEU D 432 -4.81 -12.58 53.84
CA LEU D 432 -3.84 -13.69 53.93
C LEU D 432 -2.54 -13.18 54.50
N PRO D 433 -1.74 -14.05 55.16
CA PRO D 433 -0.43 -13.63 55.67
C PRO D 433 0.59 -13.46 54.54
N ASP D 434 1.62 -12.68 54.78
CA ASP D 434 2.66 -12.44 53.78
C ASP D 434 3.25 -13.72 53.19
N GLY D 435 3.54 -13.67 51.89
CA GLY D 435 4.13 -14.81 51.18
C GLY D 435 3.07 -15.62 50.47
N GLN D 436 1.82 -15.40 50.85
CA GLN D 436 0.67 -16.08 50.28
C GLN D 436 0.10 -15.29 49.10
N VAL D 437 -0.27 -15.99 48.03
CA VAL D 437 -0.88 -15.36 46.86
C VAL D 437 -2.42 -15.38 46.93
N GLY D 438 -3.03 -14.21 46.80
CA GLY D 438 -4.49 -14.07 46.80
C GLY D 438 -4.80 -12.90 45.89
N GLU D 439 -6.06 -12.50 45.85
N GLU D 439 -6.07 -12.53 45.77
CA GLU D 439 -6.43 -11.36 45.03
CA GLU D 439 -6.37 -11.39 44.90
C GLU D 439 -6.04 -10.09 45.76
C GLU D 439 -6.19 -10.08 45.68
N ILE D 440 -5.70 -9.07 44.98
CA ILE D 440 -5.37 -7.77 45.54
C ILE D 440 -6.66 -6.96 45.60
N TRP D 441 -6.95 -6.44 46.79
CA TRP D 441 -8.08 -5.56 47.04
C TRP D 441 -7.44 -4.26 47.51
N ILE D 442 -7.91 -3.14 46.99
CA ILE D 442 -7.36 -1.85 47.36
C ILE D 442 -8.43 -0.92 47.92
N SER D 443 -7.98 0.09 48.68
CA SER D 443 -8.88 1.07 49.30
C SER D 443 -8.17 2.41 49.43
N GLY D 444 -8.95 3.48 49.45
CA GLY D 444 -8.37 4.83 49.56
C GLY D 444 -9.22 5.87 48.88
N GLN D 445 -8.92 7.13 49.16
CA GLN D 445 -9.64 8.29 48.57
C GLN D 445 -9.47 8.49 47.06
N ASN D 446 -8.51 7.78 46.47
CA ASN D 446 -8.30 7.82 45.02
C ASN D 446 -9.21 6.82 44.29
N MET D 447 -9.88 5.91 45.01
CA MET D 447 -10.75 4.93 44.36
C MET D 447 -12.01 5.58 43.80
N GLY D 448 -12.30 5.28 42.53
CA GLY D 448 -13.47 5.80 41.82
C GLY D 448 -14.74 5.44 42.54
N THR D 449 -15.83 6.16 42.27
CA THR D 449 -17.07 5.94 42.99
C THR D 449 -18.05 4.94 42.36
N GLY D 450 -17.75 4.42 41.17
CA GLY D 450 -18.61 3.43 40.53
C GLY D 450 -18.38 3.47 39.04
N TYR D 451 -19.21 2.72 38.32
CA TYR D 451 -19.22 2.71 36.86
C TYR D 451 -20.51 3.39 36.44
N TRP D 452 -20.39 4.35 35.54
CA TRP D 452 -21.53 5.11 35.06
C TRP D 452 -22.72 4.26 34.66
N GLY D 453 -23.88 4.53 35.28
CA GLY D 453 -25.14 3.87 34.99
C GLY D 453 -25.27 2.40 35.31
N LYS D 454 -24.35 1.88 36.12
CA LYS D 454 -24.30 0.46 36.47
C LYS D 454 -24.19 0.19 37.97
N PRO D 455 -25.31 0.23 38.70
CA PRO D 455 -25.26 -0.01 40.14
C PRO D 455 -24.70 -1.38 40.56
N GLU D 456 -25.12 -2.47 39.90
CA GLU D 456 -24.69 -3.83 40.31
C GLU D 456 -23.21 -4.05 40.14
N GLU D 457 -22.69 -3.69 38.96
CA GLU D 457 -21.26 -3.83 38.69
C GLU D 457 -20.43 -2.95 39.66
N SER D 458 -20.96 -1.77 39.98
CA SER D 458 -20.31 -0.83 40.90
C SER D 458 -20.21 -1.43 42.29
N VAL D 459 -21.30 -2.04 42.78
CA VAL D 459 -21.29 -2.66 44.10
C VAL D 459 -20.23 -3.75 44.14
N ALA D 460 -20.28 -4.67 43.17
CA ALA D 460 -19.37 -5.79 43.09
C ALA D 460 -17.90 -5.37 43.05
N THR D 461 -17.58 -4.39 42.23
CA THR D 461 -16.20 -3.99 42.09
C THR D 461 -15.65 -3.09 43.18
N PHE D 462 -16.42 -2.05 43.56
CA PHE D 462 -15.96 -1.03 44.51
C PHE D 462 -16.40 -1.08 45.98
N GLN D 463 -17.43 -1.85 46.32
CA GLN D 463 -18.00 -1.81 47.69
C GLN D 463 -17.73 -3.06 48.53
N ASN D 464 -16.59 -3.70 48.32
CA ASN D 464 -16.28 -4.91 49.08
C ASN D 464 -15.84 -4.62 50.50
N ILE D 465 -16.21 -5.52 51.42
CA ILE D 465 -15.91 -5.40 52.83
C ILE D 465 -14.87 -6.44 53.24
N LEU D 466 -13.81 -5.99 53.92
CA LEU D 466 -12.76 -6.87 54.44
C LEU D 466 -13.24 -7.35 55.81
N LYS D 467 -13.73 -8.59 55.87
CA LYS D 467 -14.29 -9.18 57.10
C LYS D 467 -13.29 -9.57 58.16
N SER D 468 -12.13 -10.05 57.70
CA SER D 468 -11.06 -10.51 58.59
C SER D 468 -9.68 -10.02 58.16
N ARG D 469 -8.90 -9.56 59.14
CA ARG D 469 -7.56 -9.06 58.89
C ARG D 469 -6.53 -9.90 59.65
N THR D 470 -5.30 -9.86 59.17
CA THR D 470 -4.20 -10.52 59.84
C THR D 470 -3.64 -9.53 60.84
N ASN D 471 -2.70 -9.96 61.66
CA ASN D 471 -2.08 -9.06 62.60
C ASN D 471 -0.59 -9.35 62.54
N PRO D 472 0.25 -8.45 62.01
CA PRO D 472 -0.15 -7.16 61.46
C PRO D 472 -0.94 -7.26 60.17
N SER D 473 -1.71 -6.21 59.88
CA SER D 473 -2.53 -6.14 58.68
C SER D 473 -2.04 -5.02 57.74
N HIS D 474 -2.07 -5.30 56.43
CA HIS D 474 -1.72 -4.29 55.40
C HIS D 474 -2.82 -3.22 55.24
N ALA D 475 -3.93 -3.42 55.94
CA ALA D 475 -5.04 -2.48 55.97
C ALA D 475 -4.95 -1.54 57.19
N GLU D 476 -3.88 -1.67 57.97
CA GLU D 476 -3.70 -0.81 59.15
C GLU D 476 -3.72 0.65 58.72
N GLY D 477 -4.59 1.42 59.38
CA GLY D 477 -4.82 2.83 59.07
C GLY D 477 -6.22 3.01 58.49
N ALA D 478 -6.70 2.01 57.75
CA ALA D 478 -8.06 2.08 57.17
C ALA D 478 -9.12 1.72 58.21
N THR D 479 -10.26 2.40 58.18
CA THR D 479 -11.34 2.11 59.11
C THR D 479 -11.86 0.70 58.84
N ASP D 480 -12.43 0.05 59.85
CA ASP D 480 -12.91 -1.32 59.67
C ASP D 480 -14.00 -1.42 58.59
N ASP D 481 -14.82 -0.38 58.48
CA ASP D 481 -15.92 -0.36 57.51
C ASP D 481 -15.53 0.29 56.16
N ALA D 482 -14.23 0.35 55.87
CA ALA D 482 -13.77 0.94 54.61
C ALA D 482 -14.25 0.07 53.44
N THR D 483 -14.34 0.68 52.26
CA THR D 483 -14.75 -0.03 51.06
C THR D 483 -13.50 -0.40 50.25
N TRP D 484 -13.55 -1.59 49.65
CA TRP D 484 -12.45 -2.16 48.90
C TRP D 484 -12.80 -2.48 47.47
N VAL D 485 -11.87 -2.11 46.60
CA VAL D 485 -11.96 -2.33 45.20
C VAL D 485 -11.31 -3.67 44.89
N ARG D 486 -12.07 -4.50 44.21
CA ARG D 486 -11.61 -5.81 43.79
C ARG D 486 -10.91 -5.57 42.46
N THR D 487 -9.59 -5.79 42.40
CA THR D 487 -8.79 -5.48 41.19
C THR D 487 -8.83 -6.50 40.05
N GLY D 488 -9.14 -7.74 40.37
CA GLY D 488 -9.09 -8.79 39.38
C GLY D 488 -7.64 -9.32 39.23
N ASP D 489 -6.70 -8.86 40.07
CA ASP D 489 -5.28 -9.33 39.96
C ASP D 489 -4.85 -10.24 41.12
N TYR D 490 -4.03 -11.24 40.83
CA TYR D 490 -3.48 -12.07 41.90
C TYR D 490 -2.16 -11.40 42.26
N GLY D 491 -1.82 -11.45 43.55
CA GLY D 491 -0.56 -10.90 44.05
C GLY D 491 -0.20 -11.37 45.45
N ALA D 492 0.90 -10.85 45.96
CA ALA D 492 1.36 -11.22 47.27
C ALA D 492 2.33 -10.22 47.82
N PHE D 493 2.40 -10.15 49.14
CA PHE D 493 3.38 -9.32 49.80
C PHE D 493 4.50 -10.23 50.19
N TYR D 494 5.73 -9.77 49.99
CA TYR D 494 6.91 -10.53 50.39
C TYR D 494 8.02 -9.58 50.80
N ASP D 495 8.54 -9.79 52.02
CA ASP D 495 9.62 -9.00 52.58
C ASP D 495 9.46 -7.49 52.27
N GLY D 496 8.30 -6.94 52.66
CA GLY D 496 8.03 -5.51 52.51
C GLY D 496 7.56 -5.00 51.15
N ASP D 497 7.60 -5.84 50.11
CA ASP D 497 7.18 -5.42 48.75
C ASP D 497 5.94 -6.14 48.23
N LEU D 498 5.23 -5.45 47.35
CA LEU D 498 4.03 -5.99 46.70
C LEU D 498 4.40 -6.57 45.34
N TYR D 499 4.02 -7.82 45.10
CA TYR D 499 4.28 -8.49 43.82
C TYR D 499 2.95 -8.79 43.12
N ILE D 500 2.85 -8.36 41.85
CA ILE D 500 1.69 -8.65 41.04
C ILE D 500 2.05 -9.94 40.25
N THR D 501 1.29 -11.02 40.41
CA THR D 501 1.59 -12.25 39.67
C THR D 501 0.83 -12.36 38.34
N GLY D 502 -0.36 -11.74 38.25
CA GLY D 502 -1.13 -11.77 37.01
C GLY D 502 -2.63 -11.59 37.22
N ARG D 503 -3.39 -11.61 36.12
CA ARG D 503 -4.84 -11.45 36.21
C ARG D 503 -5.46 -12.78 36.60
N VAL D 504 -6.37 -12.73 37.56
CA VAL D 504 -7.10 -13.92 38.00
C VAL D 504 -7.62 -14.72 36.82
N LYS D 505 -8.24 -14.03 35.86
CA LYS D 505 -8.83 -14.74 34.70
C LYS D 505 -7.87 -15.26 33.64
N ASP D 506 -6.58 -14.90 33.74
CA ASP D 506 -5.59 -15.39 32.77
C ASP D 506 -4.88 -16.66 33.23
N LEU D 507 -5.12 -17.05 34.47
CA LEU D 507 -4.46 -18.21 35.02
C LEU D 507 -4.86 -19.46 34.25
N VAL D 508 -3.84 -20.27 33.91
CA VAL D 508 -4.02 -21.53 33.20
C VAL D 508 -4.07 -22.66 34.22
N ILE D 509 -5.21 -23.34 34.26
CA ILE D 509 -5.49 -24.41 35.19
C ILE D 509 -5.69 -25.70 34.37
N ILE D 510 -4.72 -26.60 34.44
CA ILE D 510 -4.76 -27.85 33.69
C ILE D 510 -4.43 -29.03 34.57
N ASP D 511 -5.31 -30.03 34.54
CA ASP D 511 -5.13 -31.27 35.31
C ASP D 511 -4.86 -31.06 36.81
N GLY D 512 -5.54 -30.09 37.40
CA GLY D 512 -5.37 -29.82 38.85
C GLY D 512 -4.18 -28.94 39.23
N ARG D 513 -3.42 -28.47 38.23
CA ARG D 513 -2.27 -27.60 38.50
C ARG D 513 -2.37 -26.26 37.79
N ASN D 514 -1.89 -25.22 38.45
CA ASN D 514 -1.93 -23.85 37.96
C ASN D 514 -0.66 -23.49 37.23
N HIS D 515 -0.76 -22.64 36.21
CA HIS D 515 0.44 -22.16 35.48
C HIS D 515 0.25 -20.70 35.16
N TYR D 516 1.26 -19.86 35.40
CA TYR D 516 1.20 -18.45 34.99
C TYR D 516 1.51 -18.42 33.49
N PRO D 517 0.65 -17.76 32.70
CA PRO D 517 0.86 -17.75 31.25
C PRO D 517 2.13 -17.03 30.80
N GLN D 518 2.51 -15.92 31.45
CA GLN D 518 3.73 -15.22 31.03
C GLN D 518 5.01 -16.07 31.20
N ASP D 519 4.97 -17.02 32.12
CA ASP D 519 6.09 -17.95 32.35
C ASP D 519 6.14 -19.00 31.21
N LEU D 520 4.97 -19.51 30.80
CA LEU D 520 4.87 -20.47 29.67
C LEU D 520 5.31 -19.78 28.37
N GLU D 521 4.92 -18.52 28.23
CA GLU D 521 5.22 -17.68 27.07
C GLU D 521 6.73 -17.45 26.97
N TYR D 522 7.35 -17.13 28.10
CA TYR D 522 8.79 -16.91 28.16
C TYR D 522 9.50 -18.20 27.73
N SER D 523 9.06 -19.35 28.24
CA SER D 523 9.65 -20.64 27.84
C SER D 523 9.41 -20.94 26.37
N ALA D 524 8.29 -20.49 25.82
CA ALA D 524 8.02 -20.69 24.38
C ALA D 524 8.98 -19.82 23.53
N GLN D 525 9.15 -18.54 23.91
CA GLN D 525 10.06 -17.60 23.19
C GLN D 525 11.50 -18.09 23.17
N GLU D 526 11.99 -18.51 24.33
CA GLU D 526 13.38 -18.99 24.49
C GLU D 526 13.68 -20.25 23.68
N ALA D 527 12.68 -21.14 23.54
CA ALA D 527 12.86 -22.39 22.80
C ALA D 527 13.06 -22.21 21.29
N SER D 528 12.84 -21.00 20.77
CA SER D 528 13.00 -20.77 19.33
C SER D 528 13.24 -19.31 18.96
N LYS D 529 14.19 -19.11 18.06
CA LYS D 529 14.52 -17.78 17.56
C LYS D 529 13.47 -17.34 16.53
N ALA D 530 12.68 -18.29 16.02
CA ALA D 530 11.64 -17.99 15.03
C ALA D 530 10.42 -17.27 15.62
N ILE D 531 10.41 -17.11 16.94
CA ILE D 531 9.30 -16.47 17.63
C ILE D 531 9.62 -15.02 17.94
N ARG D 532 8.69 -14.13 17.58
CA ARG D 532 8.83 -12.70 17.78
C ARG D 532 8.75 -12.38 19.28
N THR D 533 9.84 -11.86 19.83
CA THR D 533 9.94 -11.59 21.27
C THR D 533 8.83 -10.70 21.82
N GLY D 534 8.15 -11.22 22.84
CA GLY D 534 7.06 -10.50 23.52
C GLY D 534 5.68 -10.74 22.96
N TYR D 535 5.60 -11.32 21.76
CA TYR D 535 4.32 -11.56 21.08
C TYR D 535 3.92 -13.04 21.13
N VAL D 536 3.57 -13.48 22.32
CA VAL D 536 3.14 -14.86 22.55
C VAL D 536 2.02 -14.85 23.60
N ALA D 537 1.03 -15.72 23.44
CA ALA D 537 -0.08 -15.79 24.40
C ALA D 537 -0.38 -17.23 24.72
N ALA D 538 -0.45 -17.53 26.01
CA ALA D 538 -0.77 -18.87 26.49
C ALA D 538 -2.10 -18.81 27.19
N PHE D 539 -2.95 -19.78 26.91
CA PHE D 539 -4.24 -19.88 27.55
C PHE D 539 -4.73 -21.28 27.35
N SER D 540 -5.80 -21.65 28.04
CA SER D 540 -6.38 -22.96 27.83
C SER D 540 -7.72 -22.85 27.17
N VAL D 541 -8.12 -23.95 26.56
CA VAL D 541 -9.43 -24.09 25.94
C VAL D 541 -9.87 -25.50 26.27
N PRO D 542 -11.20 -25.74 26.26
CA PRO D 542 -11.66 -27.10 26.50
C PRO D 542 -11.22 -28.00 25.37
N ALA D 543 -10.96 -29.28 25.66
CA ALA D 543 -10.48 -30.23 24.65
C ALA D 543 -11.38 -30.31 23.42
N ASN D 544 -12.68 -30.31 23.64
CA ASN D 544 -13.64 -30.36 22.53
C ASN D 544 -13.58 -29.14 21.59
N GLN D 545 -12.88 -28.08 22.02
CA GLN D 545 -12.70 -26.87 21.22
C GLN D 545 -11.41 -26.89 20.41
N LEU D 546 -10.55 -27.89 20.65
CA LEU D 546 -9.32 -28.02 19.88
C LEU D 546 -9.66 -28.41 18.44
N PRO D 547 -8.72 -28.17 17.49
CA PRO D 547 -9.00 -28.54 16.11
C PRO D 547 -8.81 -30.04 15.91
N ASP D 548 -9.59 -30.62 14.99
CA ASP D 548 -9.54 -32.07 14.72
C ASP D 548 -8.12 -32.58 14.36
N GLU D 549 -7.26 -31.68 13.87
CA GLU D 549 -5.87 -32.01 13.49
C GLU D 549 -5.07 -32.73 14.58
N VAL D 550 -5.27 -32.34 15.84
CA VAL D 550 -4.54 -32.92 16.99
C VAL D 550 -4.98 -34.38 17.28
N ASP D 561 -12.37 -37.77 21.52
CA ASP D 561 -13.54 -37.85 22.39
C ASP D 561 -14.34 -36.54 22.36
N PRO D 562 -15.57 -36.55 21.78
CA PRO D 562 -16.38 -35.33 21.69
C PRO D 562 -16.92 -34.75 23.02
N ASP D 563 -16.89 -35.52 24.10
CA ASP D 563 -17.39 -35.06 25.41
C ASP D 563 -16.28 -34.89 26.48
N ASP D 564 -15.04 -34.71 26.04
CA ASP D 564 -13.91 -34.44 26.93
C ASP D 564 -13.87 -32.92 27.00
N THR D 565 -14.20 -32.34 28.15
CA THR D 565 -14.21 -30.89 28.27
C THR D 565 -12.98 -30.34 28.99
N SER D 566 -12.08 -31.22 29.43
CA SER D 566 -10.89 -30.84 30.15
C SER D 566 -10.10 -29.74 29.46
N GLU D 567 -9.64 -28.77 30.26
CA GLU D 567 -8.86 -27.65 29.77
C GLU D 567 -7.52 -28.15 29.28
N GLN D 568 -7.12 -27.68 28.11
CA GLN D 568 -5.86 -28.04 27.46
C GLN D 568 -5.11 -26.77 27.06
N LEU D 569 -3.79 -26.87 27.06
CA LEU D 569 -2.91 -25.74 26.75
C LEU D 569 -2.76 -25.42 25.25
N VAL D 570 -2.95 -24.15 24.92
CA VAL D 570 -2.77 -23.66 23.59
C VAL D 570 -1.71 -22.54 23.65
N ILE D 571 -0.80 -22.51 22.67
CA ILE D 571 0.16 -21.43 22.58
C ILE D 571 0.02 -20.75 21.25
N VAL D 572 -0.16 -19.43 21.26
CA VAL D 572 -0.25 -18.65 20.03
C VAL D 572 1.01 -17.79 20.04
N ALA D 573 1.75 -17.82 18.92
CA ALA D 573 3.00 -17.07 18.81
C ALA D 573 3.19 -16.45 17.44
N GLU D 574 3.59 -15.17 17.41
CA GLU D 574 3.84 -14.49 16.13
C GLU D 574 5.24 -14.84 15.62
N ARG D 575 5.36 -14.92 14.31
CA ARG D 575 6.62 -15.22 13.66
C ARG D 575 7.53 -14.01 13.64
N ALA D 576 8.79 -14.22 14.02
CA ALA D 576 9.79 -13.16 13.96
C ALA D 576 9.94 -12.93 12.48
N PRO D 577 9.80 -11.68 12.00
CA PRO D 577 9.96 -11.48 10.57
C PRO D 577 11.37 -10.99 10.26
N GLY D 578 12.32 -11.84 9.85
CA GLY D 578 12.20 -13.30 9.68
C GLY D 578 11.24 -13.85 8.62
N ALA D 579 10.09 -14.35 9.09
CA ALA D 579 9.01 -14.94 8.26
C ALA D 579 9.48 -16.21 7.52
N HIS D 580 9.61 -16.14 6.19
CA HIS D 580 10.05 -17.29 5.37
C HIS D 580 9.27 -18.58 5.64
N LYS D 581 9.76 -19.70 5.11
CA LYS D 581 9.09 -20.98 5.33
C LYS D 581 9.23 -21.37 6.81
N LEU D 582 10.37 -21.99 7.19
CA LEU D 582 10.60 -22.44 8.56
C LEU D 582 9.29 -23.05 9.05
N ASP D 583 8.91 -24.16 8.41
CA ASP D 583 7.66 -24.88 8.68
C ASP D 583 7.27 -24.99 10.17
N ILE D 584 5.96 -25.17 10.38
CA ILE D 584 5.38 -25.24 11.72
C ILE D 584 5.84 -26.48 12.52
N GLY D 585 6.40 -27.48 11.83
CA GLY D 585 6.87 -28.72 12.47
C GLY D 585 7.96 -28.60 13.54
N PRO D 586 9.20 -28.22 13.15
CA PRO D 586 10.30 -28.09 14.13
C PRO D 586 10.06 -27.04 15.22
N ILE D 587 9.42 -25.94 14.85
CA ILE D 587 9.11 -24.87 15.82
C ILE D 587 8.14 -25.39 16.89
N THR D 588 7.11 -26.09 16.44
CA THR D 588 6.13 -26.68 17.35
C THR D 588 6.77 -27.71 18.30
N ASP D 589 7.67 -28.53 17.76
CA ASP D 589 8.36 -29.55 18.57
C ASP D 589 9.26 -28.92 19.65
N ASP D 590 10.01 -27.85 19.33
CA ASP D 590 10.87 -27.20 20.32
C ASP D 590 10.09 -26.55 21.45
N ILE D 591 8.97 -25.93 21.09
CA ILE D 591 8.08 -25.27 22.05
C ILE D 591 7.46 -26.29 22.98
N ARG D 592 6.91 -27.35 22.41
CA ARG D 592 6.28 -28.37 23.21
C ARG D 592 7.27 -29.00 24.16
N ALA D 593 8.40 -29.49 23.63
CA ALA D 593 9.45 -30.13 24.44
C ALA D 593 9.92 -29.24 25.60
N ALA D 594 10.22 -27.96 25.32
CA ALA D 594 10.69 -27.01 26.34
C ALA D 594 9.69 -26.80 27.47
N ILE D 595 8.41 -26.69 27.12
CA ILE D 595 7.34 -26.50 28.08
C ILE D 595 7.04 -27.79 28.84
N ALA D 596 7.15 -28.91 28.14
CA ALA D 596 6.93 -30.21 28.77
C ALA D 596 7.98 -30.43 29.86
N VAL D 597 9.23 -30.05 29.59
CA VAL D 597 10.29 -30.28 30.59
C VAL D 597 10.22 -29.42 31.84
N ARG D 598 10.14 -28.09 31.71
CA ARG D 598 10.15 -27.30 32.96
C ARG D 598 8.81 -27.10 33.64
N HIS D 599 7.71 -27.23 32.91
CA HIS D 599 6.38 -27.01 33.50
C HIS D 599 5.56 -28.27 33.71
N GLY D 600 5.92 -29.35 33.02
CA GLY D 600 5.20 -30.63 33.16
C GLY D 600 3.82 -30.62 32.52
N VAL D 601 3.63 -29.80 31.51
CA VAL D 601 2.32 -29.72 30.83
C VAL D 601 2.54 -29.86 29.33
N THR D 602 1.61 -30.54 28.66
CA THR D 602 1.73 -30.77 27.23
C THR D 602 0.93 -29.76 26.42
N VAL D 603 1.62 -28.98 25.58
CA VAL D 603 0.95 -28.02 24.69
C VAL D 603 0.18 -28.84 23.65
N ARG D 604 -1.12 -28.61 23.51
CA ARG D 604 -1.91 -29.38 22.52
C ARG D 604 -1.97 -28.73 21.16
N ASP D 605 -1.84 -27.40 21.11
CA ASP D 605 -1.89 -26.72 19.82
C ASP D 605 -0.98 -25.50 19.88
N VAL D 606 -0.13 -25.37 18.86
CA VAL D 606 0.73 -24.21 18.71
C VAL D 606 0.31 -23.55 17.42
N LEU D 607 -0.21 -22.34 17.51
CA LEU D 607 -0.65 -21.62 16.34
C LEU D 607 0.33 -20.49 16.14
N LEU D 608 0.97 -20.49 14.99
CA LEU D 608 1.95 -19.49 14.62
C LEU D 608 1.27 -18.56 13.66
N THR D 609 1.46 -17.26 13.87
CA THR D 609 0.82 -16.27 13.02
C THR D 609 1.79 -15.23 12.50
N ALA D 610 1.29 -14.43 11.57
CA ALA D 610 2.06 -13.34 11.04
C ALA D 610 2.19 -12.29 12.14
N ALA D 611 3.13 -11.36 11.96
CA ALA D 611 3.30 -10.29 12.90
C ALA D 611 1.99 -9.47 12.96
N GLY D 612 1.65 -9.01 14.16
CA GLY D 612 0.46 -8.20 14.37
C GLY D 612 -0.86 -8.93 14.48
N ALA D 613 -0.84 -10.26 14.50
CA ALA D 613 -2.08 -11.03 14.57
C ALA D 613 -2.65 -11.23 15.98
N ILE D 614 -1.82 -11.14 17.01
CA ILE D 614 -2.35 -11.35 18.37
C ILE D 614 -3.10 -10.10 18.82
N PRO D 615 -4.34 -10.28 19.33
CA PRO D 615 -5.10 -9.12 19.79
C PRO D 615 -4.42 -8.35 20.88
N ARG D 616 -4.47 -7.03 20.78
CA ARG D 616 -3.87 -6.14 21.75
C ARG D 616 -4.88 -5.10 22.11
N THR D 617 -4.77 -4.55 23.31
CA THR D 617 -5.67 -3.50 23.75
C THR D 617 -5.29 -2.25 23.02
N SER D 618 -6.10 -1.20 23.18
CA SER D 618 -5.83 0.08 22.58
C SER D 618 -4.55 0.78 23.14
N SER D 619 -4.01 0.32 24.27
CA SER D 619 -2.76 0.89 24.80
C SER D 619 -1.57 -0.02 24.45
N GLY D 620 -1.83 -1.10 23.72
CA GLY D 620 -0.79 -2.02 23.27
C GLY D 620 -0.54 -3.28 24.07
N LYS D 621 -1.32 -3.55 25.13
CA LYS D 621 -1.04 -4.79 25.91
C LYS D 621 -1.54 -6.02 25.15
N ILE D 622 -0.81 -7.13 25.27
CA ILE D 622 -1.28 -8.39 24.71
C ILE D 622 -2.54 -8.69 25.51
N GLY D 623 -3.63 -9.04 24.84
CA GLY D 623 -4.87 -9.39 25.54
C GLY D 623 -5.04 -10.90 25.46
N ARG D 624 -4.78 -11.61 26.55
CA ARG D 624 -4.88 -13.09 26.52
C ARG D 624 -6.30 -13.60 26.34
N ARG D 625 -7.25 -12.99 27.04
CA ARG D 625 -8.66 -13.38 26.89
C ARG D 625 -9.11 -13.08 25.48
N ALA D 626 -8.67 -11.94 24.94
CA ALA D 626 -9.08 -11.56 23.59
C ALA D 626 -8.44 -12.52 22.59
N CYS D 627 -7.23 -12.98 22.88
CA CYS D 627 -6.56 -13.90 21.99
C CYS D 627 -7.31 -15.25 22.00
N ARG D 628 -7.72 -15.68 23.17
CA ARG D 628 -8.49 -16.93 23.29
C ARG D 628 -9.82 -16.80 22.52
N ALA D 629 -10.49 -15.66 22.68
CA ALA D 629 -11.77 -15.44 22.01
C ALA D 629 -11.60 -15.51 20.48
N ALA D 630 -10.51 -14.91 19.98
CA ALA D 630 -10.20 -14.93 18.53
C ALA D 630 -9.82 -16.32 18.07
N TYR D 631 -9.14 -17.08 18.94
CA TYR D 631 -8.79 -18.48 18.63
C TYR D 631 -10.11 -19.26 18.48
N LEU D 632 -11.05 -19.02 19.39
CA LEU D 632 -12.34 -19.75 19.37
C LEU D 632 -13.38 -19.31 18.36
N ASP D 633 -13.35 -18.07 17.88
CA ASP D 633 -14.40 -17.57 16.96
C ASP D 633 -14.07 -17.60 15.47
N GLY D 634 -12.88 -18.11 15.14
CA GLY D 634 -12.44 -18.20 13.76
C GLY D 634 -11.55 -17.06 13.24
N SER D 635 -11.61 -15.89 13.87
CA SER D 635 -10.83 -14.75 13.37
C SER D 635 -9.31 -14.95 13.39
N LEU D 636 -8.76 -15.41 14.50
CA LEU D 636 -7.32 -15.60 14.63
C LEU D 636 -6.74 -16.54 13.58
N ARG D 637 -7.33 -17.70 13.46
CA ARG D 637 -6.84 -18.73 12.54
C ARG D 637 -6.93 -18.29 11.07
N ALA D 638 -7.83 -17.37 10.75
CA ALA D 638 -8.02 -16.84 9.40
C ALA D 638 -7.13 -15.61 9.16
N GLY D 639 -6.43 -15.17 10.20
CA GLY D 639 -5.55 -14.00 10.10
C GLY D 639 -6.32 -12.70 9.91
N LYS D 640 -7.52 -12.62 10.47
CA LYS D 640 -8.35 -11.45 10.31
C LYS D 640 -8.69 -10.71 11.60
N VAL D 641 -7.69 -10.58 12.46
CA VAL D 641 -7.83 -9.88 13.73
C VAL D 641 -7.56 -8.39 13.50
N ALA D 642 -8.32 -7.55 14.19
CA ALA D 642 -8.17 -6.10 14.06
C ALA D 642 -7.51 -5.53 15.32
N ASN D 643 -6.45 -4.76 15.10
CA ASN D 643 -5.70 -4.07 16.16
C ASN D 643 -5.60 -2.59 15.87
N ASP D 644 -5.82 -1.77 16.90
CA ASP D 644 -5.73 -0.30 16.81
C ASP D 644 -4.35 0.25 17.16
N PHE D 645 -3.62 -0.44 18.03
CA PHE D 645 -2.33 0.05 18.45
C PHE D 645 -1.31 -0.13 17.33
N PRO D 646 -0.54 0.94 17.00
CA PRO D 646 0.45 0.88 15.91
C PRO D 646 1.50 -0.20 16.10
N ASP D 647 1.80 -0.95 15.05
CA ASP D 647 2.82 -2.02 15.14
C ASP D 647 4.00 -1.69 14.20
N ALA D 648 5.20 -2.16 14.57
CA ALA D 648 6.43 -1.92 13.79
C ALA D 648 6.32 -2.32 12.31
N THR D 649 5.80 -3.53 12.06
CA THR D 649 5.62 -4.04 10.69
C THR D 649 4.42 -3.39 9.99
#